data_1ZBF
# 
_entry.id   1ZBF 
# 
_audit_conform.dict_name       mmcif_pdbx.dic 
_audit_conform.dict_version    5.387 
_audit_conform.dict_location   http://mmcif.pdb.org/dictionaries/ascii/mmcif_pdbx.dic 
# 
loop_
_database_2.database_id 
_database_2.database_code 
_database_2.pdbx_database_accession 
_database_2.pdbx_DOI 
PDB   1ZBF         pdb_00001zbf 10.2210/pdb1zbf/pdb 
RCSB  RCSB032528   ?            ?                   
WWPDB D_1000032528 ?            ?                   
# 
loop_
_pdbx_audit_revision_history.ordinal 
_pdbx_audit_revision_history.data_content_type 
_pdbx_audit_revision_history.major_revision 
_pdbx_audit_revision_history.minor_revision 
_pdbx_audit_revision_history.revision_date 
1 'Structure model' 1 0 2005-07-12 
2 'Structure model' 1 1 2008-04-30 
3 'Structure model' 1 2 2011-07-13 
4 'Structure model' 1 3 2021-10-20 
5 'Structure model' 1 4 2024-02-14 
# 
_pdbx_audit_revision_details.ordinal             1 
_pdbx_audit_revision_details.revision_ordinal    1 
_pdbx_audit_revision_details.data_content_type   'Structure model' 
_pdbx_audit_revision_details.provider            repository 
_pdbx_audit_revision_details.type                'Initial release' 
_pdbx_audit_revision_details.description         ? 
_pdbx_audit_revision_details.details             ? 
# 
loop_
_pdbx_audit_revision_group.ordinal 
_pdbx_audit_revision_group.revision_ordinal 
_pdbx_audit_revision_group.data_content_type 
_pdbx_audit_revision_group.group 
1 2 'Structure model' 'Version format compliance' 
2 3 'Structure model' 'Source and taxonomy'       
3 3 'Structure model' 'Version format compliance' 
4 4 'Structure model' 'Database references'       
5 4 'Structure model' 'Derived calculations'      
6 5 'Structure model' 'Data collection'           
# 
loop_
_pdbx_audit_revision_category.ordinal 
_pdbx_audit_revision_category.revision_ordinal 
_pdbx_audit_revision_category.data_content_type 
_pdbx_audit_revision_category.category 
1 4 'Structure model' database_2         
2 4 'Structure model' struct_ref_seq_dif 
3 4 'Structure model' struct_site        
4 5 'Structure model' chem_comp_atom     
5 5 'Structure model' chem_comp_bond     
# 
loop_
_pdbx_audit_revision_item.ordinal 
_pdbx_audit_revision_item.revision_ordinal 
_pdbx_audit_revision_item.data_content_type 
_pdbx_audit_revision_item.item 
1 4 'Structure model' '_database_2.pdbx_DOI'                
2 4 'Structure model' '_database_2.pdbx_database_accession' 
3 4 'Structure model' '_struct_ref_seq_dif.details'         
4 4 'Structure model' '_struct_site.pdbx_auth_asym_id'      
5 4 'Structure model' '_struct_site.pdbx_auth_comp_id'      
6 4 'Structure model' '_struct_site.pdbx_auth_seq_id'       
# 
_pdbx_database_status.status_code                     REL 
_pdbx_database_status.entry_id                        1ZBF 
_pdbx_database_status.recvd_initial_deposition_date   2005-04-08 
_pdbx_database_status.deposit_site                    RCSB 
_pdbx_database_status.process_site                    RCSB 
_pdbx_database_status.status_code_sf                  REL 
_pdbx_database_status.status_code_mr                  ? 
_pdbx_database_status.SG_entry                        N 
_pdbx_database_status.pdb_format_compatible           Y 
_pdbx_database_status.status_code_cs                  ? 
_pdbx_database_status.status_code_nmr_data            ? 
_pdbx_database_status.methods_development_category    ? 
# 
loop_
_pdbx_database_related.db_name 
_pdbx_database_related.db_id 
_pdbx_database_related.details 
_pdbx_database_related.content_type 
PDB 1zbi . unspecified 
PDB 1zbl . unspecified 
# 
loop_
_audit_author.name 
_audit_author.pdbx_ordinal 
'Nowotny, M.'      1 
'Gaidamakov, S.A.' 2 
'Crouch, R.J.'     3 
'Yang, W.'         4 
# 
_citation.id                        primary 
_citation.title                     
'Crystal Structures of RNase H Bound to an RNA/DNA Hybrid: Substrate Specificity and Metal-Dependent Catalysis.' 
_citation.journal_abbrev            'Cell(Cambridge,Mass.)' 
_citation.journal_volume            121 
_citation.page_first                1005 
_citation.page_last                 1016 
_citation.year                      2005 
_citation.journal_id_ASTM           CELLB5 
_citation.country                   US 
_citation.journal_id_ISSN           0092-8674 
_citation.journal_id_CSD            0998 
_citation.book_publisher            ? 
_citation.pdbx_database_id_PubMed   15989951 
_citation.pdbx_database_id_DOI      10.1016/j.cell.2005.04.024 
# 
loop_
_citation_author.citation_id 
_citation_author.name 
_citation_author.ordinal 
_citation_author.identifier_ORCID 
primary 'Nowotny, M.'      1 ? 
primary 'Gaidamakov, S.A.' 2 ? 
primary 'Crouch, R.J.'     3 ? 
primary 'Yang, W.'         4 ? 
# 
loop_
_entity.id 
_entity.type 
_entity.src_method 
_entity.pdbx_description 
_entity.formula_weight 
_entity.pdbx_number_of_molecules 
_entity.pdbx_ec 
_entity.pdbx_mutation 
_entity.pdbx_fragment 
_entity.details 
1 polymer     man 'ribonuclease H-related protein' 16329.478 1   3.1.26.4 D132N 'catalytic domain (residues 59-196)' ? 
2 non-polymer syn 'SULFATE ION'                    96.063    1   ?        ?     ?                                    ? 
3 water       nat water                            18.015    232 ?        ?     ?                                    ? 
# 
_entity_poly.entity_id                      1 
_entity_poly.type                           'polypeptide(L)' 
_entity_poly.nstd_linkage                   no 
_entity_poly.nstd_monomer                   no 
_entity_poly.pdbx_seq_one_letter_code       
;GSHMAKEEIIWESLSVDVGSQGNPGIVEYKGVDTKTGEVLFEREPIPIGTNNMGEFLAIVHGLRYLKERNSRKPIYSNSQ
TAIKWVKDKKAKSTLVRNEETALIWKLVDEAEEWLNTHTYETPILKWQTDKWGEIKADYGRK
;
_entity_poly.pdbx_seq_one_letter_code_can   
;GSHMAKEEIIWESLSVDVGSQGNPGIVEYKGVDTKTGEVLFEREPIPIGTNNMGEFLAIVHGLRYLKERNSRKPIYSNSQ
TAIKWVKDKKAKSTLVRNEETALIWKLVDEAEEWLNTHTYETPILKWQTDKWGEIKADYGRK
;
_entity_poly.pdbx_strand_id                 A 
_entity_poly.pdbx_target_identifier         ? 
# 
loop_
_pdbx_entity_nonpoly.entity_id 
_pdbx_entity_nonpoly.name 
_pdbx_entity_nonpoly.comp_id 
2 'SULFATE ION' SO4 
3 water         HOH 
# 
loop_
_entity_poly_seq.entity_id 
_entity_poly_seq.num 
_entity_poly_seq.mon_id 
_entity_poly_seq.hetero 
1 1   GLY n 
1 2   SER n 
1 3   HIS n 
1 4   MET n 
1 5   ALA n 
1 6   LYS n 
1 7   GLU n 
1 8   GLU n 
1 9   ILE n 
1 10  ILE n 
1 11  TRP n 
1 12  GLU n 
1 13  SER n 
1 14  LEU n 
1 15  SER n 
1 16  VAL n 
1 17  ASP n 
1 18  VAL n 
1 19  GLY n 
1 20  SER n 
1 21  GLN n 
1 22  GLY n 
1 23  ASN n 
1 24  PRO n 
1 25  GLY n 
1 26  ILE n 
1 27  VAL n 
1 28  GLU n 
1 29  TYR n 
1 30  LYS n 
1 31  GLY n 
1 32  VAL n 
1 33  ASP n 
1 34  THR n 
1 35  LYS n 
1 36  THR n 
1 37  GLY n 
1 38  GLU n 
1 39  VAL n 
1 40  LEU n 
1 41  PHE n 
1 42  GLU n 
1 43  ARG n 
1 44  GLU n 
1 45  PRO n 
1 46  ILE n 
1 47  PRO n 
1 48  ILE n 
1 49  GLY n 
1 50  THR n 
1 51  ASN n 
1 52  ASN n 
1 53  MET n 
1 54  GLY n 
1 55  GLU n 
1 56  PHE n 
1 57  LEU n 
1 58  ALA n 
1 59  ILE n 
1 60  VAL n 
1 61  HIS n 
1 62  GLY n 
1 63  LEU n 
1 64  ARG n 
1 65  TYR n 
1 66  LEU n 
1 67  LYS n 
1 68  GLU n 
1 69  ARG n 
1 70  ASN n 
1 71  SER n 
1 72  ARG n 
1 73  LYS n 
1 74  PRO n 
1 75  ILE n 
1 76  TYR n 
1 77  SER n 
1 78  ASN n 
1 79  SER n 
1 80  GLN n 
1 81  THR n 
1 82  ALA n 
1 83  ILE n 
1 84  LYS n 
1 85  TRP n 
1 86  VAL n 
1 87  LYS n 
1 88  ASP n 
1 89  LYS n 
1 90  LYS n 
1 91  ALA n 
1 92  LYS n 
1 93  SER n 
1 94  THR n 
1 95  LEU n 
1 96  VAL n 
1 97  ARG n 
1 98  ASN n 
1 99  GLU n 
1 100 GLU n 
1 101 THR n 
1 102 ALA n 
1 103 LEU n 
1 104 ILE n 
1 105 TRP n 
1 106 LYS n 
1 107 LEU n 
1 108 VAL n 
1 109 ASP n 
1 110 GLU n 
1 111 ALA n 
1 112 GLU n 
1 113 GLU n 
1 114 TRP n 
1 115 LEU n 
1 116 ASN n 
1 117 THR n 
1 118 HIS n 
1 119 THR n 
1 120 TYR n 
1 121 GLU n 
1 122 THR n 
1 123 PRO n 
1 124 ILE n 
1 125 LEU n 
1 126 LYS n 
1 127 TRP n 
1 128 GLN n 
1 129 THR n 
1 130 ASP n 
1 131 LYS n 
1 132 TRP n 
1 133 GLY n 
1 134 GLU n 
1 135 ILE n 
1 136 LYS n 
1 137 ALA n 
1 138 ASP n 
1 139 TYR n 
1 140 GLY n 
1 141 ARG n 
1 142 LYS n 
# 
_entity_src_gen.entity_id                          1 
_entity_src_gen.pdbx_src_id                        1 
_entity_src_gen.pdbx_alt_source_flag               sample 
_entity_src_gen.pdbx_seq_type                      ? 
_entity_src_gen.pdbx_beg_seq_num                   ? 
_entity_src_gen.pdbx_end_seq_num                   ? 
_entity_src_gen.gene_src_common_name               ? 
_entity_src_gen.gene_src_genus                     Bacillus 
_entity_src_gen.pdbx_gene_src_gene                 ? 
_entity_src_gen.gene_src_species                   'Bacillus halodurans' 
_entity_src_gen.gene_src_strain                    C-125 
_entity_src_gen.gene_src_tissue                    ? 
_entity_src_gen.gene_src_tissue_fraction           ? 
_entity_src_gen.gene_src_details                   ? 
_entity_src_gen.pdbx_gene_src_fragment             ? 
_entity_src_gen.pdbx_gene_src_scientific_name      'Bacillus halodurans' 
_entity_src_gen.pdbx_gene_src_ncbi_taxonomy_id     272558 
_entity_src_gen.pdbx_gene_src_variant              ? 
_entity_src_gen.pdbx_gene_src_cell_line            ? 
_entity_src_gen.pdbx_gene_src_atcc                 ? 
_entity_src_gen.pdbx_gene_src_organ                ? 
_entity_src_gen.pdbx_gene_src_organelle            ? 
_entity_src_gen.pdbx_gene_src_cell                 ? 
_entity_src_gen.pdbx_gene_src_cellular_location    ? 
_entity_src_gen.host_org_common_name               ? 
_entity_src_gen.pdbx_host_org_scientific_name      'Escherichia coli' 
_entity_src_gen.pdbx_host_org_ncbi_taxonomy_id     562 
_entity_src_gen.host_org_genus                     Escherichia 
_entity_src_gen.pdbx_host_org_gene                 ? 
_entity_src_gen.pdbx_host_org_organ                ? 
_entity_src_gen.host_org_species                   ? 
_entity_src_gen.pdbx_host_org_tissue               ? 
_entity_src_gen.pdbx_host_org_tissue_fraction      ? 
_entity_src_gen.pdbx_host_org_strain               'BL21 pLysS' 
_entity_src_gen.pdbx_host_org_variant              ? 
_entity_src_gen.pdbx_host_org_cell_line            ? 
_entity_src_gen.pdbx_host_org_atcc                 ? 
_entity_src_gen.pdbx_host_org_culture_collection   ? 
_entity_src_gen.pdbx_host_org_cell                 ? 
_entity_src_gen.pdbx_host_org_organelle            ? 
_entity_src_gen.pdbx_host_org_cellular_location    ? 
_entity_src_gen.pdbx_host_org_vector_type          plasmid 
_entity_src_gen.pdbx_host_org_vector               ? 
_entity_src_gen.host_org_details                   ? 
_entity_src_gen.expression_system_id               ? 
_entity_src_gen.plasmid_name                       pET15b 
_entity_src_gen.plasmid_details                    ? 
_entity_src_gen.pdbx_description                   ? 
# 
loop_
_chem_comp.id 
_chem_comp.type 
_chem_comp.mon_nstd_flag 
_chem_comp.name 
_chem_comp.pdbx_synonyms 
_chem_comp.formula 
_chem_comp.formula_weight 
ALA 'L-peptide linking' y ALANINE         ? 'C3 H7 N O2'     89.093  
ARG 'L-peptide linking' y ARGININE        ? 'C6 H15 N4 O2 1' 175.209 
ASN 'L-peptide linking' y ASPARAGINE      ? 'C4 H8 N2 O3'    132.118 
ASP 'L-peptide linking' y 'ASPARTIC ACID' ? 'C4 H7 N O4'     133.103 
GLN 'L-peptide linking' y GLUTAMINE       ? 'C5 H10 N2 O3'   146.144 
GLU 'L-peptide linking' y 'GLUTAMIC ACID' ? 'C5 H9 N O4'     147.129 
GLY 'peptide linking'   y GLYCINE         ? 'C2 H5 N O2'     75.067  
HIS 'L-peptide linking' y HISTIDINE       ? 'C6 H10 N3 O2 1' 156.162 
HOH non-polymer         . WATER           ? 'H2 O'           18.015  
ILE 'L-peptide linking' y ISOLEUCINE      ? 'C6 H13 N O2'    131.173 
LEU 'L-peptide linking' y LEUCINE         ? 'C6 H13 N O2'    131.173 
LYS 'L-peptide linking' y LYSINE          ? 'C6 H15 N2 O2 1' 147.195 
MET 'L-peptide linking' y METHIONINE      ? 'C5 H11 N O2 S'  149.211 
PHE 'L-peptide linking' y PHENYLALANINE   ? 'C9 H11 N O2'    165.189 
PRO 'L-peptide linking' y PROLINE         ? 'C5 H9 N O2'     115.130 
SER 'L-peptide linking' y SERINE          ? 'C3 H7 N O3'     105.093 
SO4 non-polymer         . 'SULFATE ION'   ? 'O4 S -2'        96.063  
THR 'L-peptide linking' y THREONINE       ? 'C4 H9 N O3'     119.119 
TRP 'L-peptide linking' y TRYPTOPHAN      ? 'C11 H12 N2 O2'  204.225 
TYR 'L-peptide linking' y TYROSINE        ? 'C9 H11 N O3'    181.189 
VAL 'L-peptide linking' y VALINE          ? 'C5 H11 N O2'    117.146 
# 
loop_
_pdbx_poly_seq_scheme.asym_id 
_pdbx_poly_seq_scheme.entity_id 
_pdbx_poly_seq_scheme.seq_id 
_pdbx_poly_seq_scheme.mon_id 
_pdbx_poly_seq_scheme.ndb_seq_num 
_pdbx_poly_seq_scheme.pdb_seq_num 
_pdbx_poly_seq_scheme.auth_seq_num 
_pdbx_poly_seq_scheme.pdb_mon_id 
_pdbx_poly_seq_scheme.auth_mon_id 
_pdbx_poly_seq_scheme.pdb_strand_id 
_pdbx_poly_seq_scheme.pdb_ins_code 
_pdbx_poly_seq_scheme.hetero 
A 1 1   GLY 1   55  ?   ?   ?   A . n 
A 1 2   SER 2   56  ?   ?   ?   A . n 
A 1 3   HIS 3   57  ?   ?   ?   A . n 
A 1 4   MET 4   58  ?   ?   ?   A . n 
A 1 5   ALA 5   59  ?   ?   ?   A . n 
A 1 6   LYS 6   60  ?   ?   ?   A . n 
A 1 7   GLU 7   61  ?   ?   ?   A . n 
A 1 8   GLU 8   62  62  GLU ALA A . n 
A 1 9   ILE 9   63  63  ILE ILE A . n 
A 1 10  ILE 10  64  64  ILE ILE A . n 
A 1 11  TRP 11  65  65  TRP TRP A . n 
A 1 12  GLU 12  66  66  GLU GLU A . n 
A 1 13  SER 13  67  67  SER SER A . n 
A 1 14  LEU 14  68  68  LEU LEU A . n 
A 1 15  SER 15  69  69  SER SER A . n 
A 1 16  VAL 16  70  70  VAL VAL A . n 
A 1 17  ASP 17  71  71  ASP ASP A . n 
A 1 18  VAL 18  72  72  VAL VAL A . n 
A 1 19  GLY 19  73  73  GLY GLY A . n 
A 1 20  SER 20  74  74  SER SER A . n 
A 1 21  GLN 21  75  75  GLN GLN A . n 
A 1 22  GLY 22  76  76  GLY GLY A . n 
A 1 23  ASN 23  77  77  ASN ASN A . n 
A 1 24  PRO 24  78  78  PRO PRO A . n 
A 1 25  GLY 25  79  79  GLY GLY A . n 
A 1 26  ILE 26  80  80  ILE ILE A . n 
A 1 27  VAL 27  81  81  VAL VAL A . n 
A 1 28  GLU 28  82  82  GLU GLU A . n 
A 1 29  TYR 29  83  83  TYR TYR A . n 
A 1 30  LYS 30  84  84  LYS LYS A . n 
A 1 31  GLY 31  85  85  GLY GLY A . n 
A 1 32  VAL 32  86  86  VAL VAL A . n 
A 1 33  ASP 33  87  87  ASP ASP A . n 
A 1 34  THR 34  88  88  THR THR A . n 
A 1 35  LYS 35  89  89  LYS LYS A . n 
A 1 36  THR 36  90  90  THR THR A . n 
A 1 37  GLY 37  91  91  GLY GLY A . n 
A 1 38  GLU 38  92  92  GLU GLU A . n 
A 1 39  VAL 39  93  93  VAL VAL A . n 
A 1 40  LEU 40  94  94  LEU LEU A . n 
A 1 41  PHE 41  95  95  PHE PHE A . n 
A 1 42  GLU 42  96  96  GLU GLU A . n 
A 1 43  ARG 43  97  97  ARG ARG A . n 
A 1 44  GLU 44  98  98  GLU GLU A . n 
A 1 45  PRO 45  99  99  PRO PRO A . n 
A 1 46  ILE 46  100 100 ILE ILE A . n 
A 1 47  PRO 47  101 101 PRO PRO A . n 
A 1 48  ILE 48  102 102 ILE ILE A . n 
A 1 49  GLY 49  103 103 GLY GLY A . n 
A 1 50  THR 50  104 104 THR THR A . n 
A 1 51  ASN 51  105 105 ASN ASN A . n 
A 1 52  ASN 52  106 106 ASN ASN A . n 
A 1 53  MET 53  107 107 MET MET A . n 
A 1 54  GLY 54  108 108 GLY GLY A . n 
A 1 55  GLU 55  109 109 GLU GLU A . n 
A 1 56  PHE 56  110 110 PHE PHE A . n 
A 1 57  LEU 57  111 111 LEU LEU A . n 
A 1 58  ALA 58  112 112 ALA ALA A . n 
A 1 59  ILE 59  113 113 ILE ILE A . n 
A 1 60  VAL 60  114 114 VAL VAL A . n 
A 1 61  HIS 61  115 115 HIS HIS A . n 
A 1 62  GLY 62  116 116 GLY GLY A . n 
A 1 63  LEU 63  117 117 LEU LEU A . n 
A 1 64  ARG 64  118 118 ARG ARG A . n 
A 1 65  TYR 65  119 119 TYR TYR A . n 
A 1 66  LEU 66  120 120 LEU LEU A . n 
A 1 67  LYS 67  121 121 LYS LYS A . n 
A 1 68  GLU 68  122 122 GLU GLU A . n 
A 1 69  ARG 69  123 123 ARG ARG A . n 
A 1 70  ASN 70  124 124 ASN ASN A . n 
A 1 71  SER 71  125 125 SER SER A . n 
A 1 72  ARG 72  126 126 ARG ARG A . n 
A 1 73  LYS 73  127 127 LYS LYS A . n 
A 1 74  PRO 74  128 128 PRO PRO A . n 
A 1 75  ILE 75  129 129 ILE ILE A . n 
A 1 76  TYR 76  130 130 TYR TYR A . n 
A 1 77  SER 77  131 131 SER SER A . n 
A 1 78  ASN 78  132 132 ASN ASN A . n 
A 1 79  SER 79  133 133 SER SER A . n 
A 1 80  GLN 80  134 134 GLN GLN A . n 
A 1 81  THR 81  135 135 THR THR A . n 
A 1 82  ALA 82  136 136 ALA ALA A . n 
A 1 83  ILE 83  137 137 ILE ILE A . n 
A 1 84  LYS 84  138 138 LYS LYS A . n 
A 1 85  TRP 85  139 139 TRP TRP A . n 
A 1 86  VAL 86  140 140 VAL VAL A . n 
A 1 87  LYS 87  141 141 LYS LYS A . n 
A 1 88  ASP 88  142 142 ASP ASP A . n 
A 1 89  LYS 89  143 143 LYS LYS A . n 
A 1 90  LYS 90  144 144 LYS LYS A . n 
A 1 91  ALA 91  145 145 ALA ALA A . n 
A 1 92  LYS 92  146 146 LYS LYS A . n 
A 1 93  SER 93  147 147 SER SER A . n 
A 1 94  THR 94  148 148 THR THR A . n 
A 1 95  LEU 95  149 149 LEU LEU A . n 
A 1 96  VAL 96  150 150 VAL VAL A . n 
A 1 97  ARG 97  151 151 ARG ARG A . n 
A 1 98  ASN 98  152 152 ASN ASN A . n 
A 1 99  GLU 99  153 153 GLU GLU A . n 
A 1 100 GLU 100 154 154 GLU GLU A . n 
A 1 101 THR 101 155 155 THR THR A . n 
A 1 102 ALA 102 156 156 ALA ALA A . n 
A 1 103 LEU 103 157 157 LEU LEU A . n 
A 1 104 ILE 104 158 158 ILE ILE A . n 
A 1 105 TRP 105 159 159 TRP TRP A . n 
A 1 106 LYS 106 160 160 LYS LYS A . n 
A 1 107 LEU 107 161 161 LEU LEU A . n 
A 1 108 VAL 108 162 162 VAL VAL A . n 
A 1 109 ASP 109 163 163 ASP ASP A . n 
A 1 110 GLU 110 164 164 GLU GLU A . n 
A 1 111 ALA 111 165 165 ALA ALA A . n 
A 1 112 GLU 112 166 166 GLU GLU A . n 
A 1 113 GLU 113 167 167 GLU GLU A . n 
A 1 114 TRP 114 168 168 TRP TRP A . n 
A 1 115 LEU 115 169 169 LEU LEU A . n 
A 1 116 ASN 116 170 170 ASN ASN A . n 
A 1 117 THR 117 171 171 THR THR A . n 
A 1 118 HIS 118 172 172 HIS HIS A . n 
A 1 119 THR 119 173 173 THR THR A . n 
A 1 120 TYR 120 174 174 TYR TYR A . n 
A 1 121 GLU 121 175 175 GLU GLU A . n 
A 1 122 THR 122 176 176 THR THR A . n 
A 1 123 PRO 123 177 177 PRO PRO A . n 
A 1 124 ILE 124 178 178 ILE ILE A . n 
A 1 125 LEU 125 179 179 LEU LEU A . n 
A 1 126 LYS 126 180 180 LYS LYS A . n 
A 1 127 TRP 127 181 181 TRP TRP A . n 
A 1 128 GLN 128 182 182 GLN GLN A . n 
A 1 129 THR 129 183 183 THR THR A . n 
A 1 130 ASP 130 184 184 ASP ASP A . n 
A 1 131 LYS 131 185 185 LYS LYS A . n 
A 1 132 TRP 132 186 186 TRP TRP A . n 
A 1 133 GLY 133 187 187 GLY GLY A . n 
A 1 134 GLU 134 188 188 GLU GLU A . n 
A 1 135 ILE 135 189 189 ILE ILE A . n 
A 1 136 LYS 136 190 190 LYS LYS A . n 
A 1 137 ALA 137 191 191 ALA ALA A . n 
A 1 138 ASP 138 192 192 ASP ASP A . n 
A 1 139 TYR 139 193 193 TYR TYR A . n 
A 1 140 GLY 140 194 ?   ?   ?   A . n 
A 1 141 ARG 141 195 ?   ?   ?   A . n 
A 1 142 LYS 142 196 ?   ?   ?   A . n 
# 
loop_
_pdbx_nonpoly_scheme.asym_id 
_pdbx_nonpoly_scheme.entity_id 
_pdbx_nonpoly_scheme.mon_id 
_pdbx_nonpoly_scheme.ndb_seq_num 
_pdbx_nonpoly_scheme.pdb_seq_num 
_pdbx_nonpoly_scheme.auth_seq_num 
_pdbx_nonpoly_scheme.pdb_mon_id 
_pdbx_nonpoly_scheme.auth_mon_id 
_pdbx_nonpoly_scheme.pdb_strand_id 
_pdbx_nonpoly_scheme.pdb_ins_code 
B 2 SO4 1   301 1   SO4 SO4 A . 
C 3 HOH 1   302 1   HOH HOH A . 
C 3 HOH 2   303 2   HOH HOH A . 
C 3 HOH 3   304 3   HOH HOH A . 
C 3 HOH 4   305 4   HOH HOH A . 
C 3 HOH 5   306 5   HOH HOH A . 
C 3 HOH 6   307 6   HOH HOH A . 
C 3 HOH 7   308 7   HOH HOH A . 
C 3 HOH 8   309 8   HOH HOH A . 
C 3 HOH 9   310 9   HOH HOH A . 
C 3 HOH 10  311 10  HOH HOH A . 
C 3 HOH 11  312 11  HOH HOH A . 
C 3 HOH 12  313 12  HOH HOH A . 
C 3 HOH 13  314 13  HOH HOH A . 
C 3 HOH 14  315 14  HOH HOH A . 
C 3 HOH 15  316 15  HOH HOH A . 
C 3 HOH 16  317 16  HOH HOH A . 
C 3 HOH 17  318 17  HOH HOH A . 
C 3 HOH 18  319 18  HOH HOH A . 
C 3 HOH 19  320 19  HOH HOH A . 
C 3 HOH 20  321 20  HOH HOH A . 
C 3 HOH 21  322 21  HOH HOH A . 
C 3 HOH 22  323 22  HOH HOH A . 
C 3 HOH 23  324 23  HOH HOH A . 
C 3 HOH 24  325 24  HOH HOH A . 
C 3 HOH 25  326 25  HOH HOH A . 
C 3 HOH 26  327 26  HOH HOH A . 
C 3 HOH 27  328 27  HOH HOH A . 
C 3 HOH 28  329 28  HOH HOH A . 
C 3 HOH 29  330 29  HOH HOH A . 
C 3 HOH 30  331 30  HOH HOH A . 
C 3 HOH 31  332 31  HOH HOH A . 
C 3 HOH 32  333 32  HOH HOH A . 
C 3 HOH 33  334 33  HOH HOH A . 
C 3 HOH 34  335 34  HOH HOH A . 
C 3 HOH 35  336 35  HOH HOH A . 
C 3 HOH 36  337 36  HOH HOH A . 
C 3 HOH 37  338 37  HOH HOH A . 
C 3 HOH 38  339 38  HOH HOH A . 
C 3 HOH 39  340 39  HOH HOH A . 
C 3 HOH 40  341 40  HOH HOH A . 
C 3 HOH 41  342 41  HOH HOH A . 
C 3 HOH 42  343 42  HOH HOH A . 
C 3 HOH 43  344 43  HOH HOH A . 
C 3 HOH 44  345 44  HOH HOH A . 
C 3 HOH 45  346 45  HOH HOH A . 
C 3 HOH 46  347 46  HOH HOH A . 
C 3 HOH 47  348 47  HOH HOH A . 
C 3 HOH 48  349 48  HOH HOH A . 
C 3 HOH 49  350 49  HOH HOH A . 
C 3 HOH 50  351 50  HOH HOH A . 
C 3 HOH 51  352 51  HOH HOH A . 
C 3 HOH 52  353 52  HOH HOH A . 
C 3 HOH 53  354 53  HOH HOH A . 
C 3 HOH 54  355 54  HOH HOH A . 
C 3 HOH 55  356 55  HOH HOH A . 
C 3 HOH 56  357 56  HOH HOH A . 
C 3 HOH 57  358 57  HOH HOH A . 
C 3 HOH 58  359 58  HOH HOH A . 
C 3 HOH 59  360 59  HOH HOH A . 
C 3 HOH 60  361 60  HOH HOH A . 
C 3 HOH 61  362 61  HOH HOH A . 
C 3 HOH 62  363 62  HOH HOH A . 
C 3 HOH 63  364 63  HOH HOH A . 
C 3 HOH 64  365 64  HOH HOH A . 
C 3 HOH 65  366 65  HOH HOH A . 
C 3 HOH 66  367 66  HOH HOH A . 
C 3 HOH 67  368 67  HOH HOH A . 
C 3 HOH 68  369 68  HOH HOH A . 
C 3 HOH 69  370 69  HOH HOH A . 
C 3 HOH 70  371 70  HOH HOH A . 
C 3 HOH 71  372 71  HOH HOH A . 
C 3 HOH 72  373 72  HOH HOH A . 
C 3 HOH 73  374 73  HOH HOH A . 
C 3 HOH 74  375 74  HOH HOH A . 
C 3 HOH 75  376 75  HOH HOH A . 
C 3 HOH 76  377 76  HOH HOH A . 
C 3 HOH 77  378 77  HOH HOH A . 
C 3 HOH 78  379 78  HOH HOH A . 
C 3 HOH 79  380 79  HOH HOH A . 
C 3 HOH 80  381 80  HOH HOH A . 
C 3 HOH 81  382 81  HOH HOH A . 
C 3 HOH 82  383 82  HOH HOH A . 
C 3 HOH 83  384 83  HOH HOH A . 
C 3 HOH 84  385 84  HOH HOH A . 
C 3 HOH 85  386 85  HOH HOH A . 
C 3 HOH 86  387 86  HOH HOH A . 
C 3 HOH 87  388 87  HOH HOH A . 
C 3 HOH 88  389 88  HOH HOH A . 
C 3 HOH 89  390 89  HOH HOH A . 
C 3 HOH 90  391 90  HOH HOH A . 
C 3 HOH 91  392 91  HOH HOH A . 
C 3 HOH 92  393 92  HOH HOH A . 
C 3 HOH 93  394 93  HOH HOH A . 
C 3 HOH 94  395 94  HOH HOH A . 
C 3 HOH 95  396 95  HOH HOH A . 
C 3 HOH 96  397 96  HOH HOH A . 
C 3 HOH 97  398 97  HOH HOH A . 
C 3 HOH 98  399 98  HOH HOH A . 
C 3 HOH 99  400 99  HOH HOH A . 
C 3 HOH 100 401 100 HOH HOH A . 
C 3 HOH 101 402 101 HOH HOH A . 
C 3 HOH 102 403 102 HOH HOH A . 
C 3 HOH 103 404 103 HOH HOH A . 
C 3 HOH 104 405 104 HOH HOH A . 
C 3 HOH 105 406 105 HOH HOH A . 
C 3 HOH 106 407 106 HOH HOH A . 
C 3 HOH 107 408 107 HOH HOH A . 
C 3 HOH 108 409 108 HOH HOH A . 
C 3 HOH 109 410 109 HOH HOH A . 
C 3 HOH 110 411 110 HOH HOH A . 
C 3 HOH 111 412 111 HOH HOH A . 
C 3 HOH 112 413 112 HOH HOH A . 
C 3 HOH 113 414 113 HOH HOH A . 
C 3 HOH 114 415 114 HOH HOH A . 
C 3 HOH 115 416 115 HOH HOH A . 
C 3 HOH 116 417 116 HOH HOH A . 
C 3 HOH 117 418 117 HOH HOH A . 
C 3 HOH 118 419 118 HOH HOH A . 
C 3 HOH 119 420 119 HOH HOH A . 
C 3 HOH 120 421 120 HOH HOH A . 
C 3 HOH 121 422 121 HOH HOH A . 
C 3 HOH 122 423 122 HOH HOH A . 
C 3 HOH 123 424 123 HOH HOH A . 
C 3 HOH 124 425 124 HOH HOH A . 
C 3 HOH 125 426 125 HOH HOH A . 
C 3 HOH 126 427 126 HOH HOH A . 
C 3 HOH 127 428 127 HOH HOH A . 
C 3 HOH 128 429 128 HOH HOH A . 
C 3 HOH 129 430 129 HOH HOH A . 
C 3 HOH 130 431 130 HOH HOH A . 
C 3 HOH 131 432 131 HOH HOH A . 
C 3 HOH 132 433 132 HOH HOH A . 
C 3 HOH 133 434 133 HOH HOH A . 
C 3 HOH 134 435 134 HOH HOH A . 
C 3 HOH 135 436 135 HOH HOH A . 
C 3 HOH 136 437 136 HOH HOH A . 
C 3 HOH 137 438 137 HOH HOH A . 
C 3 HOH 138 439 138 HOH HOH A . 
C 3 HOH 139 440 139 HOH HOH A . 
C 3 HOH 140 441 140 HOH HOH A . 
C 3 HOH 141 442 141 HOH HOH A . 
C 3 HOH 142 443 142 HOH HOH A . 
C 3 HOH 143 444 143 HOH HOH A . 
C 3 HOH 144 445 144 HOH HOH A . 
C 3 HOH 145 446 145 HOH HOH A . 
C 3 HOH 146 447 146 HOH HOH A . 
C 3 HOH 147 448 147 HOH HOH A . 
C 3 HOH 148 449 148 HOH HOH A . 
C 3 HOH 149 450 149 HOH HOH A . 
C 3 HOH 150 451 150 HOH HOH A . 
C 3 HOH 151 452 151 HOH HOH A . 
C 3 HOH 152 453 152 HOH HOH A . 
C 3 HOH 153 454 153 HOH HOH A . 
C 3 HOH 154 455 154 HOH HOH A . 
C 3 HOH 155 456 155 HOH HOH A . 
C 3 HOH 156 457 156 HOH HOH A . 
C 3 HOH 157 458 157 HOH HOH A . 
C 3 HOH 158 459 158 HOH HOH A . 
C 3 HOH 159 460 159 HOH HOH A . 
C 3 HOH 160 461 160 HOH HOH A . 
C 3 HOH 161 462 161 HOH HOH A . 
C 3 HOH 162 463 162 HOH HOH A . 
C 3 HOH 163 464 163 HOH HOH A . 
C 3 HOH 164 465 164 HOH HOH A . 
C 3 HOH 165 466 165 HOH HOH A . 
C 3 HOH 166 467 166 HOH HOH A . 
C 3 HOH 167 468 167 HOH HOH A . 
C 3 HOH 168 469 168 HOH HOH A . 
C 3 HOH 169 470 169 HOH HOH A . 
C 3 HOH 170 471 170 HOH HOH A . 
C 3 HOH 171 472 171 HOH HOH A . 
C 3 HOH 172 473 172 HOH HOH A . 
C 3 HOH 173 474 173 HOH HOH A . 
C 3 HOH 174 475 174 HOH HOH A . 
C 3 HOH 175 476 175 HOH HOH A . 
C 3 HOH 176 477 176 HOH HOH A . 
C 3 HOH 177 478 177 HOH HOH A . 
C 3 HOH 178 479 178 HOH HOH A . 
C 3 HOH 179 480 179 HOH HOH A . 
C 3 HOH 180 481 180 HOH HOH A . 
C 3 HOH 181 482 181 HOH HOH A . 
C 3 HOH 182 483 182 HOH HOH A . 
C 3 HOH 183 484 183 HOH HOH A . 
C 3 HOH 184 485 184 HOH HOH A . 
C 3 HOH 185 486 185 HOH HOH A . 
C 3 HOH 186 487 186 HOH HOH A . 
C 3 HOH 187 488 187 HOH HOH A . 
C 3 HOH 188 489 188 HOH HOH A . 
C 3 HOH 189 490 189 HOH HOH A . 
C 3 HOH 190 491 190 HOH HOH A . 
C 3 HOH 191 492 191 HOH HOH A . 
C 3 HOH 192 493 192 HOH HOH A . 
C 3 HOH 193 494 193 HOH HOH A . 
C 3 HOH 194 495 194 HOH HOH A . 
C 3 HOH 195 496 195 HOH HOH A . 
C 3 HOH 196 497 196 HOH HOH A . 
C 3 HOH 197 498 197 HOH HOH A . 
C 3 HOH 198 499 198 HOH HOH A . 
C 3 HOH 199 500 199 HOH HOH A . 
C 3 HOH 200 501 200 HOH HOH A . 
C 3 HOH 201 502 201 HOH HOH A . 
C 3 HOH 202 503 202 HOH HOH A . 
C 3 HOH 203 504 203 HOH HOH A . 
C 3 HOH 204 505 204 HOH HOH A . 
C 3 HOH 205 506 205 HOH HOH A . 
C 3 HOH 206 507 206 HOH HOH A . 
C 3 HOH 207 508 207 HOH HOH A . 
C 3 HOH 208 509 208 HOH HOH A . 
C 3 HOH 209 510 209 HOH HOH A . 
C 3 HOH 210 511 210 HOH HOH A . 
C 3 HOH 211 512 211 HOH HOH A . 
C 3 HOH 212 513 212 HOH HOH A . 
C 3 HOH 213 514 213 HOH HOH A . 
C 3 HOH 214 515 214 HOH HOH A . 
C 3 HOH 215 516 215 HOH HOH A . 
C 3 HOH 216 517 216 HOH HOH A . 
C 3 HOH 217 518 217 HOH HOH A . 
C 3 HOH 218 519 218 HOH HOH A . 
C 3 HOH 219 520 219 HOH HOH A . 
C 3 HOH 220 521 220 HOH HOH A . 
C 3 HOH 221 522 221 HOH HOH A . 
C 3 HOH 222 523 222 HOH HOH A . 
C 3 HOH 223 524 223 HOH HOH A . 
C 3 HOH 224 525 224 HOH HOH A . 
C 3 HOH 225 526 225 HOH HOH A . 
C 3 HOH 226 527 226 HOH HOH A . 
C 3 HOH 227 528 227 HOH HOH A . 
C 3 HOH 228 529 228 HOH HOH A . 
C 3 HOH 229 530 229 HOH HOH A . 
C 3 HOH 230 531 230 HOH HOH A . 
C 3 HOH 231 532 231 HOH HOH A . 
C 3 HOH 232 533 232 HOH HOH A . 
# 
loop_
_pdbx_unobs_or_zero_occ_atoms.id 
_pdbx_unobs_or_zero_occ_atoms.PDB_model_num 
_pdbx_unobs_or_zero_occ_atoms.polymer_flag 
_pdbx_unobs_or_zero_occ_atoms.occupancy_flag 
_pdbx_unobs_or_zero_occ_atoms.auth_asym_id 
_pdbx_unobs_or_zero_occ_atoms.auth_comp_id 
_pdbx_unobs_or_zero_occ_atoms.auth_seq_id 
_pdbx_unobs_or_zero_occ_atoms.PDB_ins_code 
_pdbx_unobs_or_zero_occ_atoms.auth_atom_id 
_pdbx_unobs_or_zero_occ_atoms.label_alt_id 
_pdbx_unobs_or_zero_occ_atoms.label_asym_id 
_pdbx_unobs_or_zero_occ_atoms.label_comp_id 
_pdbx_unobs_or_zero_occ_atoms.label_seq_id 
_pdbx_unobs_or_zero_occ_atoms.label_atom_id 
1  1 Y 1 A GLU 62  ? CG  ? A GLU 8   CG  
2  1 Y 1 A GLU 62  ? CD  ? A GLU 8   CD  
3  1 Y 1 A GLU 62  ? OE1 ? A GLU 8   OE1 
4  1 Y 1 A GLU 62  ? OE2 ? A GLU 8   OE2 
5  1 Y 0 A GLN 134 ? CG  ? A GLN 80  CG  
6  1 Y 0 A GLN 134 ? CD  ? A GLN 80  CD  
7  1 Y 0 A GLN 134 ? OE1 ? A GLN 80  OE1 
8  1 Y 0 A LYS 146 ? CD  ? A LYS 92  CD  
9  1 Y 0 A LYS 146 ? CE  ? A LYS 92  CE  
10 1 Y 0 A LYS 146 ? NZ  ? A LYS 92  NZ  
11 1 Y 0 A GLU 153 ? CD  ? A GLU 99  CD  
12 1 Y 0 A GLU 153 ? OE1 ? A GLU 99  OE1 
13 1 Y 0 A GLU 153 ? OE2 ? A GLU 99  OE2 
14 1 Y 0 A GLU 154 ? CG  ? A GLU 100 CG  
15 1 Y 0 A GLU 154 ? CD  ? A GLU 100 CD  
16 1 Y 0 A GLU 154 ? OE1 ? A GLU 100 OE1 
17 1 Y 0 A GLU 154 ? OE2 ? A GLU 100 OE2 
18 1 Y 0 A ASP 184 ? CG  ? A ASP 130 CG  
19 1 Y 0 A ASP 184 ? OD1 ? A ASP 130 OD1 
20 1 Y 0 A ASP 184 ? OD2 ? A ASP 130 OD2 
21 1 Y 0 A LYS 185 ? CD  ? A LYS 131 CD  
22 1 Y 0 A LYS 185 ? CE  ? A LYS 131 CE  
23 1 Y 0 A LYS 185 ? NZ  ? A LYS 131 NZ  
# 
loop_
_software.name 
_software.classification 
_software.version 
_software.citation_id 
_software.pdbx_ordinal 
CNS       refinement       1.1 ? 1 
HKL-2000  'data reduction' .   ? 2 
SCALEPACK 'data scaling'   .   ? 3 
SOLVE     phasing          .   ? 4 
# 
_cell.entry_id           1ZBF 
_cell.length_a           66.822 
_cell.length_b           66.822 
_cell.length_c           58.667 
_cell.angle_alpha        90.00 
_cell.angle_beta         90.00 
_cell.angle_gamma        120.00 
_cell.Z_PDB              6 
_cell.pdbx_unique_axis   ? 
# 
_symmetry.entry_id                         1ZBF 
_symmetry.space_group_name_H-M             'P 31 2 1' 
_symmetry.pdbx_full_space_group_name_H-M   ? 
_symmetry.cell_setting                     ? 
_symmetry.Int_Tables_number                152 
_symmetry.space_group_name_Hall            ? 
# 
_exptl.entry_id          1ZBF 
_exptl.method            'X-RAY DIFFRACTION' 
_exptl.crystals_number   2 
# 
_exptl_crystal.id                    1 
_exptl_crystal.density_meas          ? 
_exptl_crystal.density_Matthews      2.19 
_exptl_crystal.density_percent_sol   43 
_exptl_crystal.description           ? 
_exptl_crystal.F_000                 ? 
_exptl_crystal.preparation           ? 
# 
_exptl_crystal_grow.crystal_id      1 
_exptl_crystal_grow.method          'VAPOR DIFFUSION, SITTING DROP' 
_exptl_crystal_grow.temp            277 
_exptl_crystal_grow.temp_details    ? 
_exptl_crystal_grow.pH              4.6 
_exptl_crystal_grow.pdbx_details    
'PEG 2000 monomethyl ether, ammonium sulfate, sodium acetate, pH 4.6, VAPOR DIFFUSION, SITTING DROP, temperature 277K' 
_exptl_crystal_grow.pdbx_pH_range   . 
# 
loop_
_diffrn.id 
_diffrn.ambient_temp 
_diffrn.ambient_temp_details 
_diffrn.crystal_id 
1   100 ? 1 
2   100 ? 1 
1,2 ?   ? 1 
# 
loop_
_diffrn_detector.diffrn_id 
_diffrn_detector.detector 
_diffrn_detector.type 
_diffrn_detector.pdbx_collection_date 
_diffrn_detector.details 
1 CCD 'MARMOSAIC 300 mm CCD' 2004-08-17 ? 
2 CCD 'MARMOSAIC 300 mm CCD' 2004-08-17 ? 
# 
loop_
_diffrn_radiation.diffrn_id 
_diffrn_radiation.wavelength_id 
_diffrn_radiation.pdbx_monochromatic_or_laue_m_l 
_diffrn_radiation.monochromator 
_diffrn_radiation.pdbx_diffrn_protocol 
_diffrn_radiation.pdbx_scattering_type 
1 1 M ? 'SINGLE WAVELENGTH' x-ray 
2 2 M ? MAD                 x-ray 
# 
loop_
_diffrn_radiation_wavelength.id 
_diffrn_radiation_wavelength.wavelength 
_diffrn_radiation_wavelength.wt 
1 1.00   1.0 
2 0.9700 1.0 
3 0.9793 1.0 
4 0.9796 1.0 
# 
loop_
_diffrn_source.diffrn_id 
_diffrn_source.source 
_diffrn_source.type 
_diffrn_source.pdbx_synchrotron_site 
_diffrn_source.pdbx_synchrotron_beamline 
_diffrn_source.pdbx_wavelength 
_diffrn_source.pdbx_wavelength_list 
1 SYNCHROTRON 'APS BEAMLINE 22-ID' APS 22-ID 1.00 ?                        
2 SYNCHROTRON 'APS BEAMLINE 22-BM' APS 22-BM ?    '0.9700, 0.9793, 0.9796' 
# 
_reflns.entry_id                     1ZBF 
_reflns.observed_criterion_sigma_I   1.0 
_reflns.observed_criterion_sigma_F   1.0 
_reflns.d_resolution_low             30 
_reflns.d_resolution_high            1.5 
_reflns.number_obs                   23577 
_reflns.number_all                   24651 
_reflns.percent_possible_obs         96 
_reflns.pdbx_Rmerge_I_obs            0.056 
_reflns.pdbx_Rsym_value              ? 
_reflns.pdbx_netI_over_sigmaI        35.1 
_reflns.B_iso_Wilson_estimate        18.3 
_reflns.pdbx_redundancy              7.3 
_reflns.R_free_details               ? 
_reflns.limit_h_max                  ? 
_reflns.limit_h_min                  ? 
_reflns.limit_k_max                  ? 
_reflns.limit_k_min                  ? 
_reflns.limit_l_max                  ? 
_reflns.limit_l_min                  ? 
_reflns.observed_criterion_F_max     ? 
_reflns.observed_criterion_F_min     ? 
_reflns.pdbx_chi_squared             ? 
_reflns.pdbx_scaling_rejects         ? 
_reflns.pdbx_ordinal                 1 
_reflns.pdbx_diffrn_id               1,2 
# 
_reflns_shell.d_res_high             1.5 
_reflns_shell.d_res_low              1.55 
_reflns_shell.percent_possible_all   97.7 
_reflns_shell.Rmerge_I_obs           0.417 
_reflns_shell.pdbx_Rsym_value        ? 
_reflns_shell.meanI_over_sigI_obs    2.7 
_reflns_shell.pdbx_redundancy        5.3 
_reflns_shell.percent_possible_obs   ? 
_reflns_shell.number_unique_all      2379 
_reflns_shell.number_measured_all    ? 
_reflns_shell.number_measured_obs    ? 
_reflns_shell.number_unique_obs      ? 
_reflns_shell.pdbx_chi_squared       ? 
_reflns_shell.pdbx_ordinal           1 
_reflns_shell.pdbx_diffrn_id         1,2 
# 
_refine.entry_id                                 1ZBF 
_refine.ls_number_reflns_obs                     23577 
_refine.ls_number_reflns_all                     24654 
_refine.pdbx_ls_sigma_I                          1 
_refine.pdbx_ls_sigma_F                          1 
_refine.pdbx_data_cutoff_high_absF               496363.97 
_refine.pdbx_data_cutoff_low_absF                0.000000 
_refine.pdbx_data_cutoff_high_rms_absF           ? 
_refine.ls_d_res_low                             30 
_refine.ls_d_res_high                            1.50 
_refine.ls_percent_reflns_obs                    95.6 
_refine.ls_R_factor_obs                          0.189 
_refine.ls_R_factor_all                          ? 
_refine.ls_R_factor_R_work                       0.189 
_refine.ls_R_factor_R_free                       0.214 
_refine.ls_R_factor_R_free_error                 0.006 
_refine.ls_R_factor_R_free_error_details         ? 
_refine.ls_percent_reflns_R_free                 4.8 
_refine.ls_number_reflns_R_free                  1141 
_refine.ls_number_parameters                     ? 
_refine.ls_number_restraints                     ? 
_refine.occupancy_min                            ? 
_refine.occupancy_max                            ? 
_refine.correlation_coeff_Fo_to_Fc               ? 
_refine.correlation_coeff_Fo_to_Fc_free          ? 
_refine.B_iso_mean                               19.7 
_refine.aniso_B[1][1]                            -1.33 
_refine.aniso_B[2][2]                            -1.33 
_refine.aniso_B[3][3]                            2.67 
_refine.aniso_B[1][2]                            -0.56 
_refine.aniso_B[1][3]                            0.00 
_refine.aniso_B[2][3]                            0.00 
_refine.solvent_model_details                    'FLAT MODEL' 
_refine.solvent_model_param_ksol                 0.374987 
_refine.solvent_model_param_bsol                 62.3896 
_refine.pdbx_solvent_vdw_probe_radii             ? 
_refine.pdbx_solvent_ion_probe_radii             ? 
_refine.pdbx_solvent_shrinkage_radii             ? 
_refine.pdbx_ls_cross_valid_method               THROUGHOUT 
_refine.details                                  ? 
_refine.pdbx_starting_model                      ? 
_refine.pdbx_method_to_determine_struct          MAD 
_refine.pdbx_isotropic_thermal_model             RESTRAINED 
_refine.pdbx_stereochemistry_target_values       'Engh & Huber' 
_refine.pdbx_stereochem_target_val_spec_case     ? 
_refine.pdbx_R_Free_selection_details            RANDOM 
_refine.pdbx_overall_ESU_R                       ? 
_refine.pdbx_overall_ESU_R_Free                  ? 
_refine.overall_SU_ML                            ? 
_refine.overall_SU_B                             ? 
_refine.ls_redundancy_reflns_obs                 ? 
_refine.B_iso_min                                ? 
_refine.B_iso_max                                ? 
_refine.overall_SU_R_Cruickshank_DPI             ? 
_refine.overall_SU_R_free                        ? 
_refine.ls_wR_factor_R_free                      ? 
_refine.ls_wR_factor_R_work                      ? 
_refine.overall_FOM_free_R_set                   ? 
_refine.overall_FOM_work_R_set                   ? 
_refine.pdbx_refine_id                           'X-RAY DIFFRACTION' 
_refine.pdbx_diffrn_id                           1 
_refine.pdbx_TLS_residual_ADP_flag               ? 
_refine.pdbx_overall_phase_error                 ? 
_refine.pdbx_overall_SU_R_free_Cruickshank_DPI   ? 
_refine.pdbx_overall_SU_R_Blow_DPI               ? 
_refine.pdbx_overall_SU_R_free_Blow_DPI          ? 
# 
_refine_analyze.entry_id                        1ZBF 
_refine_analyze.Luzzati_coordinate_error_obs    0.16 
_refine_analyze.Luzzati_sigma_a_obs             0.12 
_refine_analyze.Luzzati_d_res_low_obs           5.00 
_refine_analyze.Luzzati_coordinate_error_free   0.18 
_refine_analyze.Luzzati_sigma_a_free            0.11 
_refine_analyze.Luzzati_d_res_low_free          ? 
_refine_analyze.number_disordered_residues      ? 
_refine_analyze.occupancy_sum_hydrogen          ? 
_refine_analyze.occupancy_sum_non_hydrogen      ? 
_refine_analyze.pdbx_Luzzati_d_res_high_obs     ? 
_refine_analyze.pdbx_refine_id                  'X-RAY DIFFRACTION' 
# 
_refine_hist.pdbx_refine_id                   'X-RAY DIFFRACTION' 
_refine_hist.cycle_id                         LAST 
_refine_hist.pdbx_number_atoms_protein        1072 
_refine_hist.pdbx_number_atoms_nucleic_acid   0 
_refine_hist.pdbx_number_atoms_ligand         5 
_refine_hist.number_atoms_solvent             232 
_refine_hist.number_atoms_total               1309 
_refine_hist.d_res_high                       1.50 
_refine_hist.d_res_low                        30 
# 
loop_
_refine_ls_restr.type 
_refine_ls_restr.dev_ideal 
_refine_ls_restr.dev_ideal_target 
_refine_ls_restr.weight 
_refine_ls_restr.number 
_refine_ls_restr.pdbx_refine_id 
_refine_ls_restr.pdbx_restraint_function 
c_bond_d                0.008 ?    ? ? 'X-RAY DIFFRACTION' ? 
c_bond_d_na             ?     ?    ? ? 'X-RAY DIFFRACTION' ? 
c_bond_d_prot           ?     ?    ? ? 'X-RAY DIFFRACTION' ? 
c_angle_d               ?     ?    ? ? 'X-RAY DIFFRACTION' ? 
c_angle_d_na            ?     ?    ? ? 'X-RAY DIFFRACTION' ? 
c_angle_d_prot          ?     ?    ? ? 'X-RAY DIFFRACTION' ? 
c_angle_deg             1.3   ?    ? ? 'X-RAY DIFFRACTION' ? 
c_angle_deg_na          ?     ?    ? ? 'X-RAY DIFFRACTION' ? 
c_angle_deg_prot        ?     ?    ? ? 'X-RAY DIFFRACTION' ? 
c_dihedral_angle_d      22.5  ?    ? ? 'X-RAY DIFFRACTION' ? 
c_dihedral_angle_d_na   ?     ?    ? ? 'X-RAY DIFFRACTION' ? 
c_dihedral_angle_d_prot ?     ?    ? ? 'X-RAY DIFFRACTION' ? 
c_improper_angle_d      0.87  ?    ? ? 'X-RAY DIFFRACTION' ? 
c_improper_angle_d_na   ?     ?    ? ? 'X-RAY DIFFRACTION' ? 
c_improper_angle_d_prot ?     ?    ? ? 'X-RAY DIFFRACTION' ? 
c_mcbond_it             1.30  1.50 ? ? 'X-RAY DIFFRACTION' ? 
c_mcangle_it            1.94  2.00 ? ? 'X-RAY DIFFRACTION' ? 
c_scbond_it             1.99  2.00 ? ? 'X-RAY DIFFRACTION' ? 
c_scangle_it            3.01  2.50 ? ? 'X-RAY DIFFRACTION' ? 
# 
_refine_ls_shell.pdbx_total_number_of_bins_used   6 
_refine_ls_shell.d_res_high                       1.50 
_refine_ls_shell.d_res_low                        1.59 
_refine_ls_shell.number_reflns_R_work             3506 
_refine_ls_shell.R_factor_R_work                  0.247 
_refine_ls_shell.percent_reflns_obs               90.4 
_refine_ls_shell.R_factor_R_free                  0.258 
_refine_ls_shell.R_factor_R_free_error            0.020 
_refine_ls_shell.percent_reflns_R_free            4.4 
_refine_ls_shell.number_reflns_R_free             161 
_refine_ls_shell.number_reflns_obs                ? 
_refine_ls_shell.redundancy_reflns_obs            ? 
_refine_ls_shell.number_reflns_all                ? 
_refine_ls_shell.pdbx_refine_id                   'X-RAY DIFFRACTION' 
_refine_ls_shell.R_factor_all                     ? 
# 
loop_
_pdbx_xplor_file.serial_no 
_pdbx_xplor_file.param_file 
_pdbx_xplor_file.topol_file 
_pdbx_xplor_file.pdbx_refine_id 
1 protein_rep.param protein.top 'X-RAY DIFFRACTION' 
2 water_rep.param   water.top   'X-RAY DIFFRACTION' 
3 ion.param         ion.top     'X-RAY DIFFRACTION' 
# 
_struct.entry_id                  1ZBF 
_struct.title                     'Crystal structure of B. halodurans RNase H catalytic domain mutant D132N' 
_struct.pdbx_model_details        ? 
_struct.pdbx_CASP_flag            ? 
_struct.pdbx_model_type_details   ? 
# 
_struct_keywords.entry_id        1ZBF 
_struct_keywords.pdbx_keywords   HYDROLASE 
_struct_keywords.text            'RNase H, RNA/DNA hybrid, DDE motif, HYDROLASE' 
# 
loop_
_struct_asym.id 
_struct_asym.pdbx_blank_PDB_chainid_flag 
_struct_asym.pdbx_modified 
_struct_asym.entity_id 
_struct_asym.details 
A N N 1 ? 
B N N 2 ? 
C N N 3 ? 
# 
_struct_ref.id                         1 
_struct_ref.db_name                    UNP 
_struct_ref.db_code                    Q9KEI9_BACHD 
_struct_ref.pdbx_db_accession          Q9KEI9 
_struct_ref.entity_id                  1 
_struct_ref.pdbx_seq_one_letter_code   
;AKEEIIWESLSVDVGSQGNPGIVEYKGVDTKTGEVLFEREPIPIGTNNMGEFLAIVHGLRYLKERNSRKPIYSDSQTAIK
WVKDKKAKSTLVRNEETALIWKLVDEAEEWLNTHTYETPILKWQTDKWGEIKADYGRK
;
_struct_ref.pdbx_align_begin           59 
_struct_ref.pdbx_db_isoform            ? 
# 
_struct_ref_seq.align_id                      1 
_struct_ref_seq.ref_id                        1 
_struct_ref_seq.pdbx_PDB_id_code              1ZBF 
_struct_ref_seq.pdbx_strand_id                A 
_struct_ref_seq.seq_align_beg                 5 
_struct_ref_seq.pdbx_seq_align_beg_ins_code   ? 
_struct_ref_seq.seq_align_end                 142 
_struct_ref_seq.pdbx_seq_align_end_ins_code   ? 
_struct_ref_seq.pdbx_db_accession             Q9KEI9 
_struct_ref_seq.db_align_beg                  59 
_struct_ref_seq.pdbx_db_align_beg_ins_code    ? 
_struct_ref_seq.db_align_end                  196 
_struct_ref_seq.pdbx_db_align_end_ins_code    ? 
_struct_ref_seq.pdbx_auth_seq_align_beg       59 
_struct_ref_seq.pdbx_auth_seq_align_end       196 
# 
loop_
_struct_ref_seq_dif.align_id 
_struct_ref_seq_dif.pdbx_pdb_id_code 
_struct_ref_seq_dif.mon_id 
_struct_ref_seq_dif.pdbx_pdb_strand_id 
_struct_ref_seq_dif.seq_num 
_struct_ref_seq_dif.pdbx_pdb_ins_code 
_struct_ref_seq_dif.pdbx_seq_db_name 
_struct_ref_seq_dif.pdbx_seq_db_accession_code 
_struct_ref_seq_dif.db_mon_id 
_struct_ref_seq_dif.pdbx_seq_db_seq_num 
_struct_ref_seq_dif.details 
_struct_ref_seq_dif.pdbx_auth_seq_num 
_struct_ref_seq_dif.pdbx_ordinal 
1 1ZBF GLY A 1  ? UNP Q9KEI9 ?   ?   'cloning artifact'    55  1 
1 1ZBF SER A 2  ? UNP Q9KEI9 ?   ?   'cloning artifact'    56  2 
1 1ZBF HIS A 3  ? UNP Q9KEI9 ?   ?   'cloning artifact'    57  3 
1 1ZBF MET A 4  ? UNP Q9KEI9 ?   ?   'cloning artifact'    58  4 
1 1ZBF ASN A 78 ? UNP Q9KEI9 ASP 132 'engineered mutation' 132 5 
# 
_pdbx_struct_assembly.id                   1 
_pdbx_struct_assembly.details              author_defined_assembly 
_pdbx_struct_assembly.method_details       ? 
_pdbx_struct_assembly.oligomeric_details   monomeric 
_pdbx_struct_assembly.oligomeric_count     1 
# 
_pdbx_struct_assembly_gen.assembly_id       1 
_pdbx_struct_assembly_gen.oper_expression   1 
_pdbx_struct_assembly_gen.asym_id_list      A,B,C 
# 
_pdbx_struct_oper_list.id                   1 
_pdbx_struct_oper_list.type                 'identity operation' 
_pdbx_struct_oper_list.name                 1_555 
_pdbx_struct_oper_list.symmetry_operation   x,y,z 
_pdbx_struct_oper_list.matrix[1][1]         1.0000000000 
_pdbx_struct_oper_list.matrix[1][2]         0.0000000000 
_pdbx_struct_oper_list.matrix[1][3]         0.0000000000 
_pdbx_struct_oper_list.vector[1]            0.0000000000 
_pdbx_struct_oper_list.matrix[2][1]         0.0000000000 
_pdbx_struct_oper_list.matrix[2][2]         1.0000000000 
_pdbx_struct_oper_list.matrix[2][3]         0.0000000000 
_pdbx_struct_oper_list.vector[2]            0.0000000000 
_pdbx_struct_oper_list.matrix[3][1]         0.0000000000 
_pdbx_struct_oper_list.matrix[3][2]         0.0000000000 
_pdbx_struct_oper_list.matrix[3][3]         1.0000000000 
_pdbx_struct_oper_list.vector[3]            0.0000000000 
# 
_struct_biol.id                    1 
_struct_biol.pdbx_parent_biol_id   ? 
_struct_biol.details               ? 
# 
loop_
_struct_conf.conf_type_id 
_struct_conf.id 
_struct_conf.pdbx_PDB_helix_id 
_struct_conf.beg_label_comp_id 
_struct_conf.beg_label_asym_id 
_struct_conf.beg_label_seq_id 
_struct_conf.pdbx_beg_PDB_ins_code 
_struct_conf.end_label_comp_id 
_struct_conf.end_label_asym_id 
_struct_conf.end_label_seq_id 
_struct_conf.pdbx_end_PDB_ins_code 
_struct_conf.beg_auth_comp_id 
_struct_conf.beg_auth_asym_id 
_struct_conf.beg_auth_seq_id 
_struct_conf.end_auth_comp_id 
_struct_conf.end_auth_asym_id 
_struct_conf.end_auth_seq_id 
_struct_conf.pdbx_PDB_helix_class 
_struct_conf.details 
_struct_conf.pdbx_PDB_helix_length 
HELX_P HELX_P1 1 THR A 50  ? ARG A 69  ? THR A 104 ARG A 123 1 ? 20 
HELX_P HELX_P2 2 SER A 79  ? LYS A 89  ? SER A 133 LYS A 143 1 ? 11 
HELX_P HELX_P3 3 THR A 101 ? HIS A 118 ? THR A 155 HIS A 172 1 ? 18 
HELX_P HELX_P4 4 GLN A 128 ? GLY A 133 ? GLN A 182 GLY A 187 1 ? 6  
# 
_struct_conf_type.id          HELX_P 
_struct_conf_type.criteria    ? 
_struct_conf_type.reference   ? 
# 
_struct_mon_prot_cis.pdbx_id                1 
_struct_mon_prot_cis.label_comp_id          ASN 
_struct_mon_prot_cis.label_seq_id           23 
_struct_mon_prot_cis.label_asym_id          A 
_struct_mon_prot_cis.label_alt_id           . 
_struct_mon_prot_cis.pdbx_PDB_ins_code      ? 
_struct_mon_prot_cis.auth_comp_id           ASN 
_struct_mon_prot_cis.auth_seq_id            77 
_struct_mon_prot_cis.auth_asym_id           A 
_struct_mon_prot_cis.pdbx_label_comp_id_2   PRO 
_struct_mon_prot_cis.pdbx_label_seq_id_2    24 
_struct_mon_prot_cis.pdbx_label_asym_id_2   A 
_struct_mon_prot_cis.pdbx_PDB_ins_code_2    ? 
_struct_mon_prot_cis.pdbx_auth_comp_id_2    PRO 
_struct_mon_prot_cis.pdbx_auth_seq_id_2     78 
_struct_mon_prot_cis.pdbx_auth_asym_id_2    A 
_struct_mon_prot_cis.pdbx_PDB_model_num     1 
_struct_mon_prot_cis.pdbx_omega_angle       -0.02 
# 
loop_
_struct_sheet.id 
_struct_sheet.type 
_struct_sheet.number_strands 
_struct_sheet.details 
A ? 3 ? 
B ? 5 ? 
# 
loop_
_struct_sheet_order.sheet_id 
_struct_sheet_order.range_id_1 
_struct_sheet_order.range_id_2 
_struct_sheet_order.offset 
_struct_sheet_order.sense 
A 1 2 ? anti-parallel 
A 2 3 ? anti-parallel 
B 1 2 ? anti-parallel 
B 2 3 ? anti-parallel 
B 3 4 ? parallel      
B 4 5 ? parallel      
# 
loop_
_struct_sheet_range.sheet_id 
_struct_sheet_range.id 
_struct_sheet_range.beg_label_comp_id 
_struct_sheet_range.beg_label_asym_id 
_struct_sheet_range.beg_label_seq_id 
_struct_sheet_range.pdbx_beg_PDB_ins_code 
_struct_sheet_range.end_label_comp_id 
_struct_sheet_range.end_label_asym_id 
_struct_sheet_range.end_label_seq_id 
_struct_sheet_range.pdbx_end_PDB_ins_code 
_struct_sheet_range.beg_auth_comp_id 
_struct_sheet_range.beg_auth_asym_id 
_struct_sheet_range.beg_auth_seq_id 
_struct_sheet_range.end_auth_comp_id 
_struct_sheet_range.end_auth_asym_id 
_struct_sheet_range.end_auth_seq_id 
A 1 VAL A 39  ? GLU A 42  ? VAL A 93  GLU A 96  
A 2 GLY A 25  ? ASP A 33  ? GLY A 79  ASP A 87  
A 3 ILE A 46  ? GLY A 49  ? ILE A 100 GLY A 103 
B 1 VAL A 39  ? GLU A 42  ? VAL A 93  GLU A 96  
B 2 GLY A 25  ? ASP A 33  ? GLY A 79  ASP A 87  
B 3 LEU A 14  ? SER A 20  ? LEU A 68  SER A 74  
B 4 ILE A 75  ? SER A 77  ? ILE A 129 SER A 131 
B 5 ILE A 124 ? LYS A 126 ? ILE A 178 LYS A 180 
# 
loop_
_pdbx_struct_sheet_hbond.sheet_id 
_pdbx_struct_sheet_hbond.range_id_1 
_pdbx_struct_sheet_hbond.range_id_2 
_pdbx_struct_sheet_hbond.range_1_label_atom_id 
_pdbx_struct_sheet_hbond.range_1_label_comp_id 
_pdbx_struct_sheet_hbond.range_1_label_asym_id 
_pdbx_struct_sheet_hbond.range_1_label_seq_id 
_pdbx_struct_sheet_hbond.range_1_PDB_ins_code 
_pdbx_struct_sheet_hbond.range_1_auth_atom_id 
_pdbx_struct_sheet_hbond.range_1_auth_comp_id 
_pdbx_struct_sheet_hbond.range_1_auth_asym_id 
_pdbx_struct_sheet_hbond.range_1_auth_seq_id 
_pdbx_struct_sheet_hbond.range_2_label_atom_id 
_pdbx_struct_sheet_hbond.range_2_label_comp_id 
_pdbx_struct_sheet_hbond.range_2_label_asym_id 
_pdbx_struct_sheet_hbond.range_2_label_seq_id 
_pdbx_struct_sheet_hbond.range_2_PDB_ins_code 
_pdbx_struct_sheet_hbond.range_2_auth_atom_id 
_pdbx_struct_sheet_hbond.range_2_auth_comp_id 
_pdbx_struct_sheet_hbond.range_2_auth_asym_id 
_pdbx_struct_sheet_hbond.range_2_auth_seq_id 
A 1 2 O LEU A 40 ? O LEU A 94  N GLY A 31  ? N GLY A 85  
A 2 3 N VAL A 27 ? N VAL A 81  O ILE A 46  ? O ILE A 100 
B 1 2 O LEU A 40 ? O LEU A 94  N GLY A 31  ? N GLY A 85  
B 2 3 O VAL A 32 ? O VAL A 86  N SER A 15  ? N SER A 69  
B 3 4 N LEU A 14 ? N LEU A 68  O TYR A 76  ? O TYR A 130 
B 4 5 N ILE A 75 ? N ILE A 129 O LEU A 125 ? O LEU A 179 
# 
_struct_site.id                   AC1 
_struct_site.pdbx_evidence_code   Software 
_struct_site.pdbx_auth_asym_id    A 
_struct_site.pdbx_auth_comp_id    SO4 
_struct_site.pdbx_auth_seq_id     301 
_struct_site.pdbx_auth_ins_code   ? 
_struct_site.pdbx_num_residues    10 
_struct_site.details              'BINDING SITE FOR RESIDUE SO4 A 301' 
# 
loop_
_struct_site_gen.id 
_struct_site_gen.site_id 
_struct_site_gen.pdbx_num_res 
_struct_site_gen.label_comp_id 
_struct_site_gen.label_asym_id 
_struct_site_gen.label_seq_id 
_struct_site_gen.pdbx_auth_ins_code 
_struct_site_gen.auth_comp_id 
_struct_site_gen.auth_asym_id 
_struct_site_gen.auth_seq_id 
_struct_site_gen.label_atom_id 
_struct_site_gen.label_alt_id 
_struct_site_gen.symmetry 
_struct_site_gen.details 
1  AC1 10 THR A 50 ? THR A 104 . ? 1_555 ? 
2  AC1 10 ASN A 52 ? ASN A 106 . ? 1_555 ? 
3  AC1 10 ARG A 72 ? ARG A 126 . ? 5_565 ? 
4  AC1 10 TRP A 85 ? TRP A 139 . ? 1_555 ? 
5  AC1 10 SER A 93 ? SER A 147 . ? 1_555 ? 
6  AC1 10 THR A 94 ? THR A 148 . ? 1_555 ? 
7  AC1 10 HOH C .  ? HOH A 319 . ? 1_555 ? 
8  AC1 10 HOH C .  ? HOH A 364 . ? 1_555 ? 
9  AC1 10 HOH C .  ? HOH A 391 . ? 1_555 ? 
10 AC1 10 HOH C .  ? HOH A 415 . ? 1_555 ? 
# 
_pdbx_validate_symm_contact.id                1 
_pdbx_validate_symm_contact.PDB_model_num     1 
_pdbx_validate_symm_contact.auth_atom_id_1    O 
_pdbx_validate_symm_contact.auth_asym_id_1    A 
_pdbx_validate_symm_contact.auth_comp_id_1    HOH 
_pdbx_validate_symm_contact.auth_seq_id_1     389 
_pdbx_validate_symm_contact.PDB_ins_code_1    ? 
_pdbx_validate_symm_contact.label_alt_id_1    ? 
_pdbx_validate_symm_contact.site_symmetry_1   1_555 
_pdbx_validate_symm_contact.auth_atom_id_2    O 
_pdbx_validate_symm_contact.auth_asym_id_2    A 
_pdbx_validate_symm_contact.auth_comp_id_2    HOH 
_pdbx_validate_symm_contact.auth_seq_id_2     389 
_pdbx_validate_symm_contact.PDB_ins_code_2    ? 
_pdbx_validate_symm_contact.label_alt_id_2    ? 
_pdbx_validate_symm_contact.site_symmetry_2   6_556 
_pdbx_validate_symm_contact.dist              2.07 
# 
loop_
_pdbx_validate_torsion.id 
_pdbx_validate_torsion.PDB_model_num 
_pdbx_validate_torsion.auth_comp_id 
_pdbx_validate_torsion.auth_asym_id 
_pdbx_validate_torsion.auth_seq_id 
_pdbx_validate_torsion.PDB_ins_code 
_pdbx_validate_torsion.label_alt_id 
_pdbx_validate_torsion.phi 
_pdbx_validate_torsion.psi 
1 1 ASN A 77  ? ? -165.66 85.58 
2 1 LYS A 146 ? ? -102.16 47.86 
# 
loop_
_pdbx_unobs_or_zero_occ_residues.id 
_pdbx_unobs_or_zero_occ_residues.PDB_model_num 
_pdbx_unobs_or_zero_occ_residues.polymer_flag 
_pdbx_unobs_or_zero_occ_residues.occupancy_flag 
_pdbx_unobs_or_zero_occ_residues.auth_asym_id 
_pdbx_unobs_or_zero_occ_residues.auth_comp_id 
_pdbx_unobs_or_zero_occ_residues.auth_seq_id 
_pdbx_unobs_or_zero_occ_residues.PDB_ins_code 
_pdbx_unobs_or_zero_occ_residues.label_asym_id 
_pdbx_unobs_or_zero_occ_residues.label_comp_id 
_pdbx_unobs_or_zero_occ_residues.label_seq_id 
1  1 Y 1 A GLY 55  ? A GLY 1   
2  1 Y 1 A SER 56  ? A SER 2   
3  1 Y 1 A HIS 57  ? A HIS 3   
4  1 Y 1 A MET 58  ? A MET 4   
5  1 Y 1 A ALA 59  ? A ALA 5   
6  1 Y 1 A LYS 60  ? A LYS 6   
7  1 Y 1 A GLU 61  ? A GLU 7   
8  1 Y 1 A GLY 194 ? A GLY 140 
9  1 Y 1 A ARG 195 ? A ARG 141 
10 1 Y 1 A LYS 196 ? A LYS 142 
# 
loop_
_chem_comp_atom.comp_id 
_chem_comp_atom.atom_id 
_chem_comp_atom.type_symbol 
_chem_comp_atom.pdbx_aromatic_flag 
_chem_comp_atom.pdbx_stereo_config 
_chem_comp_atom.pdbx_ordinal 
ALA N    N N N 1   
ALA CA   C N S 2   
ALA C    C N N 3   
ALA O    O N N 4   
ALA CB   C N N 5   
ALA OXT  O N N 6   
ALA H    H N N 7   
ALA H2   H N N 8   
ALA HA   H N N 9   
ALA HB1  H N N 10  
ALA HB2  H N N 11  
ALA HB3  H N N 12  
ALA HXT  H N N 13  
ARG N    N N N 14  
ARG CA   C N S 15  
ARG C    C N N 16  
ARG O    O N N 17  
ARG CB   C N N 18  
ARG CG   C N N 19  
ARG CD   C N N 20  
ARG NE   N N N 21  
ARG CZ   C N N 22  
ARG NH1  N N N 23  
ARG NH2  N N N 24  
ARG OXT  O N N 25  
ARG H    H N N 26  
ARG H2   H N N 27  
ARG HA   H N N 28  
ARG HB2  H N N 29  
ARG HB3  H N N 30  
ARG HG2  H N N 31  
ARG HG3  H N N 32  
ARG HD2  H N N 33  
ARG HD3  H N N 34  
ARG HE   H N N 35  
ARG HH11 H N N 36  
ARG HH12 H N N 37  
ARG HH21 H N N 38  
ARG HH22 H N N 39  
ARG HXT  H N N 40  
ASN N    N N N 41  
ASN CA   C N S 42  
ASN C    C N N 43  
ASN O    O N N 44  
ASN CB   C N N 45  
ASN CG   C N N 46  
ASN OD1  O N N 47  
ASN ND2  N N N 48  
ASN OXT  O N N 49  
ASN H    H N N 50  
ASN H2   H N N 51  
ASN HA   H N N 52  
ASN HB2  H N N 53  
ASN HB3  H N N 54  
ASN HD21 H N N 55  
ASN HD22 H N N 56  
ASN HXT  H N N 57  
ASP N    N N N 58  
ASP CA   C N S 59  
ASP C    C N N 60  
ASP O    O N N 61  
ASP CB   C N N 62  
ASP CG   C N N 63  
ASP OD1  O N N 64  
ASP OD2  O N N 65  
ASP OXT  O N N 66  
ASP H    H N N 67  
ASP H2   H N N 68  
ASP HA   H N N 69  
ASP HB2  H N N 70  
ASP HB3  H N N 71  
ASP HD2  H N N 72  
ASP HXT  H N N 73  
GLN N    N N N 74  
GLN CA   C N S 75  
GLN C    C N N 76  
GLN O    O N N 77  
GLN CB   C N N 78  
GLN CG   C N N 79  
GLN CD   C N N 80  
GLN OE1  O N N 81  
GLN NE2  N N N 82  
GLN OXT  O N N 83  
GLN H    H N N 84  
GLN H2   H N N 85  
GLN HA   H N N 86  
GLN HB2  H N N 87  
GLN HB3  H N N 88  
GLN HG2  H N N 89  
GLN HG3  H N N 90  
GLN HE21 H N N 91  
GLN HE22 H N N 92  
GLN HXT  H N N 93  
GLU N    N N N 94  
GLU CA   C N S 95  
GLU C    C N N 96  
GLU O    O N N 97  
GLU CB   C N N 98  
GLU CG   C N N 99  
GLU CD   C N N 100 
GLU OE1  O N N 101 
GLU OE2  O N N 102 
GLU OXT  O N N 103 
GLU H    H N N 104 
GLU H2   H N N 105 
GLU HA   H N N 106 
GLU HB2  H N N 107 
GLU HB3  H N N 108 
GLU HG2  H N N 109 
GLU HG3  H N N 110 
GLU HE2  H N N 111 
GLU HXT  H N N 112 
GLY N    N N N 113 
GLY CA   C N N 114 
GLY C    C N N 115 
GLY O    O N N 116 
GLY OXT  O N N 117 
GLY H    H N N 118 
GLY H2   H N N 119 
GLY HA2  H N N 120 
GLY HA3  H N N 121 
GLY HXT  H N N 122 
HIS N    N N N 123 
HIS CA   C N S 124 
HIS C    C N N 125 
HIS O    O N N 126 
HIS CB   C N N 127 
HIS CG   C Y N 128 
HIS ND1  N Y N 129 
HIS CD2  C Y N 130 
HIS CE1  C Y N 131 
HIS NE2  N Y N 132 
HIS OXT  O N N 133 
HIS H    H N N 134 
HIS H2   H N N 135 
HIS HA   H N N 136 
HIS HB2  H N N 137 
HIS HB3  H N N 138 
HIS HD1  H N N 139 
HIS HD2  H N N 140 
HIS HE1  H N N 141 
HIS HE2  H N N 142 
HIS HXT  H N N 143 
HOH O    O N N 144 
HOH H1   H N N 145 
HOH H2   H N N 146 
ILE N    N N N 147 
ILE CA   C N S 148 
ILE C    C N N 149 
ILE O    O N N 150 
ILE CB   C N S 151 
ILE CG1  C N N 152 
ILE CG2  C N N 153 
ILE CD1  C N N 154 
ILE OXT  O N N 155 
ILE H    H N N 156 
ILE H2   H N N 157 
ILE HA   H N N 158 
ILE HB   H N N 159 
ILE HG12 H N N 160 
ILE HG13 H N N 161 
ILE HG21 H N N 162 
ILE HG22 H N N 163 
ILE HG23 H N N 164 
ILE HD11 H N N 165 
ILE HD12 H N N 166 
ILE HD13 H N N 167 
ILE HXT  H N N 168 
LEU N    N N N 169 
LEU CA   C N S 170 
LEU C    C N N 171 
LEU O    O N N 172 
LEU CB   C N N 173 
LEU CG   C N N 174 
LEU CD1  C N N 175 
LEU CD2  C N N 176 
LEU OXT  O N N 177 
LEU H    H N N 178 
LEU H2   H N N 179 
LEU HA   H N N 180 
LEU HB2  H N N 181 
LEU HB3  H N N 182 
LEU HG   H N N 183 
LEU HD11 H N N 184 
LEU HD12 H N N 185 
LEU HD13 H N N 186 
LEU HD21 H N N 187 
LEU HD22 H N N 188 
LEU HD23 H N N 189 
LEU HXT  H N N 190 
LYS N    N N N 191 
LYS CA   C N S 192 
LYS C    C N N 193 
LYS O    O N N 194 
LYS CB   C N N 195 
LYS CG   C N N 196 
LYS CD   C N N 197 
LYS CE   C N N 198 
LYS NZ   N N N 199 
LYS OXT  O N N 200 
LYS H    H N N 201 
LYS H2   H N N 202 
LYS HA   H N N 203 
LYS HB2  H N N 204 
LYS HB3  H N N 205 
LYS HG2  H N N 206 
LYS HG3  H N N 207 
LYS HD2  H N N 208 
LYS HD3  H N N 209 
LYS HE2  H N N 210 
LYS HE3  H N N 211 
LYS HZ1  H N N 212 
LYS HZ2  H N N 213 
LYS HZ3  H N N 214 
LYS HXT  H N N 215 
MET N    N N N 216 
MET CA   C N S 217 
MET C    C N N 218 
MET O    O N N 219 
MET CB   C N N 220 
MET CG   C N N 221 
MET SD   S N N 222 
MET CE   C N N 223 
MET OXT  O N N 224 
MET H    H N N 225 
MET H2   H N N 226 
MET HA   H N N 227 
MET HB2  H N N 228 
MET HB3  H N N 229 
MET HG2  H N N 230 
MET HG3  H N N 231 
MET HE1  H N N 232 
MET HE2  H N N 233 
MET HE3  H N N 234 
MET HXT  H N N 235 
PHE N    N N N 236 
PHE CA   C N S 237 
PHE C    C N N 238 
PHE O    O N N 239 
PHE CB   C N N 240 
PHE CG   C Y N 241 
PHE CD1  C Y N 242 
PHE CD2  C Y N 243 
PHE CE1  C Y N 244 
PHE CE2  C Y N 245 
PHE CZ   C Y N 246 
PHE OXT  O N N 247 
PHE H    H N N 248 
PHE H2   H N N 249 
PHE HA   H N N 250 
PHE HB2  H N N 251 
PHE HB3  H N N 252 
PHE HD1  H N N 253 
PHE HD2  H N N 254 
PHE HE1  H N N 255 
PHE HE2  H N N 256 
PHE HZ   H N N 257 
PHE HXT  H N N 258 
PRO N    N N N 259 
PRO CA   C N S 260 
PRO C    C N N 261 
PRO O    O N N 262 
PRO CB   C N N 263 
PRO CG   C N N 264 
PRO CD   C N N 265 
PRO OXT  O N N 266 
PRO H    H N N 267 
PRO HA   H N N 268 
PRO HB2  H N N 269 
PRO HB3  H N N 270 
PRO HG2  H N N 271 
PRO HG3  H N N 272 
PRO HD2  H N N 273 
PRO HD3  H N N 274 
PRO HXT  H N N 275 
SER N    N N N 276 
SER CA   C N S 277 
SER C    C N N 278 
SER O    O N N 279 
SER CB   C N N 280 
SER OG   O N N 281 
SER OXT  O N N 282 
SER H    H N N 283 
SER H2   H N N 284 
SER HA   H N N 285 
SER HB2  H N N 286 
SER HB3  H N N 287 
SER HG   H N N 288 
SER HXT  H N N 289 
SO4 S    S N N 290 
SO4 O1   O N N 291 
SO4 O2   O N N 292 
SO4 O3   O N N 293 
SO4 O4   O N N 294 
THR N    N N N 295 
THR CA   C N S 296 
THR C    C N N 297 
THR O    O N N 298 
THR CB   C N R 299 
THR OG1  O N N 300 
THR CG2  C N N 301 
THR OXT  O N N 302 
THR H    H N N 303 
THR H2   H N N 304 
THR HA   H N N 305 
THR HB   H N N 306 
THR HG1  H N N 307 
THR HG21 H N N 308 
THR HG22 H N N 309 
THR HG23 H N N 310 
THR HXT  H N N 311 
TRP N    N N N 312 
TRP CA   C N S 313 
TRP C    C N N 314 
TRP O    O N N 315 
TRP CB   C N N 316 
TRP CG   C Y N 317 
TRP CD1  C Y N 318 
TRP CD2  C Y N 319 
TRP NE1  N Y N 320 
TRP CE2  C Y N 321 
TRP CE3  C Y N 322 
TRP CZ2  C Y N 323 
TRP CZ3  C Y N 324 
TRP CH2  C Y N 325 
TRP OXT  O N N 326 
TRP H    H N N 327 
TRP H2   H N N 328 
TRP HA   H N N 329 
TRP HB2  H N N 330 
TRP HB3  H N N 331 
TRP HD1  H N N 332 
TRP HE1  H N N 333 
TRP HE3  H N N 334 
TRP HZ2  H N N 335 
TRP HZ3  H N N 336 
TRP HH2  H N N 337 
TRP HXT  H N N 338 
TYR N    N N N 339 
TYR CA   C N S 340 
TYR C    C N N 341 
TYR O    O N N 342 
TYR CB   C N N 343 
TYR CG   C Y N 344 
TYR CD1  C Y N 345 
TYR CD2  C Y N 346 
TYR CE1  C Y N 347 
TYR CE2  C Y N 348 
TYR CZ   C Y N 349 
TYR OH   O N N 350 
TYR OXT  O N N 351 
TYR H    H N N 352 
TYR H2   H N N 353 
TYR HA   H N N 354 
TYR HB2  H N N 355 
TYR HB3  H N N 356 
TYR HD1  H N N 357 
TYR HD2  H N N 358 
TYR HE1  H N N 359 
TYR HE2  H N N 360 
TYR HH   H N N 361 
TYR HXT  H N N 362 
VAL N    N N N 363 
VAL CA   C N S 364 
VAL C    C N N 365 
VAL O    O N N 366 
VAL CB   C N N 367 
VAL CG1  C N N 368 
VAL CG2  C N N 369 
VAL OXT  O N N 370 
VAL H    H N N 371 
VAL H2   H N N 372 
VAL HA   H N N 373 
VAL HB   H N N 374 
VAL HG11 H N N 375 
VAL HG12 H N N 376 
VAL HG13 H N N 377 
VAL HG21 H N N 378 
VAL HG22 H N N 379 
VAL HG23 H N N 380 
VAL HXT  H N N 381 
# 
loop_
_chem_comp_bond.comp_id 
_chem_comp_bond.atom_id_1 
_chem_comp_bond.atom_id_2 
_chem_comp_bond.value_order 
_chem_comp_bond.pdbx_aromatic_flag 
_chem_comp_bond.pdbx_stereo_config 
_chem_comp_bond.pdbx_ordinal 
ALA N   CA   sing N N 1   
ALA N   H    sing N N 2   
ALA N   H2   sing N N 3   
ALA CA  C    sing N N 4   
ALA CA  CB   sing N N 5   
ALA CA  HA   sing N N 6   
ALA C   O    doub N N 7   
ALA C   OXT  sing N N 8   
ALA CB  HB1  sing N N 9   
ALA CB  HB2  sing N N 10  
ALA CB  HB3  sing N N 11  
ALA OXT HXT  sing N N 12  
ARG N   CA   sing N N 13  
ARG N   H    sing N N 14  
ARG N   H2   sing N N 15  
ARG CA  C    sing N N 16  
ARG CA  CB   sing N N 17  
ARG CA  HA   sing N N 18  
ARG C   O    doub N N 19  
ARG C   OXT  sing N N 20  
ARG CB  CG   sing N N 21  
ARG CB  HB2  sing N N 22  
ARG CB  HB3  sing N N 23  
ARG CG  CD   sing N N 24  
ARG CG  HG2  sing N N 25  
ARG CG  HG3  sing N N 26  
ARG CD  NE   sing N N 27  
ARG CD  HD2  sing N N 28  
ARG CD  HD3  sing N N 29  
ARG NE  CZ   sing N N 30  
ARG NE  HE   sing N N 31  
ARG CZ  NH1  sing N N 32  
ARG CZ  NH2  doub N N 33  
ARG NH1 HH11 sing N N 34  
ARG NH1 HH12 sing N N 35  
ARG NH2 HH21 sing N N 36  
ARG NH2 HH22 sing N N 37  
ARG OXT HXT  sing N N 38  
ASN N   CA   sing N N 39  
ASN N   H    sing N N 40  
ASN N   H2   sing N N 41  
ASN CA  C    sing N N 42  
ASN CA  CB   sing N N 43  
ASN CA  HA   sing N N 44  
ASN C   O    doub N N 45  
ASN C   OXT  sing N N 46  
ASN CB  CG   sing N N 47  
ASN CB  HB2  sing N N 48  
ASN CB  HB3  sing N N 49  
ASN CG  OD1  doub N N 50  
ASN CG  ND2  sing N N 51  
ASN ND2 HD21 sing N N 52  
ASN ND2 HD22 sing N N 53  
ASN OXT HXT  sing N N 54  
ASP N   CA   sing N N 55  
ASP N   H    sing N N 56  
ASP N   H2   sing N N 57  
ASP CA  C    sing N N 58  
ASP CA  CB   sing N N 59  
ASP CA  HA   sing N N 60  
ASP C   O    doub N N 61  
ASP C   OXT  sing N N 62  
ASP CB  CG   sing N N 63  
ASP CB  HB2  sing N N 64  
ASP CB  HB3  sing N N 65  
ASP CG  OD1  doub N N 66  
ASP CG  OD2  sing N N 67  
ASP OD2 HD2  sing N N 68  
ASP OXT HXT  sing N N 69  
GLN N   CA   sing N N 70  
GLN N   H    sing N N 71  
GLN N   H2   sing N N 72  
GLN CA  C    sing N N 73  
GLN CA  CB   sing N N 74  
GLN CA  HA   sing N N 75  
GLN C   O    doub N N 76  
GLN C   OXT  sing N N 77  
GLN CB  CG   sing N N 78  
GLN CB  HB2  sing N N 79  
GLN CB  HB3  sing N N 80  
GLN CG  CD   sing N N 81  
GLN CG  HG2  sing N N 82  
GLN CG  HG3  sing N N 83  
GLN CD  OE1  doub N N 84  
GLN CD  NE2  sing N N 85  
GLN NE2 HE21 sing N N 86  
GLN NE2 HE22 sing N N 87  
GLN OXT HXT  sing N N 88  
GLU N   CA   sing N N 89  
GLU N   H    sing N N 90  
GLU N   H2   sing N N 91  
GLU CA  C    sing N N 92  
GLU CA  CB   sing N N 93  
GLU CA  HA   sing N N 94  
GLU C   O    doub N N 95  
GLU C   OXT  sing N N 96  
GLU CB  CG   sing N N 97  
GLU CB  HB2  sing N N 98  
GLU CB  HB3  sing N N 99  
GLU CG  CD   sing N N 100 
GLU CG  HG2  sing N N 101 
GLU CG  HG3  sing N N 102 
GLU CD  OE1  doub N N 103 
GLU CD  OE2  sing N N 104 
GLU OE2 HE2  sing N N 105 
GLU OXT HXT  sing N N 106 
GLY N   CA   sing N N 107 
GLY N   H    sing N N 108 
GLY N   H2   sing N N 109 
GLY CA  C    sing N N 110 
GLY CA  HA2  sing N N 111 
GLY CA  HA3  sing N N 112 
GLY C   O    doub N N 113 
GLY C   OXT  sing N N 114 
GLY OXT HXT  sing N N 115 
HIS N   CA   sing N N 116 
HIS N   H    sing N N 117 
HIS N   H2   sing N N 118 
HIS CA  C    sing N N 119 
HIS CA  CB   sing N N 120 
HIS CA  HA   sing N N 121 
HIS C   O    doub N N 122 
HIS C   OXT  sing N N 123 
HIS CB  CG   sing N N 124 
HIS CB  HB2  sing N N 125 
HIS CB  HB3  sing N N 126 
HIS CG  ND1  sing Y N 127 
HIS CG  CD2  doub Y N 128 
HIS ND1 CE1  doub Y N 129 
HIS ND1 HD1  sing N N 130 
HIS CD2 NE2  sing Y N 131 
HIS CD2 HD2  sing N N 132 
HIS CE1 NE2  sing Y N 133 
HIS CE1 HE1  sing N N 134 
HIS NE2 HE2  sing N N 135 
HIS OXT HXT  sing N N 136 
HOH O   H1   sing N N 137 
HOH O   H2   sing N N 138 
ILE N   CA   sing N N 139 
ILE N   H    sing N N 140 
ILE N   H2   sing N N 141 
ILE CA  C    sing N N 142 
ILE CA  CB   sing N N 143 
ILE CA  HA   sing N N 144 
ILE C   O    doub N N 145 
ILE C   OXT  sing N N 146 
ILE CB  CG1  sing N N 147 
ILE CB  CG2  sing N N 148 
ILE CB  HB   sing N N 149 
ILE CG1 CD1  sing N N 150 
ILE CG1 HG12 sing N N 151 
ILE CG1 HG13 sing N N 152 
ILE CG2 HG21 sing N N 153 
ILE CG2 HG22 sing N N 154 
ILE CG2 HG23 sing N N 155 
ILE CD1 HD11 sing N N 156 
ILE CD1 HD12 sing N N 157 
ILE CD1 HD13 sing N N 158 
ILE OXT HXT  sing N N 159 
LEU N   CA   sing N N 160 
LEU N   H    sing N N 161 
LEU N   H2   sing N N 162 
LEU CA  C    sing N N 163 
LEU CA  CB   sing N N 164 
LEU CA  HA   sing N N 165 
LEU C   O    doub N N 166 
LEU C   OXT  sing N N 167 
LEU CB  CG   sing N N 168 
LEU CB  HB2  sing N N 169 
LEU CB  HB3  sing N N 170 
LEU CG  CD1  sing N N 171 
LEU CG  CD2  sing N N 172 
LEU CG  HG   sing N N 173 
LEU CD1 HD11 sing N N 174 
LEU CD1 HD12 sing N N 175 
LEU CD1 HD13 sing N N 176 
LEU CD2 HD21 sing N N 177 
LEU CD2 HD22 sing N N 178 
LEU CD2 HD23 sing N N 179 
LEU OXT HXT  sing N N 180 
LYS N   CA   sing N N 181 
LYS N   H    sing N N 182 
LYS N   H2   sing N N 183 
LYS CA  C    sing N N 184 
LYS CA  CB   sing N N 185 
LYS CA  HA   sing N N 186 
LYS C   O    doub N N 187 
LYS C   OXT  sing N N 188 
LYS CB  CG   sing N N 189 
LYS CB  HB2  sing N N 190 
LYS CB  HB3  sing N N 191 
LYS CG  CD   sing N N 192 
LYS CG  HG2  sing N N 193 
LYS CG  HG3  sing N N 194 
LYS CD  CE   sing N N 195 
LYS CD  HD2  sing N N 196 
LYS CD  HD3  sing N N 197 
LYS CE  NZ   sing N N 198 
LYS CE  HE2  sing N N 199 
LYS CE  HE3  sing N N 200 
LYS NZ  HZ1  sing N N 201 
LYS NZ  HZ2  sing N N 202 
LYS NZ  HZ3  sing N N 203 
LYS OXT HXT  sing N N 204 
MET N   CA   sing N N 205 
MET N   H    sing N N 206 
MET N   H2   sing N N 207 
MET CA  C    sing N N 208 
MET CA  CB   sing N N 209 
MET CA  HA   sing N N 210 
MET C   O    doub N N 211 
MET C   OXT  sing N N 212 
MET CB  CG   sing N N 213 
MET CB  HB2  sing N N 214 
MET CB  HB3  sing N N 215 
MET CG  SD   sing N N 216 
MET CG  HG2  sing N N 217 
MET CG  HG3  sing N N 218 
MET SD  CE   sing N N 219 
MET CE  HE1  sing N N 220 
MET CE  HE2  sing N N 221 
MET CE  HE3  sing N N 222 
MET OXT HXT  sing N N 223 
PHE N   CA   sing N N 224 
PHE N   H    sing N N 225 
PHE N   H2   sing N N 226 
PHE CA  C    sing N N 227 
PHE CA  CB   sing N N 228 
PHE CA  HA   sing N N 229 
PHE C   O    doub N N 230 
PHE C   OXT  sing N N 231 
PHE CB  CG   sing N N 232 
PHE CB  HB2  sing N N 233 
PHE CB  HB3  sing N N 234 
PHE CG  CD1  doub Y N 235 
PHE CG  CD2  sing Y N 236 
PHE CD1 CE1  sing Y N 237 
PHE CD1 HD1  sing N N 238 
PHE CD2 CE2  doub Y N 239 
PHE CD2 HD2  sing N N 240 
PHE CE1 CZ   doub Y N 241 
PHE CE1 HE1  sing N N 242 
PHE CE2 CZ   sing Y N 243 
PHE CE2 HE2  sing N N 244 
PHE CZ  HZ   sing N N 245 
PHE OXT HXT  sing N N 246 
PRO N   CA   sing N N 247 
PRO N   CD   sing N N 248 
PRO N   H    sing N N 249 
PRO CA  C    sing N N 250 
PRO CA  CB   sing N N 251 
PRO CA  HA   sing N N 252 
PRO C   O    doub N N 253 
PRO C   OXT  sing N N 254 
PRO CB  CG   sing N N 255 
PRO CB  HB2  sing N N 256 
PRO CB  HB3  sing N N 257 
PRO CG  CD   sing N N 258 
PRO CG  HG2  sing N N 259 
PRO CG  HG3  sing N N 260 
PRO CD  HD2  sing N N 261 
PRO CD  HD3  sing N N 262 
PRO OXT HXT  sing N N 263 
SER N   CA   sing N N 264 
SER N   H    sing N N 265 
SER N   H2   sing N N 266 
SER CA  C    sing N N 267 
SER CA  CB   sing N N 268 
SER CA  HA   sing N N 269 
SER C   O    doub N N 270 
SER C   OXT  sing N N 271 
SER CB  OG   sing N N 272 
SER CB  HB2  sing N N 273 
SER CB  HB3  sing N N 274 
SER OG  HG   sing N N 275 
SER OXT HXT  sing N N 276 
SO4 S   O1   doub N N 277 
SO4 S   O2   doub N N 278 
SO4 S   O3   sing N N 279 
SO4 S   O4   sing N N 280 
THR N   CA   sing N N 281 
THR N   H    sing N N 282 
THR N   H2   sing N N 283 
THR CA  C    sing N N 284 
THR CA  CB   sing N N 285 
THR CA  HA   sing N N 286 
THR C   O    doub N N 287 
THR C   OXT  sing N N 288 
THR CB  OG1  sing N N 289 
THR CB  CG2  sing N N 290 
THR CB  HB   sing N N 291 
THR OG1 HG1  sing N N 292 
THR CG2 HG21 sing N N 293 
THR CG2 HG22 sing N N 294 
THR CG2 HG23 sing N N 295 
THR OXT HXT  sing N N 296 
TRP N   CA   sing N N 297 
TRP N   H    sing N N 298 
TRP N   H2   sing N N 299 
TRP CA  C    sing N N 300 
TRP CA  CB   sing N N 301 
TRP CA  HA   sing N N 302 
TRP C   O    doub N N 303 
TRP C   OXT  sing N N 304 
TRP CB  CG   sing N N 305 
TRP CB  HB2  sing N N 306 
TRP CB  HB3  sing N N 307 
TRP CG  CD1  doub Y N 308 
TRP CG  CD2  sing Y N 309 
TRP CD1 NE1  sing Y N 310 
TRP CD1 HD1  sing N N 311 
TRP CD2 CE2  doub Y N 312 
TRP CD2 CE3  sing Y N 313 
TRP NE1 CE2  sing Y N 314 
TRP NE1 HE1  sing N N 315 
TRP CE2 CZ2  sing Y N 316 
TRP CE3 CZ3  doub Y N 317 
TRP CE3 HE3  sing N N 318 
TRP CZ2 CH2  doub Y N 319 
TRP CZ2 HZ2  sing N N 320 
TRP CZ3 CH2  sing Y N 321 
TRP CZ3 HZ3  sing N N 322 
TRP CH2 HH2  sing N N 323 
TRP OXT HXT  sing N N 324 
TYR N   CA   sing N N 325 
TYR N   H    sing N N 326 
TYR N   H2   sing N N 327 
TYR CA  C    sing N N 328 
TYR CA  CB   sing N N 329 
TYR CA  HA   sing N N 330 
TYR C   O    doub N N 331 
TYR C   OXT  sing N N 332 
TYR CB  CG   sing N N 333 
TYR CB  HB2  sing N N 334 
TYR CB  HB3  sing N N 335 
TYR CG  CD1  doub Y N 336 
TYR CG  CD2  sing Y N 337 
TYR CD1 CE1  sing Y N 338 
TYR CD1 HD1  sing N N 339 
TYR CD2 CE2  doub Y N 340 
TYR CD2 HD2  sing N N 341 
TYR CE1 CZ   doub Y N 342 
TYR CE1 HE1  sing N N 343 
TYR CE2 CZ   sing Y N 344 
TYR CE2 HE2  sing N N 345 
TYR CZ  OH   sing N N 346 
TYR OH  HH   sing N N 347 
TYR OXT HXT  sing N N 348 
VAL N   CA   sing N N 349 
VAL N   H    sing N N 350 
VAL N   H2   sing N N 351 
VAL CA  C    sing N N 352 
VAL CA  CB   sing N N 353 
VAL CA  HA   sing N N 354 
VAL C   O    doub N N 355 
VAL C   OXT  sing N N 356 
VAL CB  CG1  sing N N 357 
VAL CB  CG2  sing N N 358 
VAL CB  HB   sing N N 359 
VAL CG1 HG11 sing N N 360 
VAL CG1 HG12 sing N N 361 
VAL CG1 HG13 sing N N 362 
VAL CG2 HG21 sing N N 363 
VAL CG2 HG22 sing N N 364 
VAL CG2 HG23 sing N N 365 
VAL OXT HXT  sing N N 366 
# 
_atom_sites.entry_id                    1ZBF 
_atom_sites.fract_transf_matrix[1][1]   0.01665614 
_atom_sites.fract_transf_matrix[1][2]   -0.00272919 
_atom_sites.fract_transf_matrix[1][3]   0.00370478 
_atom_sites.fract_transf_matrix[2][1]   0.00990165 
_atom_sites.fract_transf_matrix[2][2]   -0.00905556 
_atom_sites.fract_transf_matrix[2][3]   -0.01088819 
_atom_sites.fract_transf_matrix[3][1]   0.00417002 
_atom_sites.fract_transf_matrix[3][2]   0.01437176 
_atom_sites.fract_transf_matrix[3][3]   -0.00816060 
_atom_sites.fract_transf_vector[1]      0.043391 
_atom_sites.fract_transf_vector[2]      0.540023 
_atom_sites.fract_transf_vector[3]      0.436512 
# 
loop_
_atom_type.symbol 
C 
N 
O 
S 
# 
loop_
_atom_site.group_PDB 
_atom_site.id 
_atom_site.type_symbol 
_atom_site.label_atom_id 
_atom_site.label_alt_id 
_atom_site.label_comp_id 
_atom_site.label_asym_id 
_atom_site.label_entity_id 
_atom_site.label_seq_id 
_atom_site.pdbx_PDB_ins_code 
_atom_site.Cartn_x 
_atom_site.Cartn_y 
_atom_site.Cartn_z 
_atom_site.occupancy 
_atom_site.B_iso_or_equiv 
_atom_site.pdbx_formal_charge 
_atom_site.auth_seq_id 
_atom_site.auth_comp_id 
_atom_site.auth_asym_id 
_atom_site.auth_atom_id 
_atom_site.pdbx_PDB_model_num 
ATOM   1    N N   . GLU A 1 8   ? -12.567 4.443   16.586  1.00 29.94 ? 62  GLU A N   1 
ATOM   2    C CA  . GLU A 1 8   ? -12.349 5.877   16.245  1.00 27.10 ? 62  GLU A CA  1 
ATOM   3    C C   . GLU A 1 8   ? -11.120 6.045   15.354  1.00 26.01 ? 62  GLU A C   1 
ATOM   4    O O   . GLU A 1 8   ? -10.286 5.143   15.238  1.00 27.76 ? 62  GLU A O   1 
ATOM   5    C CB  . GLU A 1 8   ? -12.185 6.695   17.513  1.00 28.79 ? 62  GLU A CB  1 
ATOM   6    N N   . ILE A 1 9   ? -11.007 7.215   14.746  1.00 22.75 ? 63  ILE A N   1 
ATOM   7    C CA  . ILE A 1 9   ? -9.890  7.507   13.857  1.00 20.08 ? 63  ILE A CA  1 
ATOM   8    C C   . ILE A 1 9   ? -8.634  7.886   14.632  1.00 18.85 ? 63  ILE A C   1 
ATOM   9    O O   . ILE A 1 9   ? -8.690  8.677   15.579  1.00 19.52 ? 63  ILE A O   1 
ATOM   10   C CB  . ILE A 1 9   ? -10.225 8.687   12.917  1.00 20.16 ? 63  ILE A CB  1 
ATOM   11   C CG1 . ILE A 1 9   ? -11.430 8.335   12.045  1.00 21.77 ? 63  ILE A CG1 1 
ATOM   12   C CG2 . ILE A 1 9   ? -9.010  9.042   12.071  1.00 20.33 ? 63  ILE A CG2 1 
ATOM   13   C CD1 . ILE A 1 9   ? -11.931 9.498   11.195  1.00 24.24 ? 63  ILE A CD1 1 
ATOM   14   N N   . ILE A 1 10  ? -7.494  7.321   14.229  1.00 15.55 ? 64  ILE A N   1 
ATOM   15   C CA  . ILE A 1 10  ? -6.224  7.675   14.853  1.00 15.13 ? 64  ILE A CA  1 
ATOM   16   C C   . ILE A 1 10  ? -5.587  8.662   13.864  1.00 14.84 ? 64  ILE A C   1 
ATOM   17   O O   . ILE A 1 10  ? -5.058  8.277   12.821  1.00 15.18 ? 64  ILE A O   1 
ATOM   18   C CB  . ILE A 1 10  ? -5.330  6.428   15.054  1.00 17.75 ? 64  ILE A CB  1 
ATOM   19   C CG1 . ILE A 1 10  ? -6.000  5.488   16.069  1.00 19.94 ? 64  ILE A CG1 1 
ATOM   20   C CG2 . ILE A 1 10  ? -3.952  6.843   15.549  1.00 18.11 ? 64  ILE A CG2 1 
ATOM   21   C CD1 . ILE A 1 10  ? -5.283  4.178   16.281  1.00 22.15 ? 64  ILE A CD1 1 
ATOM   22   N N   . TRP A 1 11  ? -5.677  9.943   14.178  1.00 14.36 ? 65  TRP A N   1 
ATOM   23   C CA  . TRP A 1 11  ? -5.165  10.976  13.295  1.00 14.78 ? 65  TRP A CA  1 
ATOM   24   C C   . TRP A 1 11  ? -3.660  10.964  13.073  1.00 16.14 ? 65  TRP A C   1 
ATOM   25   O O   . TRP A 1 11  ? -3.194  11.324  11.989  1.00 17.01 ? 65  TRP A O   1 
ATOM   26   C CB  . TRP A 1 11  ? -5.646  12.347  13.791  1.00 16.43 ? 65  TRP A CB  1 
ATOM   27   C CG  . TRP A 1 11  ? -7.151  12.466  13.699  1.00 19.07 ? 65  TRP A CG  1 
ATOM   28   C CD1 . TRP A 1 11  ? -8.047  12.395  14.731  1.00 20.18 ? 65  TRP A CD1 1 
ATOM   29   C CD2 . TRP A 1 11  ? -7.936  12.610  12.499  1.00 19.58 ? 65  TRP A CD2 1 
ATOM   30   N NE1 . TRP A 1 11  ? -9.336  12.480  14.249  1.00 20.20 ? 65  TRP A NE1 1 
ATOM   31   C CE2 . TRP A 1 11  ? -9.299  12.613  12.888  1.00 19.92 ? 65  TRP A CE2 1 
ATOM   32   C CE3 . TRP A 1 11  ? -7.620  12.733  11.138  1.00 19.80 ? 65  TRP A CE3 1 
ATOM   33   C CZ2 . TRP A 1 11  ? -10.346 12.738  11.964  1.00 20.33 ? 65  TRP A CZ2 1 
ATOM   34   C CZ3 . TRP A 1 11  ? -8.668  12.856  10.217  1.00 20.45 ? 65  TRP A CZ3 1 
ATOM   35   C CH2 . TRP A 1 11  ? -10.013 12.859  10.637  1.00 21.42 ? 65  TRP A CH2 1 
ATOM   36   N N   . GLU A 1 12  ? -2.905  10.564  14.096  1.00 15.93 ? 66  GLU A N   1 
ATOM   37   C CA  . GLU A 1 12  ? -1.453  10.474  13.984  1.00 16.70 ? 66  GLU A CA  1 
ATOM   38   C C   . GLU A 1 12  ? -1.189  9.098   13.376  1.00 15.52 ? 66  GLU A C   1 
ATOM   39   O O   . GLU A 1 12  ? -0.914  8.114   14.070  1.00 15.94 ? 66  GLU A O   1 
ATOM   40   C CB  . GLU A 1 12  ? -0.805  10.610  15.363  1.00 20.87 ? 66  GLU A CB  1 
ATOM   41   C CG  . GLU A 1 12  ? -0.770  12.059  15.836  1.00 25.67 ? 66  GLU A CG  1 
ATOM   42   C CD  . GLU A 1 12  ? 0.045   12.945  14.899  1.00 30.75 ? 66  GLU A CD  1 
ATOM   43   O OE1 . GLU A 1 12  ? 1.240   12.649  14.686  1.00 32.84 ? 66  GLU A OE1 1 
ATOM   44   O OE2 . GLU A 1 12  ? -0.506  13.931  14.368  1.00 32.80 ? 66  GLU A OE2 1 
ATOM   45   N N   . SER A 1 13  ? -1.296  9.054   12.052  1.00 13.80 ? 67  SER A N   1 
ATOM   46   C CA  . SER A 1 13  ? -1.152  7.826   11.296  1.00 11.92 ? 67  SER A CA  1 
ATOM   47   C C   . SER A 1 13  ? -0.742  8.129   9.869   1.00 12.02 ? 67  SER A C   1 
ATOM   48   O O   . SER A 1 13  ? -0.683  9.289   9.457   1.00 12.16 ? 67  SER A O   1 
ATOM   49   C CB  . SER A 1 13  ? -2.483  7.077   11.287  1.00 11.90 ? 67  SER A CB  1 
ATOM   50   O OG  . SER A 1 13  ? -3.536  7.875   10.720  1.00 12.39 ? 67  SER A OG  1 
ATOM   51   N N   . LEU A 1 14  ? -0.452  7.060   9.138   1.00 10.35 ? 68  LEU A N   1 
ATOM   52   C CA  . LEU A 1 14  ? -0.049  7.134   7.737   1.00 10.56 ? 68  LEU A CA  1 
ATOM   53   C C   . LEU A 1 14  ? -1.171  6.514   6.918   1.00 10.93 ? 68  LEU A C   1 
ATOM   54   O O   . LEU A 1 14  ? -1.591  5.399   7.195   1.00 12.93 ? 68  LEU A O   1 
ATOM   55   C CB  . LEU A 1 14  ? 1.233   6.313   7.548   1.00 10.98 ? 68  LEU A CB  1 
ATOM   56   C CG  . LEU A 1 14  ? 1.719   6.037   6.114   1.00 13.21 ? 68  LEU A CG  1 
ATOM   57   C CD1 . LEU A 1 14  ? 2.139   7.350   5.473   1.00 14.45 ? 68  LEU A CD1 1 
ATOM   58   C CD2 . LEU A 1 14  ? 2.899   5.047   6.140   1.00 13.87 ? 68  LEU A CD2 1 
ATOM   59   N N   . SER A 1 15  ? -1.671  7.243   5.916   1.00 9.59  ? 69  SER A N   1 
ATOM   60   C CA  . SER A 1 15  ? -2.711  6.703   5.036   1.00 9.78  ? 69  SER A CA  1 
ATOM   61   C C   . SER A 1 15  ? -2.089  6.474   3.669   1.00 8.97  ? 69  SER A C   1 
ATOM   62   O O   . SER A 1 15  ? -1.372  7.338   3.156   1.00 10.07 ? 69  SER A O   1 
ATOM   63   C CB  . SER A 1 15  ? -3.872  7.687   4.884   1.00 9.13  ? 69  SER A CB  1 
ATOM   64   O OG  . SER A 1 15  ? -4.606  7.751   6.086   1.00 11.17 ? 69  SER A OG  1 
ATOM   65   N N   . VAL A 1 16  ? -2.332  5.294   3.099   1.00 7.70  ? 70  VAL A N   1 
ATOM   66   C CA  . VAL A 1 16  ? -1.809  4.976   1.773   1.00 8.86  ? 70  VAL A CA  1 
ATOM   67   C C   . VAL A 1 16  ? -2.940  4.656   0.814   1.00 9.20  ? 70  VAL A C   1 
ATOM   68   O O   . VAL A 1 16  ? -4.019  4.206   1.221   1.00 10.42 ? 70  VAL A O   1 
ATOM   69   C CB  . VAL A 1 16  ? -0.817  3.745   1.792   1.00 10.07 ? 70  VAL A CB  1 
ATOM   70   C CG1 . VAL A 1 16  ? 0.343   4.031   2.726   1.00 11.10 ? 70  VAL A CG1 1 
ATOM   71   C CG2 . VAL A 1 16  ? -1.531  2.461   2.213   1.00 10.40 ? 70  VAL A CG2 1 
ATOM   72   N N   . ASP A 1 17  ? -2.718  4.941   -0.465  1.00 8.95  ? 71  ASP A N   1 
ATOM   73   C CA  . ASP A 1 17  ? -3.701  4.608   -1.489  1.00 10.73 ? 71  ASP A CA  1 
ATOM   74   C C   . ASP A 1 17  ? -3.040  4.525   -2.847  1.00 11.81 ? 71  ASP A C   1 
ATOM   75   O O   . ASP A 1 17  ? -1.959  5.066   -3.067  1.00 9.22  ? 71  ASP A O   1 
ATOM   76   C CB  . ASP A 1 17  ? -4.848  5.616   -1.517  1.00 12.21 ? 71  ASP A CB  1 
ATOM   77   C CG  . ASP A 1 17  ? -6.114  5.042   -2.141  1.00 16.73 ? 71  ASP A CG  1 
ATOM   78   O OD1 . ASP A 1 17  ? -6.269  3.795   -2.227  1.00 17.18 ? 71  ASP A OD1 1 
ATOM   79   O OD2 . ASP A 1 17  ? -6.974  5.856   -2.530  1.00 18.03 ? 71  ASP A OD2 1 
ATOM   80   N N   . VAL A 1 18  ? -3.725  3.824   -3.740  1.00 14.46 ? 72  VAL A N   1 
ATOM   81   C CA  . VAL A 1 18  ? -3.271  3.554   -5.093  1.00 13.33 ? 72  VAL A CA  1 
ATOM   82   C C   . VAL A 1 18  ? -4.059  4.337   -6.128  1.00 13.96 ? 72  VAL A C   1 
ATOM   83   O O   . VAL A 1 18  ? -5.230  4.657   -5.932  1.00 14.84 ? 72  VAL A O   1 
ATOM   84   C CB  . VAL A 1 18  ? -3.389  2.009   -5.382  1.00 13.62 ? 72  VAL A CB  1 
ATOM   85   C CG1 . VAL A 1 18  ? -4.846  1.569   -5.321  1.00 15.16 ? 72  VAL A CG1 1 
ATOM   86   C CG2 . VAL A 1 18  ? -2.826  1.665   -6.743  1.00 15.30 ? 72  VAL A CG2 1 
ATOM   87   N N   . GLY A 1 19  ? -3.375  4.671   -7.215  1.00 14.27 ? 73  GLY A N   1 
ATOM   88   C CA  . GLY A 1 19  ? -3.994  5.352   -8.335  1.00 13.91 ? 73  GLY A CA  1 
ATOM   89   C C   . GLY A 1 19  ? -3.765  4.391   -9.496  1.00 15.09 ? 73  GLY A C   1 
ATOM   90   O O   . GLY A 1 19  ? -2.620  4.009   -9.759  1.00 13.86 ? 73  GLY A O   1 
ATOM   91   N N   . SER A 1 20  ? -4.819  3.961   -10.181 1.00 16.28 ? 74  SER A N   1 
ATOM   92   C CA  . SER A 1 20  ? -4.629  3.030   -11.288 1.00 16.79 ? 74  SER A CA  1 
ATOM   93   C C   . SER A 1 20  ? -5.493  3.349   -12.501 1.00 18.49 ? 74  SER A C   1 
ATOM   94   O O   . SER A 1 20  ? -6.506  4.037   -12.392 1.00 20.64 ? 74  SER A O   1 
ATOM   95   C CB  . SER A 1 20  ? -4.892  1.584   -10.826 1.00 20.37 ? 74  SER A CB  1 
ATOM   96   O OG  . SER A 1 20  ? -6.248  1.385   -10.459 1.00 21.84 ? 74  SER A OG  1 
ATOM   97   N N   . GLN A 1 21  ? -5.054  2.867   -13.657 1.00 18.66 ? 75  GLN A N   1 
ATOM   98   C CA  . GLN A 1 21  ? -5.763  3.050   -14.927 1.00 22.70 ? 75  GLN A CA  1 
ATOM   99   C C   . GLN A 1 21  ? -5.749  1.704   -15.630 1.00 24.89 ? 75  GLN A C   1 
ATOM   100  O O   . GLN A 1 21  ? -4.788  0.946   -15.502 1.00 26.36 ? 75  GLN A O   1 
ATOM   101  C CB  . GLN A 1 21  ? -5.042  4.061   -15.814 1.00 24.25 ? 75  GLN A CB  1 
ATOM   102  C CG  . GLN A 1 21  ? -4.997  5.462   -15.262 1.00 26.18 ? 75  GLN A CG  1 
ATOM   103  C CD  . GLN A 1 21  ? -3.918  6.306   -15.935 1.00 28.80 ? 75  GLN A CD  1 
ATOM   104  O OE1 . GLN A 1 21  ? -2.857  6.539   -15.364 1.00 28.12 ? 75  GLN A OE1 1 
ATOM   105  N NE2 . GLN A 1 21  ? -4.184  6.747   -17.157 1.00 31.54 ? 75  GLN A NE2 1 
ATOM   106  N N   . GLY A 1 22  ? -6.807  1.405   -16.376 1.00 27.53 ? 76  GLY A N   1 
ATOM   107  C CA  . GLY A 1 22  ? -6.864  0.135   -17.081 1.00 28.97 ? 76  GLY A CA  1 
ATOM   108  C C   . GLY A 1 22  ? -6.806  -1.060  -16.146 1.00 29.88 ? 76  GLY A C   1 
ATOM   109  O O   . GLY A 1 22  ? -6.953  -0.919  -14.934 1.00 30.42 ? 76  GLY A O   1 
ATOM   110  N N   . ASN A 1 23  ? -6.578  -2.244  -16.709 1.00 30.72 ? 77  ASN A N   1 
ATOM   111  C CA  . ASN A 1 23  ? -6.504  -3.467  -15.919 1.00 30.62 ? 77  ASN A CA  1 
ATOM   112  C C   . ASN A 1 23  ? -5.890  -4.613  -16.736 1.00 29.20 ? 77  ASN A C   1 
ATOM   113  O O   . ASN A 1 23  ? -6.605  -5.429  -17.318 1.00 30.70 ? 77  ASN A O   1 
ATOM   114  C CB  . ASN A 1 23  ? -7.903  -3.876  -15.466 1.00 33.47 ? 77  ASN A CB  1 
ATOM   115  C CG  . ASN A 1 23  ? -7.892  -5.122  -14.609 1.00 34.79 ? 77  ASN A CG  1 
ATOM   116  O OD1 . ASN A 1 23  ? -8.848  -5.902  -14.621 1.00 36.86 ? 77  ASN A OD1 1 
ATOM   117  N ND2 . ASN A 1 23  ? -6.814  -5.314  -13.848 1.00 35.31 ? 77  ASN A ND2 1 
ATOM   118  N N   . PRO A 1 24  ? -4.556  -4.713  -16.764 1.00 26.50 ? 78  PRO A N   1 
ATOM   119  C CA  . PRO A 1 24  ? -3.600  -3.838  -16.090 1.00 23.17 ? 78  PRO A CA  1 
ATOM   120  C C   . PRO A 1 24  ? -3.358  -2.548  -16.865 1.00 22.52 ? 78  PRO A C   1 
ATOM   121  O O   . PRO A 1 24  ? -3.696  -2.432  -18.039 1.00 21.56 ? 78  PRO A O   1 
ATOM   122  C CB  . PRO A 1 24  ? -2.363  -4.711  -16.013 1.00 23.24 ? 78  PRO A CB  1 
ATOM   123  C CG  . PRO A 1 24  ? -2.383  -5.367  -17.357 1.00 24.75 ? 78  PRO A CG  1 
ATOM   124  C CD  . PRO A 1 24  ? -3.852  -5.764  -17.516 1.00 26.20 ? 78  PRO A CD  1 
ATOM   125  N N   . GLY A 1 25  ? -2.767  -1.579  -16.183 1.00 18.93 ? 79  GLY A N   1 
ATOM   126  C CA  . GLY A 1 25  ? -2.466  -0.295  -16.782 1.00 17.10 ? 79  GLY A CA  1 
ATOM   127  C C   . GLY A 1 25  ? -1.505  0.416   -15.846 1.00 14.25 ? 79  GLY A C   1 
ATOM   128  O O   . GLY A 1 25  ? -0.958  -0.209  -14.917 1.00 13.86 ? 79  GLY A O   1 
ATOM   129  N N   . ILE A 1 26  ? -1.313  1.712   -16.065 1.00 13.03 ? 80  ILE A N   1 
ATOM   130  C CA  . ILE A 1 26  ? -0.397  2.492   -15.228 1.00 12.31 ? 80  ILE A CA  1 
ATOM   131  C C   . ILE A 1 26  ? -0.867  2.517   -13.771 1.00 11.19 ? 80  ILE A C   1 
ATOM   132  O O   . ILE A 1 26  ? -2.034  2.790   -13.484 1.00 12.71 ? 80  ILE A O   1 
ATOM   133  C CB  . ILE A 1 26  ? -0.289  3.939   -15.733 1.00 11.88 ? 80  ILE A CB  1 
ATOM   134  C CG1 . ILE A 1 26  ? 0.212   3.936   -17.179 1.00 12.85 ? 80  ILE A CG1 1 
ATOM   135  C CG2 . ILE A 1 26  ? 0.634   4.739   -14.833 1.00 11.97 ? 80  ILE A CG2 1 
ATOM   136  C CD1 . ILE A 1 26  ? 0.197   5.307   -17.829 1.00 15.84 ? 80  ILE A CD1 1 
ATOM   137  N N   . VAL A 1 27  ? 0.057   2.245   -12.848 1.00 9.98  ? 81  VAL A N   1 
ATOM   138  C CA  . VAL A 1 27  ? -0.273  2.243   -11.432 1.00 10.77 ? 81  VAL A CA  1 
ATOM   139  C C   . VAL A 1 27  ? 0.746   3.053   -10.638 1.00 11.07 ? 81  VAL A C   1 
ATOM   140  O O   . VAL A 1 27  ? 1.940   3.060   -10.949 1.00 10.51 ? 81  VAL A O   1 
ATOM   141  C CB  . VAL A 1 27  ? -0.327  0.795   -10.870 1.00 13.00 ? 81  VAL A CB  1 
ATOM   142  C CG1 . VAL A 1 27  ? 0.956   0.079   -11.134 1.00 16.41 ? 81  VAL A CG1 1 
ATOM   143  C CG2 . VAL A 1 27  ? -0.614  0.809   -9.385  1.00 16.39 ? 81  VAL A CG2 1 
ATOM   144  N N   . GLU A 1 28  ? 0.252   3.773   -9.630  1.00 9.87  ? 82  GLU A N   1 
ATOM   145  C CA  . GLU A 1 28  ? 1.124   4.536   -8.744  1.00 9.25  ? 82  GLU A CA  1 
ATOM   146  C C   . GLU A 1 28  ? 0.477   4.475   -7.369  1.00 8.68  ? 82  GLU A C   1 
ATOM   147  O O   . GLU A 1 28  ? -0.642  3.979   -7.210  1.00 9.89  ? 82  GLU A O   1 
ATOM   148  C CB  . GLU A 1 28  ? 1.242   6.004   -9.204  1.00 9.01  ? 82  GLU A CB  1 
ATOM   149  C CG  . GLU A 1 28  ? -0.085  6.764   -9.219  1.00 10.41 ? 82  GLU A CG  1 
ATOM   150  C CD  . GLU A 1 28  ? 0.059   8.187   -9.740  1.00 9.61  ? 82  GLU A CD  1 
ATOM   151  O OE1 . GLU A 1 28  ? -0.963  8.788   -10.131 1.00 11.54 ? 82  GLU A OE1 1 
ATOM   152  O OE2 . GLU A 1 28  ? 1.200   8.696   -9.744  1.00 11.27 ? 82  GLU A OE2 1 
ATOM   153  N N   . TYR A 1 29  ? 1.189   4.938   -6.355  1.00 8.03  ? 83  TYR A N   1 
ATOM   154  C CA  . TYR A 1 29  ? 0.614   4.964   -5.013  1.00 9.00  ? 83  TYR A CA  1 
ATOM   155  C C   . TYR A 1 29  ? 1.351   6.007   -4.195  1.00 9.36  ? 83  TYR A C   1 
ATOM   156  O O   . TYR A 1 29  ? 2.418   6.484   -4.585  1.00 8.78  ? 83  TYR A O   1 
ATOM   157  C CB  . TYR A 1 29  ? 0.698   3.560   -4.335  1.00 8.37  ? 83  TYR A CB  1 
ATOM   158  C CG  . TYR A 1 29  ? 2.096   3.064   -4.030  1.00 8.12  ? 83  TYR A CG  1 
ATOM   159  C CD1 . TYR A 1 29  ? 2.848   3.606   -2.980  1.00 9.65  ? 83  TYR A CD1 1 
ATOM   160  C CD2 . TYR A 1 29  ? 2.665   2.063   -4.797  1.00 9.38  ? 83  TYR A CD2 1 
ATOM   161  C CE1 . TYR A 1 29  ? 4.141   3.154   -2.712  1.00 11.35 ? 83  TYR A CE1 1 
ATOM   162  C CE2 . TYR A 1 29  ? 3.957   1.607   -4.543  1.00 10.28 ? 83  TYR A CE2 1 
ATOM   163  C CZ  . TYR A 1 29  ? 4.691   2.160   -3.502  1.00 10.97 ? 83  TYR A CZ  1 
ATOM   164  O OH  . TYR A 1 29  ? 5.991   1.756   -3.257  1.00 13.40 ? 83  TYR A OH  1 
ATOM   165  N N   . LYS A 1 30  ? 0.781   6.361   -3.051  1.00 8.55  ? 84  LYS A N   1 
ATOM   166  C CA  . LYS A 1 30  ? 1.420   7.328   -2.186  1.00 9.58  ? 84  LYS A CA  1 
ATOM   167  C C   . LYS A 1 30  ? 0.973   7.112   -0.759  1.00 8.32  ? 84  LYS A C   1 
ATOM   168  O O   . LYS A 1 30  ? -0.018  6.435   -0.497  1.00 8.73  ? 84  LYS A O   1 
ATOM   169  C CB  . LYS A 1 30  ? 1.087   8.762   -2.622  1.00 10.32 ? 84  LYS A CB  1 
ATOM   170  C CG  . LYS A 1 30  ? -0.384  9.176   -2.486  1.00 10.54 ? 84  LYS A CG  1 
ATOM   171  C CD  . LYS A 1 30  ? -0.500  10.654  -2.910  1.00 13.90 ? 84  LYS A CD  1 
ATOM   172  C CE  . LYS A 1 30  ? -1.897  11.218  -2.746  1.00 17.12 ? 84  LYS A CE  1 
ATOM   173  N NZ  . LYS A 1 30  ? -2.818  10.729  -3.792  1.00 15.25 ? 84  LYS A NZ  1 
ATOM   174  N N   . GLY A 1 31  ? 1.734   7.712   0.147   1.00 8.53  ? 85  GLY A N   1 
ATOM   175  C CA  . GLY A 1 31  ? 1.443   7.665   1.566   1.00 7.77  ? 85  GLY A CA  1 
ATOM   176  C C   . GLY A 1 31  ? 1.385   9.099   2.060   1.00 10.10 ? 85  GLY A C   1 
ATOM   177  O O   . GLY A 1 31  ? 2.256   9.907   1.731   1.00 9.64  ? 85  GLY A O   1 
ATOM   178  N N   . VAL A 1 32  ? 0.369   9.428   2.856   1.00 10.01 ? 86  VAL A N   1 
ATOM   179  C CA  . VAL A 1 32  ? 0.257   10.791  3.369   1.00 11.24 ? 86  VAL A CA  1 
ATOM   180  C C   . VAL A 1 32  ? -0.038  10.811  4.856   1.00 11.52 ? 86  VAL A C   1 
ATOM   181  O O   . VAL A 1 32  ? -0.503  9.824   5.429   1.00 11.38 ? 86  VAL A O   1 
ATOM   182  C CB  . VAL A 1 32  ? -0.873  11.610  2.647   1.00 12.03 ? 86  VAL A CB  1 
ATOM   183  C CG1 . VAL A 1 32  ? -0.748  11.481  1.140   1.00 13.51 ? 86  VAL A CG1 1 
ATOM   184  C CG2 . VAL A 1 32  ? -2.240  11.144  3.098   1.00 11.26 ? 86  VAL A CG2 1 
ATOM   185  N N   . ASP A 1 33  ? 0.218   11.958  5.475   1.00 12.41 ? 87  ASP A N   1 
ATOM   186  C CA  . ASP A 1 33  ? -0.074  12.120  6.895   1.00 12.08 ? 87  ASP A CA  1 
ATOM   187  C C   . ASP A 1 33  ? -1.593  12.249  6.973   1.00 12.88 ? 87  ASP A C   1 
ATOM   188  O O   . ASP A 1 33  ? -2.192  13.093  6.318   1.00 12.49 ? 87  ASP A O   1 
ATOM   189  C CB  . ASP A 1 33  ? 0.607   13.383  7.403   1.00 12.70 ? 87  ASP A CB  1 
ATOM   190  C CG  . ASP A 1 33  ? 0.308   13.660  8.856   1.00 15.48 ? 87  ASP A CG  1 
ATOM   191  O OD1 . ASP A 1 33  ? 1.268   13.681  9.641   1.00 24.11 ? 87  ASP A OD1 1 
ATOM   192  O OD2 . ASP A 1 33  ? -0.877  13.864  9.202   1.00 18.48 ? 87  ASP A OD2 1 
ATOM   193  N N   . THR A 1 34  ? -2.227  11.387  7.756   1.00 12.06 ? 88  THR A N   1 
ATOM   194  C CA  . THR A 1 34  ? -3.676  11.398  7.854   1.00 12.08 ? 88  THR A CA  1 
ATOM   195  C C   . THR A 1 34  ? -4.284  12.710  8.332   1.00 13.76 ? 88  THR A C   1 
ATOM   196  O O   . THR A 1 34  ? -5.370  13.096  7.888   1.00 16.26 ? 88  THR A O   1 
ATOM   197  C CB  . THR A 1 34  ? -4.139  10.261  8.777   1.00 11.35 ? 88  THR A CB  1 
ATOM   198  O OG1 . THR A 1 34  ? -3.601  9.036   8.269   1.00 10.63 ? 88  THR A OG1 1 
ATOM   199  C CG2 . THR A 1 34  ? -5.645  10.157  8.811   1.00 12.57 ? 88  THR A CG2 1 
ATOM   200  N N   . LYS A 1 35  ? -3.573  13.385  9.220   1.00 16.77 ? 89  LYS A N   1 
ATOM   201  C CA  . LYS A 1 35  ? -4.071  14.634  9.764   1.00 18.52 ? 89  LYS A CA  1 
ATOM   202  C C   . LYS A 1 35  ? -3.881  15.835  8.844   1.00 18.51 ? 89  LYS A C   1 
ATOM   203  O O   . LYS A 1 35  ? -4.828  16.584  8.598   1.00 19.99 ? 89  LYS A O   1 
ATOM   204  C CB  . LYS A 1 35  ? -3.404  14.916  11.106  1.00 19.97 ? 89  LYS A CB  1 
ATOM   205  C CG  . LYS A 1 35  ? -3.771  16.277  11.691  1.00 25.18 ? 89  LYS A CG  1 
ATOM   206  C CD  . LYS A 1 35  ? -3.073  16.530  13.014  1.00 27.42 ? 89  LYS A CD  1 
ATOM   207  C CE  . LYS A 1 35  ? -3.506  15.526  14.062  1.00 30.27 ? 89  LYS A CE  1 
ATOM   208  N NZ  . LYS A 1 35  ? -3.032  15.932  15.417  1.00 32.70 ? 89  LYS A NZ  1 
ATOM   209  N N   . THR A 1 36  ? -2.668  16.005  8.330   1.00 17.58 ? 90  THR A N   1 
ATOM   210  C CA  . THR A 1 36  ? -2.356  17.170  7.494   1.00 17.96 ? 90  THR A CA  1 
ATOM   211  C C   . THR A 1 36  ? -2.522  16.987  5.994   1.00 18.21 ? 90  THR A C   1 
ATOM   212  O O   . THR A 1 36  ? -2.740  17.961  5.261   1.00 18.04 ? 90  THR A O   1 
ATOM   213  C CB  . THR A 1 36  ? -0.908  17.646  7.720   1.00 17.61 ? 90  THR A CB  1 
ATOM   214  O OG1 . THR A 1 36  ? -0.001  16.671  7.187   1.00 17.84 ? 90  THR A OG1 1 
ATOM   215  C CG2 . THR A 1 36  ? -0.605  17.824  9.219   1.00 18.80 ? 90  THR A CG2 1 
ATOM   216  N N   . GLY A 1 37  ? -2.425  15.742  5.529   1.00 15.99 ? 91  GLY A N   1 
ATOM   217  C CA  . GLY A 1 37  ? -2.527  15.509  4.104   1.00 16.05 ? 91  GLY A CA  1 
ATOM   218  C C   . GLY A 1 37  ? -1.151  15.640  3.452   1.00 15.24 ? 91  GLY A C   1 
ATOM   219  O O   . GLY A 1 37  ? -1.034  15.473  2.248   1.00 16.06 ? 91  GLY A O   1 
ATOM   220  N N   . GLU A 1 38  ? -0.110  15.939  4.227   1.00 16.14 ? 92  GLU A N   1 
ATOM   221  C CA  . GLU A 1 38  ? 1.224   16.064  3.653   1.00 14.63 ? 92  GLU A CA  1 
ATOM   222  C C   . GLU A 1 38  ? 1.663   14.751  3.013   1.00 14.60 ? 92  GLU A C   1 
ATOM   223  O O   . GLU A 1 38  ? 1.513   13.679  3.609   1.00 14.40 ? 92  GLU A O   1 
ATOM   224  C CB  . GLU A 1 38  ? 2.256   16.444  4.715   1.00 17.50 ? 92  GLU A CB  1 
ATOM   225  C CG  . GLU A 1 38  ? 3.648   16.697  4.130   1.00 20.62 ? 92  GLU A CG  1 
ATOM   226  C CD  . GLU A 1 38  ? 4.750   16.765  5.172   1.00 23.69 ? 92  GLU A CD  1 
ATOM   227  O OE1 . GLU A 1 38  ? 4.449   16.731  6.381   1.00 25.97 ? 92  GLU A OE1 1 
ATOM   228  O OE2 . GLU A 1 38  ? 5.929   16.852  4.766   1.00 27.14 ? 92  GLU A OE2 1 
ATOM   229  N N   . VAL A 1 39  ? 2.214   14.827  1.805   1.00 13.58 ? 93  VAL A N   1 
ATOM   230  C CA  . VAL A 1 39  ? 2.685   13.617  1.128   1.00 13.63 ? 93  VAL A CA  1 
ATOM   231  C C   . VAL A 1 39  ? 4.034   13.209  1.697   1.00 13.61 ? 93  VAL A C   1 
ATOM   232  O O   . VAL A 1 39  ? 4.988   14.001  1.706   1.00 16.53 ? 93  VAL A O   1 
ATOM   233  C CB  . VAL A 1 39  ? 2.842   13.835  -0.387  1.00 14.33 ? 93  VAL A CB  1 
ATOM   234  C CG1 . VAL A 1 39  ? 3.353   12.567  -1.056  1.00 16.22 ? 93  VAL A CG1 1 
ATOM   235  C CG2 . VAL A 1 39  ? 1.521   14.211  -0.972  1.00 16.72 ? 93  VAL A CG2 1 
ATOM   236  N N   . LEU A 1 40  ? 4.118   11.969  2.175   1.00 13.10 ? 94  LEU A N   1 
ATOM   237  C CA  . LEU A 1 40  ? 5.341   11.447  2.774   1.00 12.96 ? 94  LEU A CA  1 
ATOM   238  C C   . LEU A 1 40  ? 6.165   10.592  1.798   1.00 12.60 ? 94  LEU A C   1 
ATOM   239  O O   . LEU A 1 40  ? 7.395   10.537  1.902   1.00 14.36 ? 94  LEU A O   1 
ATOM   240  C CB  . LEU A 1 40  ? 4.984   10.682  4.059   1.00 13.05 ? 94  LEU A CB  1 
ATOM   241  C CG  . LEU A 1 40  ? 4.195   11.558  5.038   1.00 14.22 ? 94  LEU A CG  1 
ATOM   242  C CD1 . LEU A 1 40  ? 3.766   10.749  6.247   1.00 15.35 ? 94  LEU A CD1 1 
ATOM   243  C CD2 . LEU A 1 40  ? 5.046   12.752  5.477   1.00 16.72 ? 94  LEU A CD2 1 
ATOM   244  N N   . PHE A 1 41  ? 5.497   9.911   0.864   1.00 11.64 ? 95  PHE A N   1 
ATOM   245  C CA  . PHE A 1 41  ? 6.190   9.161   -0.186  1.00 10.17 ? 95  PHE A CA  1 
ATOM   246  C C   . PHE A 1 41  ? 5.256   8.959   -1.370  1.00 10.77 ? 95  PHE A C   1 
ATOM   247  O O   . PHE A 1 41  ? 4.036   8.948   -1.215  1.00 11.32 ? 95  PHE A O   1 
ATOM   248  C CB  . PHE A 1 41  ? 6.760   7.811   0.311   1.00 11.22 ? 95  PHE A CB  1 
ATOM   249  C CG  . PHE A 1 41  ? 5.737   6.861   0.866   1.00 10.69 ? 95  PHE A CG  1 
ATOM   250  C CD1 . PHE A 1 41  ? 4.970   6.060   0.016   1.00 11.50 ? 95  PHE A CD1 1 
ATOM   251  C CD2 . PHE A 1 41  ? 5.597   6.708   2.243   1.00 11.85 ? 95  PHE A CD2 1 
ATOM   252  C CE1 . PHE A 1 41  ? 4.070   5.103   0.536   1.00 10.18 ? 95  PHE A CE1 1 
ATOM   253  C CE2 . PHE A 1 41  ? 4.704   5.765   2.777   1.00 11.82 ? 95  PHE A CE2 1 
ATOM   254  C CZ  . PHE A 1 41  ? 3.943   4.959   1.918   1.00 10.31 ? 95  PHE A CZ  1 
ATOM   255  N N   . GLU A 1 42  ? 5.837   8.853   -2.559  1.00 12.25 ? 96  GLU A N   1 
ATOM   256  C CA  . GLU A 1 42  ? 5.074   8.656   -3.783  1.00 13.36 ? 96  GLU A CA  1 
ATOM   257  C C   . GLU A 1 42  ? 5.857   7.714   -4.670  1.00 12.07 ? 96  GLU A C   1 
ATOM   258  O O   . GLU A 1 42  ? 7.067   7.845   -4.787  1.00 16.01 ? 96  GLU A O   1 
ATOM   259  C CB  . GLU A 1 42  ? 4.886   9.981   -4.539  1.00 14.02 ? 96  GLU A CB  1 
ATOM   260  C CG  . GLU A 1 42  ? 3.952   10.976  -3.882  1.00 16.45 ? 96  GLU A CG  1 
ATOM   261  C CD  . GLU A 1 42  ? 3.945   12.319  -4.573  1.00 19.41 ? 96  GLU A CD  1 
ATOM   262  O OE1 . GLU A 1 42  ? 4.971   13.023  -4.505  1.00 19.87 ? 96  GLU A OE1 1 
ATOM   263  O OE2 . GLU A 1 42  ? 2.912   12.662  -5.181  1.00 22.87 ? 96  GLU A OE2 1 
ATOM   264  N N   . ARG A 1 43  ? 5.169   6.761   -5.275  1.00 10.64 ? 97  ARG A N   1 
ATOM   265  C CA  . ARG A 1 43  ? 5.797   5.813   -6.185  1.00 10.55 ? 97  ARG A CA  1 
ATOM   266  C C   . ARG A 1 43  ? 5.665   6.322   -7.618  1.00 9.82  ? 97  ARG A C   1 
ATOM   267  O O   . ARG A 1 43  ? 4.573   6.704   -8.045  1.00 10.25 ? 97  ARG A O   1 
ATOM   268  C CB  . ARG A 1 43  ? 5.114   4.436   -6.067  1.00 11.41 ? 97  ARG A CB  1 
ATOM   269  C CG  . ARG A 1 43  ? 5.404   3.466   -7.234  1.00 13.29 ? 97  ARG A CG  1 
ATOM   270  C CD  . ARG A 1 43  ? 6.830   2.939   -7.214  1.00 15.34 ? 97  ARG A CD  1 
ATOM   271  N NE  . ARG A 1 43  ? 7.359   2.798   -8.572  1.00 13.96 ? 97  ARG A NE  1 
ATOM   272  C CZ  . ARG A 1 43  ? 8.464   2.126   -8.891  1.00 12.63 ? 97  ARG A CZ  1 
ATOM   273  N NH1 . ARG A 1 43  ? 9.170   1.509   -7.957  1.00 16.02 ? 97  ARG A NH1 1 
ATOM   274  N NH2 . ARG A 1 43  ? 8.873   2.103   -10.147 1.00 14.78 ? 97  ARG A NH2 1 
ATOM   275  N N   . GLU A 1 44  ? 6.780   6.334   -8.346  1.00 10.77 ? 98  GLU A N   1 
ATOM   276  C CA  . GLU A 1 44  ? 6.801   6.737   -9.745  1.00 12.53 ? 98  GLU A CA  1 
ATOM   277  C C   . GLU A 1 44  ? 5.890   5.768   -10.519 1.00 11.73 ? 98  GLU A C   1 
ATOM   278  O O   . GLU A 1 44  ? 5.921   4.550   -10.304 1.00 11.57 ? 98  GLU A O   1 
ATOM   279  C CB  . GLU A 1 44  ? 8.238   6.646   -10.265 1.00 15.65 ? 98  GLU A CB  1 
ATOM   280  C CG  . GLU A 1 44  ? 8.401   6.932   -11.750 1.00 21.56 ? 98  GLU A CG  1 
ATOM   281  C CD  . GLU A 1 44  ? 9.814   6.681   -12.213 1.00 24.81 ? 98  GLU A CD  1 
ATOM   282  O OE1 . GLU A 1 44  ? 10.608  7.638   -12.230 1.00 27.31 ? 98  GLU A OE1 1 
ATOM   283  O OE2 . GLU A 1 44  ? 10.124  5.518   -12.549 1.00 26.77 ? 98  GLU A OE2 1 
ATOM   284  N N   . PRO A 1 45  ? 5.067   6.295   -11.436 1.00 11.20 ? 99  PRO A N   1 
ATOM   285  C CA  . PRO A 1 45  ? 4.163   5.440   -12.206 1.00 11.44 ? 99  PRO A CA  1 
ATOM   286  C C   . PRO A 1 45  ? 4.819   4.207   -12.817 1.00 11.21 ? 99  PRO A C   1 
ATOM   287  O O   . PRO A 1 45  ? 5.867   4.308   -13.472 1.00 13.65 ? 99  PRO A O   1 
ATOM   288  C CB  . PRO A 1 45  ? 3.618   6.379   -13.275 1.00 11.78 ? 99  PRO A CB  1 
ATOM   289  C CG  . PRO A 1 45  ? 3.534   7.688   -12.530 1.00 11.91 ? 99  PRO A CG  1 
ATOM   290  C CD  . PRO A 1 45  ? 4.815   7.726   -11.716 1.00 10.75 ? 99  PRO A CD  1 
ATOM   291  N N   . ILE A 1 46  ? 4.201   3.056   -12.576 1.00 11.13 ? 100 ILE A N   1 
ATOM   292  C CA  . ILE A 1 46  ? 4.657   1.766   -13.109 1.00 11.45 ? 100 ILE A CA  1 
ATOM   293  C C   . ILE A 1 46  ? 3.772   1.563   -14.347 1.00 12.68 ? 100 ILE A C   1 
ATOM   294  O O   . ILE A 1 46  ? 2.548   1.517   -14.243 1.00 12.93 ? 100 ILE A O   1 
ATOM   295  C CB  . ILE A 1 46  ? 4.420   0.661   -12.072 1.00 11.06 ? 100 ILE A CB  1 
ATOM   296  C CG1 . ILE A 1 46  ? 5.233   0.968   -10.802 1.00 12.01 ? 100 ILE A CG1 1 
ATOM   297  C CG2 . ILE A 1 46  ? 4.815   -0.712  -12.655 1.00 12.87 ? 100 ILE A CG2 1 
ATOM   298  C CD1 . ILE A 1 46  ? 4.835   0.188   -9.582  1.00 14.38 ? 100 ILE A CD1 1 
ATOM   299  N N   . PRO A 1 47  ? 4.376   1.422   -15.540 1.00 13.22 ? 101 PRO A N   1 
ATOM   300  C CA  . PRO A 1 47  ? 3.581   1.249   -16.756 1.00 13.29 ? 101 PRO A CA  1 
ATOM   301  C C   . PRO A 1 47  ? 2.473   0.202   -16.750 1.00 13.21 ? 101 PRO A C   1 
ATOM   302  O O   . PRO A 1 47  ? 1.365   0.472   -17.211 1.00 14.00 ? 101 PRO A O   1 
ATOM   303  C CB  . PRO A 1 47  ? 4.645   0.978   -17.825 1.00 13.24 ? 101 PRO A CB  1 
ATOM   304  C CG  . PRO A 1 47  ? 5.788   1.757   -17.351 1.00 13.50 ? 101 PRO A CG  1 
ATOM   305  C CD  . PRO A 1 47  ? 5.814   1.501   -15.857 1.00 12.79 ? 101 PRO A CD  1 
ATOM   306  N N   . ILE A 1 48  ? 2.756   -0.987  -16.224 1.00 12.65 ? 102 ILE A N   1 
ATOM   307  C CA  . ILE A 1 48  ? 1.750   -2.050  -16.215 1.00 13.65 ? 102 ILE A CA  1 
ATOM   308  C C   . ILE A 1 48  ? 1.619   -2.723  -14.854 1.00 13.18 ? 102 ILE A C   1 
ATOM   309  O O   . ILE A 1 48  ? 2.553   -3.352  -14.369 1.00 12.88 ? 102 ILE A O   1 
ATOM   310  C CB  . ILE A 1 48  ? 2.105   -3.157  -17.278 1.00 15.81 ? 102 ILE A CB  1 
ATOM   311  C CG1 . ILE A 1 48  ? 2.052   -2.582  -18.697 1.00 16.91 ? 102 ILE A CG1 1 
ATOM   312  C CG2 . ILE A 1 48  ? 1.161   -4.345  -17.153 1.00 17.21 ? 102 ILE A CG2 1 
ATOM   313  C CD1 . ILE A 1 48  ? 0.667   -2.194  -19.168 1.00 19.43 ? 102 ILE A CD1 1 
ATOM   314  N N   . GLY A 1 49  ? 0.436   -2.616  -14.251 1.00 13.54 ? 103 GLY A N   1 
ATOM   315  C CA  . GLY A 1 49  ? 0.186   -3.245  -12.967 1.00 12.65 ? 103 GLY A CA  1 
ATOM   316  C C   . GLY A 1 49  ? -1.304  -3.236  -12.678 1.00 13.02 ? 103 GLY A C   1 
ATOM   317  O O   . GLY A 1 49  ? -2.078  -2.729  -13.490 1.00 15.76 ? 103 GLY A O   1 
ATOM   318  N N   . THR A 1 50  ? -1.703  -3.796  -11.542 1.00 13.57 ? 104 THR A N   1 
ATOM   319  C CA  . THR A 1 50  ? -3.103  -3.803  -11.156 1.00 12.99 ? 104 THR A CA  1 
ATOM   320  C C   . THR A 1 50  ? -3.294  -2.987  -9.890  1.00 13.12 ? 104 THR A C   1 
ATOM   321  O O   . THR A 1 50  ? -2.357  -2.736  -9.117  1.00 11.54 ? 104 THR A O   1 
ATOM   322  C CB  . THR A 1 50  ? -3.650  -5.222  -10.873 1.00 13.24 ? 104 THR A CB  1 
ATOM   323  O OG1 . THR A 1 50  ? -3.110  -5.711  -9.635  1.00 12.49 ? 104 THR A OG1 1 
ATOM   324  C CG2 . THR A 1 50  ? -3.295  -6.173  -12.028 1.00 15.01 ? 104 THR A CG2 1 
ATOM   325  N N   . ASN A 1 51  ? -4.530  -2.575  -9.677  1.00 12.29 ? 105 ASN A N   1 
ATOM   326  C CA  . ASN A 1 51  ? -4.868  -1.799  -8.500  1.00 11.87 ? 105 ASN A CA  1 
ATOM   327  C C   . ASN A 1 51  ? -4.512  -2.556  -7.206  1.00 12.00 ? 105 ASN A C   1 
ATOM   328  O O   . ASN A 1 51  ? -3.885  -2.005  -6.294  1.00 11.66 ? 105 ASN A O   1 
ATOM   329  C CB  . ASN A 1 51  ? -6.369  -1.483  -8.566  1.00 13.62 ? 105 ASN A CB  1 
ATOM   330  C CG  . ASN A 1 51  ? -6.815  -0.546  -7.489  1.00 14.68 ? 105 ASN A CG  1 
ATOM   331  O OD1 . ASN A 1 51  ? -7.154  -0.972  -6.392  1.00 18.30 ? 105 ASN A OD1 1 
ATOM   332  N ND2 . ASN A 1 51  ? -6.820  0.747   -7.792  1.00 16.99 ? 105 ASN A ND2 1 
ATOM   333  N N   . ASN A 1 52  ? -4.891  -3.828  -7.123  1.00 11.75 ? 106 ASN A N   1 
ATOM   334  C CA  . ASN A 1 52  ? -4.578  -4.596  -5.920  1.00 11.10 ? 106 ASN A CA  1 
ATOM   335  C C   . ASN A 1 52  ? -3.066  -4.709  -5.694  1.00 11.06 ? 106 ASN A C   1 
ATOM   336  O O   . ASN A 1 52  ? -2.609  -4.630  -4.552  1.00 11.44 ? 106 ASN A O   1 
ATOM   337  C CB  . ASN A 1 52  ? -5.168  -6.018  -5.972  1.00 11.53 ? 106 ASN A CB  1 
ATOM   338  C CG  . ASN A 1 52  ? -6.668  -6.050  -5.759  1.00 13.49 ? 106 ASN A CG  1 
ATOM   339  O OD1 . ASN A 1 52  ? -7.250  -5.172  -5.110  1.00 16.19 ? 106 ASN A OD1 1 
ATOM   340  N ND2 . ASN A 1 52  ? -7.295  -7.086  -6.279  1.00 16.57 ? 106 ASN A ND2 1 
ATOM   341  N N   . MET A 1 53  ? -2.294  -4.926  -6.759  1.00 10.86 ? 107 MET A N   1 
ATOM   342  C CA  . MET A 1 53  ? -0.841  -5.032  -6.592  1.00 10.99 ? 107 MET A CA  1 
ATOM   343  C C   . MET A 1 53  ? -0.284  -3.709  -6.085  1.00 10.95 ? 107 MET A C   1 
ATOM   344  O O   . MET A 1 53  ? 0.601   -3.694  -5.214  1.00 11.08 ? 107 MET A O   1 
ATOM   345  C CB  . MET A 1 53  ? -0.177  -5.433  -7.920  1.00 10.93 ? 107 MET A CB  1 
ATOM   346  C CG  . MET A 1 53  ? -0.428  -6.878  -8.316  1.00 12.17 ? 107 MET A CG  1 
ATOM   347  S SD  . MET A 1 53  ? 0.012   -7.221  -10.024 1.00 13.97 ? 107 MET A SD  1 
ATOM   348  C CE  . MET A 1 53  ? 1.364   -8.374  -9.790  1.00 13.95 ? 107 MET A CE  1 
ATOM   349  N N   . GLY A 1 54  ? -0.808  -2.604  -6.608  1.00 10.40 ? 108 GLY A N   1 
ATOM   350  C CA  . GLY A 1 54  ? -0.354  -1.292  -6.163  1.00 10.41 ? 108 GLY A CA  1 
ATOM   351  C C   . GLY A 1 54  ? -0.682  -1.065  -4.705  1.00 9.88  ? 108 GLY A C   1 
ATOM   352  O O   . GLY A 1 54  ? 0.127   -0.500  -3.956  1.00 10.45 ? 108 GLY A O   1 
ATOM   353  N N   A GLU A 1 55  ? -1.871  -1.483  -4.289  0.70 9.72  ? 109 GLU A N   1 
ATOM   354  N N   B GLU A 1 55  ? -1.876  -1.492  -4.302  0.30 10.19 ? 109 GLU A N   1 
ATOM   355  C CA  A GLU A 1 55  ? -2.261  -1.299  -2.900  0.70 10.85 ? 109 GLU A CA  1 
ATOM   356  C CA  B GLU A 1 55  ? -2.310  -1.349  -2.918  0.30 10.88 ? 109 GLU A CA  1 
ATOM   357  C C   A GLU A 1 55  ? -1.395  -2.142  -1.963  0.70 10.85 ? 109 GLU A C   1 
ATOM   358  C C   B GLU A 1 55  ? -1.369  -2.120  -2.000  0.30 10.69 ? 109 GLU A C   1 
ATOM   359  O O   A GLU A 1 55  ? -1.058  -1.718  -0.855  0.70 11.41 ? 109 GLU A O   1 
ATOM   360  O O   B GLU A 1 55  ? -0.955  -1.619  -0.952  0.30 10.93 ? 109 GLU A O   1 
ATOM   361  C CB  A GLU A 1 55  ? -3.731  -1.644  -2.722  0.70 11.41 ? 109 GLU A CB  1 
ATOM   362  C CB  B GLU A 1 55  ? -3.729  -1.900  -2.737  0.30 11.41 ? 109 GLU A CB  1 
ATOM   363  C CG  A GLU A 1 55  ? -4.245  -1.328  -1.340  0.70 13.23 ? 109 GLU A CG  1 
ATOM   364  C CG  B GLU A 1 55  ? -4.842  -1.102  -3.401  0.30 12.56 ? 109 GLU A CG  1 
ATOM   365  C CD  A GLU A 1 55  ? -4.436  0.161   -1.068  0.70 14.81 ? 109 GLU A CD  1 
ATOM   366  C CD  B GLU A 1 55  ? -5.266  0.124   -2.603  0.30 13.15 ? 109 GLU A CD  1 
ATOM   367  O OE1 A GLU A 1 55  ? -4.161  1.007   -1.946  0.70 13.29 ? 109 GLU A OE1 1 
ATOM   368  O OE1 B GLU A 1 55  ? -4.777  0.322   -1.474  0.30 15.11 ? 109 GLU A OE1 1 
ATOM   369  O OE2 A GLU A 1 55  ? -4.874  0.491   0.051   0.70 14.50 ? 109 GLU A OE2 1 
ATOM   370  O OE2 B GLU A 1 55  ? -6.101  0.896   -3.114  0.30 14.55 ? 109 GLU A OE2 1 
ATOM   371  N N   . PHE A 1 56  ? -1.028  -3.338  -2.412  1.00 10.32 ? 110 PHE A N   1 
ATOM   372  C CA  . PHE A 1 56  ? -0.153  -4.207  -1.623  1.00 10.18 ? 110 PHE A CA  1 
ATOM   373  C C   . PHE A 1 56  ? 1.222   -3.518  -1.471  1.00 9.53  ? 110 PHE A C   1 
ATOM   374  O O   . PHE A 1 56  ? 1.765   -3.431  -0.365  1.00 9.10  ? 110 PHE A O   1 
ATOM   375  C CB  . PHE A 1 56  ? -0.013  -5.541  -2.370  1.00 10.45 ? 110 PHE A CB  1 
ATOM   376  C CG  . PHE A 1 56  ? 0.923   -6.528  -1.727  1.00 10.24 ? 110 PHE A CG  1 
ATOM   377  C CD1 . PHE A 1 56  ? 0.534   -7.261  -0.607  1.00 11.81 ? 110 PHE A CD1 1 
ATOM   378  C CD2 . PHE A 1 56  ? 2.186   -6.747  -2.271  1.00 9.81  ? 110 PHE A CD2 1 
ATOM   379  C CE1 . PHE A 1 56  ? 1.398   -8.221  -0.026  1.00 11.72 ? 110 PHE A CE1 1 
ATOM   380  C CE2 . PHE A 1 56  ? 3.057   -7.699  -1.707  1.00 11.43 ? 110 PHE A CE2 1 
ATOM   381  C CZ  . PHE A 1 56  ? 2.663   -8.432  -0.588  1.00 11.81 ? 110 PHE A CZ  1 
ATOM   382  N N   . LEU A 1 57  ? 1.761   -3.030  -2.580  1.00 9.07  ? 111 LEU A N   1 
ATOM   383  C CA  . LEU A 1 57  ? 3.052   -2.334  -2.547  1.00 7.80  ? 111 LEU A CA  1 
ATOM   384  C C   . LEU A 1 57  ? 2.994   -1.096  -1.660  1.00 8.56  ? 111 LEU A C   1 
ATOM   385  O O   . LEU A 1 57  ? 3.956   -0.787  -0.937  1.00 9.34  ? 111 LEU A O   1 
ATOM   386  C CB  . LEU A 1 57  ? 3.494   -1.911  -3.958  1.00 8.96  ? 111 LEU A CB  1 
ATOM   387  C CG  . LEU A 1 57  ? 3.825   -3.048  -4.932  1.00 8.98  ? 111 LEU A CG  1 
ATOM   388  C CD1 . LEU A 1 57  ? 4.236   -2.455  -6.263  1.00 11.00 ? 111 LEU A CD1 1 
ATOM   389  C CD2 . LEU A 1 57  ? 4.944   -3.942  -4.385  1.00 10.51 ? 111 LEU A CD2 1 
ATOM   390  N N   . ALA A 1 58  ? 1.865   -0.387  -1.696  1.00 9.67  ? 112 ALA A N   1 
ATOM   391  C CA  . ALA A 1 58  ? 1.737   0.823   -0.897  1.00 8.47  ? 112 ALA A CA  1 
ATOM   392  C C   . ALA A 1 58  ? 1.801   0.527   0.588   1.00 8.79  ? 112 ALA A C   1 
ATOM   393  O O   . ALA A 1 58  ? 2.446   1.254   1.348   1.00 8.26  ? 112 ALA A O   1 
ATOM   394  C CB  . ALA A 1 58  ? 0.415   1.544   -1.235  1.00 8.66  ? 112 ALA A CB  1 
ATOM   395  N N   . ILE A 1 59  ? 1.105   -0.528  1.015   1.00 7.72  ? 113 ILE A N   1 
ATOM   396  C CA  . ILE A 1 59  ? 1.156   -0.870  2.431   1.00 8.33  ? 113 ILE A CA  1 
ATOM   397  C C   . ILE A 1 59  ? 2.562   -1.296  2.848   1.00 8.11  ? 113 ILE A C   1 
ATOM   398  O O   . ILE A 1 59  ? 3.058   -0.847  3.882   1.00 9.27  ? 113 ILE A O   1 
ATOM   399  C CB  . ILE A 1 59  ? 0.139   -1.988  2.782   1.00 8.75  ? 113 ILE A CB  1 
ATOM   400  C CG1 . ILE A 1 59  ? -1.283  -1.448  2.609   1.00 9.60  ? 113 ILE A CG1 1 
ATOM   401  C CG2 . ILE A 1 59  ? 0.340   -2.458  4.220   1.00 10.03 ? 113 ILE A CG2 1 
ATOM   402  C CD1 . ILE A 1 59  ? -2.352  -2.541  2.650   1.00 12.25 ? 113 ILE A CD1 1 
ATOM   403  N N   . VAL A 1 60  ? 3.199   -2.158  2.054   1.00 10.02 ? 114 VAL A N   1 
ATOM   404  C CA  . VAL A 1 60  ? 4.543   -2.612  2.405   1.00 9.07  ? 114 VAL A CA  1 
ATOM   405  C C   . VAL A 1 60  ? 5.531   -1.451  2.397   1.00 10.14 ? 114 VAL A C   1 
ATOM   406  O O   . VAL A 1 60  ? 6.393   -1.361  3.283   1.00 9.50  ? 114 VAL A O   1 
ATOM   407  C CB  . VAL A 1 60  ? 5.012   -3.767  1.482   1.00 10.16 ? 114 VAL A CB  1 
ATOM   408  C CG1 . VAL A 1 60  ? 6.424   -4.235  1.898   1.00 10.42 ? 114 VAL A CG1 1 
ATOM   409  C CG2 . VAL A 1 60  ? 4.054   -4.956  1.618   1.00 11.17 ? 114 VAL A CG2 1 
ATOM   410  N N   . HIS A 1 61  ? 5.386   -0.529  1.442   1.00 8.51  ? 115 HIS A N   1 
ATOM   411  C CA  . HIS A 1 61  ? 6.273   0.640   1.429   1.00 9.24  ? 115 HIS A CA  1 
ATOM   412  C C   . HIS A 1 61  ? 6.035   1.426   2.730   1.00 10.44 ? 115 HIS A C   1 
ATOM   413  O O   . HIS A 1 61  ? 6.988   1.895   3.370   1.00 11.16 ? 115 HIS A O   1 
ATOM   414  C CB  . HIS A 1 61  ? 5.984   1.511   0.197   1.00 9.32  ? 115 HIS A CB  1 
ATOM   415  C CG  . HIS A 1 61  ? 6.941   2.653   0.018   1.00 11.13 ? 115 HIS A CG  1 
ATOM   416  N ND1 . HIS A 1 61  ? 7.480   2.981   -1.207  1.00 18.37 ? 115 HIS A ND1 1 
ATOM   417  C CD2 . HIS A 1 61  ? 7.448   3.546   0.901   1.00 14.05 ? 115 HIS A CD2 1 
ATOM   418  C CE1 . HIS A 1 61  ? 8.291   4.020   -1.067  1.00 16.88 ? 115 HIS A CE1 1 
ATOM   419  N NE2 . HIS A 1 61  ? 8.293   4.378   0.202   1.00 14.52 ? 115 HIS A NE2 1 
ATOM   420  N N   . GLY A 1 62  ? 4.767   1.566   3.133   1.00 8.25  ? 116 GLY A N   1 
ATOM   421  C CA  . GLY A 1 62  ? 4.478   2.258   4.373   1.00 9.05  ? 116 GLY A CA  1 
ATOM   422  C C   . GLY A 1 62  ? 5.105   1.595   5.585   1.00 9.18  ? 116 GLY A C   1 
ATOM   423  O O   . GLY A 1 62  ? 5.609   2.279   6.469   1.00 9.30  ? 116 GLY A O   1 
ATOM   424  N N   . LEU A 1 63  ? 5.095   0.264   5.608   1.00 8.61  ? 117 LEU A N   1 
ATOM   425  C CA  . LEU A 1 63  ? 5.683   -0.458  6.741   1.00 8.66  ? 117 LEU A CA  1 
ATOM   426  C C   . LEU A 1 63  ? 7.179   -0.185  6.778   1.00 10.92 ? 117 LEU A C   1 
ATOM   427  O O   . LEU A 1 63  ? 7.753   0.047   7.852   1.00 10.95 ? 117 LEU A O   1 
ATOM   428  C CB  . LEU A 1 63  ? 5.440   -1.969  6.605   1.00 10.11 ? 117 LEU A CB  1 
ATOM   429  C CG  . LEU A 1 63  ? 3.987   -2.393  6.810   1.00 9.77  ? 117 LEU A CG  1 
ATOM   430  C CD1 . LEU A 1 63  ? 3.845   -3.879  6.436   1.00 11.52 ? 117 LEU A CD1 1 
ATOM   431  C CD2 . LEU A 1 63  ? 3.575   -2.169  8.267   1.00 10.59 ? 117 LEU A CD2 1 
ATOM   432  N N   . ARG A 1 64  ? 7.813   -0.207  5.610   1.00 10.48 ? 118 ARG A N   1 
ATOM   433  C CA  . ARG A 1 64  ? 9.261   0.033   5.558   1.00 10.63 ? 118 ARG A CA  1 
ATOM   434  C C   . ARG A 1 64  ? 9.596   1.471   5.944   1.00 12.12 ? 118 ARG A C   1 
ATOM   435  O O   . ARG A 1 64  ? 10.597  1.729   6.635   1.00 13.19 ? 118 ARG A O   1 
ATOM   436  C CB  . ARG A 1 64  ? 9.783   -0.303  4.158   1.00 10.97 ? 118 ARG A CB  1 
ATOM   437  C CG  . ARG A 1 64  ? 9.662   -1.785  3.860   1.00 12.17 ? 118 ARG A CG  1 
ATOM   438  C CD  . ARG A 1 64  ? 10.079  -2.151  2.450   1.00 15.60 ? 118 ARG A CD  1 
ATOM   439  N NE  . ARG A 1 64  ? 11.530  -2.131  2.290   1.00 18.21 ? 118 ARG A NE  1 
ATOM   440  C CZ  . ARG A 1 64  ? 12.180  -2.707  1.281   1.00 19.74 ? 118 ARG A CZ  1 
ATOM   441  N NH1 . ARG A 1 64  ? 11.513  -3.349  0.328   1.00 18.35 ? 118 ARG A NH1 1 
ATOM   442  N NH2 . ARG A 1 64  ? 13.505  -2.656  1.231   1.00 21.70 ? 118 ARG A NH2 1 
ATOM   443  N N   . TYR A 1 65  ? 8.742   2.406   5.535   1.00 11.16 ? 119 TYR A N   1 
ATOM   444  C CA  . TYR A 1 65  ? 8.925   3.827   5.837   1.00 9.84  ? 119 TYR A CA  1 
ATOM   445  C C   . TYR A 1 65  ? 8.855   4.078   7.340   1.00 12.09 ? 119 TYR A C   1 
ATOM   446  O O   . TYR A 1 65  ? 9.719   4.762   7.911   1.00 13.35 ? 119 TYR A O   1 
ATOM   447  C CB  . TYR A 1 65  ? 7.836   4.634   5.104   1.00 9.81  ? 119 TYR A CB  1 
ATOM   448  C CG  . TYR A 1 65  ? 7.790   6.111   5.415   1.00 10.16 ? 119 TYR A CG  1 
ATOM   449  C CD1 . TYR A 1 65  ? 8.447   7.033   4.595   1.00 11.01 ? 119 TYR A CD1 1 
ATOM   450  C CD2 . TYR A 1 65  ? 7.082   6.594   6.516   1.00 9.79  ? 119 TYR A CD2 1 
ATOM   451  C CE1 . TYR A 1 65  ? 8.392   8.396   4.858   1.00 12.23 ? 119 TYR A CE1 1 
ATOM   452  C CE2 . TYR A 1 65  ? 7.034   7.964   6.797   1.00 12.30 ? 119 TYR A CE2 1 
ATOM   453  C CZ  . TYR A 1 65  ? 7.695   8.853   5.960   1.00 13.22 ? 119 TYR A CZ  1 
ATOM   454  O OH  . TYR A 1 65  ? 7.671   10.210  6.237   1.00 17.45 ? 119 TYR A OH  1 
ATOM   455  N N   . LEU A 1 66  ? 7.829   3.533   7.981   1.00 11.85 ? 120 LEU A N   1 
ATOM   456  C CA  . LEU A 1 66  ? 7.653   3.713   9.417   1.00 11.93 ? 120 LEU A CA  1 
ATOM   457  C C   . LEU A 1 66  ? 8.719   2.988   10.219  1.00 12.45 ? 120 LEU A C   1 
ATOM   458  O O   . LEU A 1 66  ? 9.181   3.494   11.235  1.00 13.00 ? 120 LEU A O   1 
ATOM   459  C CB  . LEU A 1 66  ? 6.254   3.240   9.842   1.00 11.63 ? 120 LEU A CB  1 
ATOM   460  C CG  . LEU A 1 66  ? 5.117   4.094   9.240   1.00 11.85 ? 120 LEU A CG  1 
ATOM   461  C CD1 . LEU A 1 66  ? 3.779   3.409   9.491   1.00 11.68 ? 120 LEU A CD1 1 
ATOM   462  C CD2 . LEU A 1 66  ? 5.110   5.496   9.837   1.00 12.29 ? 120 LEU A CD2 1 
ATOM   463  N N   . LYS A 1 67  ? 9.128   1.807   9.765   1.00 12.82 ? 121 LYS A N   1 
ATOM   464  C CA  . LYS A 1 67  ? 10.157  1.075   10.513  1.00 14.12 ? 121 LYS A CA  1 
ATOM   465  C C   . LYS A 1 67  ? 11.495  1.821   10.498  1.00 15.98 ? 121 LYS A C   1 
ATOM   466  O O   . LYS A 1 67  ? 12.187  1.902   11.524  1.00 16.12 ? 121 LYS A O   1 
ATOM   467  C CB  . LYS A 1 67  ? 10.350  -0.322  9.925   1.00 14.99 ? 121 LYS A CB  1 
ATOM   468  C CG  . LYS A 1 67  ? 11.393  -1.166  10.674  1.00 16.66 ? 121 LYS A CG  1 
ATOM   469  C CD  . LYS A 1 67  ? 11.491  -2.567  10.083  1.00 17.21 ? 121 LYS A CD  1 
ATOM   470  C CE  . LYS A 1 67  ? 12.492  -3.440  10.846  1.00 19.52 ? 121 LYS A CE  1 
ATOM   471  N NZ  . LYS A 1 67  ? 11.918  -3.899  12.143  1.00 21.08 ? 121 LYS A NZ  1 
ATOM   472  N N   A GLU A 1 68  ? 11.856  2.373   9.343   0.50 16.44 ? 122 GLU A N   1 
ATOM   473  N N   B GLU A 1 68  ? 11.848  2.369   9.342   0.50 16.29 ? 122 GLU A N   1 
ATOM   474  C CA  A GLU A 1 68  ? 13.123  3.104   9.211   0.50 17.77 ? 122 GLU A CA  1 
ATOM   475  C CA  B GLU A 1 68  ? 13.108  3.095   9.202   0.50 17.40 ? 122 GLU A CA  1 
ATOM   476  C C   A GLU A 1 68  ? 13.171  4.329   10.107  0.50 18.09 ? 122 GLU A C   1 
ATOM   477  C C   B GLU A 1 68  ? 13.163  4.307   10.118  0.50 18.02 ? 122 GLU A C   1 
ATOM   478  O O   A GLU A 1 68  ? 14.239  4.732   10.583  0.50 18.16 ? 122 GLU A O   1 
ATOM   479  O O   B GLU A 1 68  ? 14.230  4.672   10.623  0.50 18.19 ? 122 GLU A O   1 
ATOM   480  C CB  A GLU A 1 68  ? 13.336  3.542   7.761   0.50 19.79 ? 122 GLU A CB  1 
ATOM   481  C CB  B GLU A 1 68  ? 13.293  3.523   7.743   0.50 18.90 ? 122 GLU A CB  1 
ATOM   482  C CG  A GLU A 1 68  ? 13.690  2.420   6.817   0.50 24.05 ? 122 GLU A CG  1 
ATOM   483  C CG  B GLU A 1 68  ? 14.393  4.530   7.508   0.50 21.64 ? 122 GLU A CG  1 
ATOM   484  C CD  A GLU A 1 68  ? 13.584  2.831   5.362   0.50 25.51 ? 122 GLU A CD  1 
ATOM   485  C CD  B GLU A 1 68  ? 13.955  5.946   7.820   0.50 22.13 ? 122 GLU A CD  1 
ATOM   486  O OE1 A GLU A 1 68  ? 14.232  3.825   4.967   0.50 28.36 ? 122 GLU A OE1 1 
ATOM   487  O OE1 B GLU A 1 68  ? 13.340  6.583   6.949   0.50 24.48 ? 122 GLU A OE1 1 
ATOM   488  O OE2 A GLU A 1 68  ? 12.847  2.160   4.611   0.50 28.01 ? 122 GLU A OE2 1 
ATOM   489  O OE2 B GLU A 1 68  ? 14.213  6.422   8.943   0.50 25.93 ? 122 GLU A OE2 1 
ATOM   490  N N   . ARG A 1 69  ? 12.009  4.928   10.330  1.00 17.29 ? 123 ARG A N   1 
ATOM   491  C CA  . ARG A 1 69  ? 11.909  6.115   11.157  1.00 18.22 ? 123 ARG A CA  1 
ATOM   492  C C   . ARG A 1 69  ? 11.551  5.826   12.608  1.00 18.63 ? 123 ARG A C   1 
ATOM   493  O O   . ARG A 1 69  ? 11.333  6.757   13.393  1.00 20.45 ? 123 ARG A O   1 
ATOM   494  C CB  . ARG A 1 69  ? 10.901  7.074   10.521  1.00 19.13 ? 123 ARG A CB  1 
ATOM   495  C CG  . ARG A 1 69  ? 11.429  7.682   9.225   1.00 19.96 ? 123 ARG A CG  1 
ATOM   496  C CD  . ARG A 1 69  ? 10.352  8.418   8.436   1.00 20.52 ? 123 ARG A CD  1 
ATOM   497  N NE  . ARG A 1 69  ? 10.877  8.918   7.171   1.00 23.47 ? 123 ARG A NE  1 
ATOM   498  C CZ  . ARG A 1 69  ? 11.272  8.145   6.164   1.00 22.90 ? 123 ARG A CZ  1 
ATOM   499  N NH1 . ARG A 1 69  ? 11.203  6.823   6.266   1.00 21.36 ? 123 ARG A NH1 1 
ATOM   500  N NH2 . ARG A 1 69  ? 11.734  8.691   5.043   1.00 26.42 ? 123 ARG A NH2 1 
ATOM   501  N N   . ASN A 1 70  ? 11.499  4.537   12.961  1.00 19.36 ? 124 ASN A N   1 
ATOM   502  C CA  . ASN A 1 70  ? 11.204  4.097   14.325  1.00 19.77 ? 124 ASN A CA  1 
ATOM   503  C C   . ASN A 1 70  ? 9.872   4.632   14.820  1.00 20.13 ? 124 ASN A C   1 
ATOM   504  O O   . ASN A 1 70  ? 9.720   4.977   15.993  1.00 20.27 ? 124 ASN A O   1 
ATOM   505  C CB  . ASN A 1 70  ? 12.319  4.551   15.286  1.00 23.22 ? 124 ASN A CB  1 
ATOM   506  C CG  . ASN A 1 70  ? 13.693  4.055   14.865  1.00 26.31 ? 124 ASN A CG  1 
ATOM   507  O OD1 . ASN A 1 70  ? 13.922  2.850   14.753  1.00 29.62 ? 124 ASN A OD1 1 
ATOM   508  N ND2 . ASN A 1 70  ? 14.613  4.986   14.626  1.00 29.11 ? 124 ASN A ND2 1 
ATOM   509  N N   . SER A 1 71  ? 8.903   4.699   13.918  1.00 16.45 ? 125 SER A N   1 
ATOM   510  C CA  . SER A 1 71  ? 7.580   5.214   14.244  1.00 17.17 ? 125 SER A CA  1 
ATOM   511  C C   . SER A 1 71  ? 6.591   4.127   14.631  1.00 16.33 ? 125 SER A C   1 
ATOM   512  O O   . SER A 1 71  ? 6.596   3.041   14.046  1.00 16.96 ? 125 SER A O   1 
ATOM   513  C CB  . SER A 1 71  ? 7.016   5.976   13.042  1.00 16.22 ? 125 SER A CB  1 
ATOM   514  O OG  . SER A 1 71  ? 5.673   6.378   13.286  1.00 16.86 ? 125 SER A OG  1 
ATOM   515  N N   . ARG A 1 72  ? 5.735   4.438   15.603  1.00 16.15 ? 126 ARG A N   1 
ATOM   516  C CA  . ARG A 1 72  ? 4.707   3.514   16.059  1.00 16.03 ? 126 ARG A CA  1 
ATOM   517  C C   . ARG A 1 72  ? 3.327   3.844   15.511  1.00 16.37 ? 126 ARG A C   1 
ATOM   518  O O   . ARG A 1 72  ? 2.329   3.230   15.904  1.00 18.55 ? 126 ARG A O   1 
ATOM   519  C CB  . ARG A 1 72  ? 4.663   3.486   17.587  1.00 17.72 ? 126 ARG A CB  1 
ATOM   520  C CG  . ARG A 1 72  ? 5.885   2.828   18.158  1.00 19.54 ? 126 ARG A CG  1 
ATOM   521  C CD  . ARG A 1 72  ? 5.933   2.984   19.652  1.00 22.56 ? 126 ARG A CD  1 
ATOM   522  N NE  . ARG A 1 72  ? 6.928   2.086   20.214  1.00 22.33 ? 126 ARG A NE  1 
ATOM   523  C CZ  . ARG A 1 72  ? 7.319   2.116   21.482  1.00 21.16 ? 126 ARG A CZ  1 
ATOM   524  N NH1 . ARG A 1 72  ? 6.798   3.007   22.318  1.00 20.97 ? 126 ARG A NH1 1 
ATOM   525  N NH2 . ARG A 1 72  ? 8.224   1.247   21.904  1.00 22.85 ? 126 ARG A NH2 1 
ATOM   526  N N   . LYS A 1 73  ? 3.264   4.814   14.598  1.00 15.48 ? 127 LYS A N   1 
ATOM   527  C CA  . LYS A 1 73  ? 1.988   5.189   13.987  1.00 14.10 ? 127 LYS A CA  1 
ATOM   528  C C   . LYS A 1 73  ? 1.417   4.043   13.167  1.00 12.48 ? 127 LYS A C   1 
ATOM   529  O O   . LYS A 1 73  ? 2.154   3.267   12.543  1.00 13.55 ? 127 LYS A O   1 
ATOM   530  C CB  . LYS A 1 73  ? 2.166   6.365   13.023  1.00 15.75 ? 127 LYS A CB  1 
ATOM   531  C CG  . LYS A 1 73  ? 2.562   7.681   13.644  1.00 19.37 ? 127 LYS A CG  1 
ATOM   532  C CD  . LYS A 1 73  ? 2.851   8.684   12.530  1.00 22.48 ? 127 LYS A CD  1 
ATOM   533  C CE  . LYS A 1 73  ? 3.275   10.032  13.092  1.00 25.61 ? 127 LYS A CE  1 
ATOM   534  N NZ  . LYS A 1 73  ? 3.442   11.054  12.025  1.00 28.68 ? 127 LYS A NZ  1 
ATOM   535  N N   . PRO A 1 74  ? 0.090   3.901   13.167  1.00 12.70 ? 128 PRO A N   1 
ATOM   536  C CA  . PRO A 1 74  ? -0.528  2.835   12.382  1.00 12.15 ? 128 PRO A CA  1 
ATOM   537  C C   . PRO A 1 74  ? -0.665  3.296   10.914  1.00 11.49 ? 128 PRO A C   1 
ATOM   538  O O   . PRO A 1 74  ? -0.437  4.475   10.597  1.00 11.57 ? 128 PRO A O   1 
ATOM   539  C CB  . PRO A 1 74  ? -1.885  2.649   13.060  1.00 13.32 ? 128 PRO A CB  1 
ATOM   540  C CG  . PRO A 1 74  ? -2.200  4.023   13.522  1.00 13.67 ? 128 PRO A CG  1 
ATOM   541  C CD  . PRO A 1 74  ? -0.892  4.572   14.039  1.00 12.64 ? 128 PRO A CD  1 
ATOM   542  N N   . ILE A 1 75  ? -0.992  2.344   10.049  1.00 10.08 ? 129 ILE A N   1 
ATOM   543  C CA  . ILE A 1 75  ? -1.218  2.600   8.628   1.00 11.04 ? 129 ILE A CA  1 
ATOM   544  C C   . ILE A 1 75  ? -2.692  2.330   8.337   1.00 11.86 ? 129 ILE A C   1 
ATOM   545  O O   . ILE A 1 75  ? -3.259  1.344   8.830   1.00 12.34 ? 129 ILE A O   1 
ATOM   546  C CB  . ILE A 1 75  ? -0.438  1.602   7.738   1.00 11.90 ? 129 ILE A CB  1 
ATOM   547  C CG1 . ILE A 1 75  ? 1.044   1.897   7.790   1.00 15.03 ? 129 ILE A CG1 1 
ATOM   548  C CG2 . ILE A 1 75  ? -0.933  1.681   6.295   1.00 15.04 ? 129 ILE A CG2 1 
ATOM   549  C CD1 . ILE A 1 75  ? 1.868   0.804   7.113   1.00 15.08 ? 129 ILE A CD1 1 
ATOM   550  N N   . TYR A 1 76  ? -3.303  3.216   7.548   1.00 9.34  ? 130 TYR A N   1 
ATOM   551  C CA  . TYR A 1 76  ? -4.666  3.007   7.083   1.00 9.60  ? 130 TYR A CA  1 
ATOM   552  C C   . TYR A 1 76  ? -4.635  2.694   5.591   1.00 9.83  ? 130 TYR A C   1 
ATOM   553  O O   . TYR A 1 76  ? -3.890  3.320   4.808   1.00 9.81  ? 130 TYR A O   1 
ATOM   554  C CB  . TYR A 1 76  ? -5.538  4.258   7.244   1.00 9.96  ? 130 TYR A CB  1 
ATOM   555  C CG  . TYR A 1 76  ? -6.086  4.453   8.631   1.00 9.03  ? 130 TYR A CG  1 
ATOM   556  C CD1 . TYR A 1 76  ? -5.588  5.463   9.461   1.00 10.15 ? 130 TYR A CD1 1 
ATOM   557  C CD2 . TYR A 1 76  ? -7.107  3.639   9.102   1.00 10.80 ? 130 TYR A CD2 1 
ATOM   558  C CE1 . TYR A 1 76  ? -6.105  5.655   10.733  1.00 11.66 ? 130 TYR A CE1 1 
ATOM   559  C CE2 . TYR A 1 76  ? -7.627  3.823   10.382  1.00 11.07 ? 130 TYR A CE2 1 
ATOM   560  C CZ  . TYR A 1 76  ? -7.120  4.826   11.175  1.00 11.63 ? 130 TYR A CZ  1 
ATOM   561  O OH  . TYR A 1 76  ? -7.611  5.007   12.455  1.00 15.18 ? 130 TYR A OH  1 
ATOM   562  N N   . SER A 1 77  ? -5.466  1.737   5.206   1.00 10.66 ? 131 SER A N   1 
ATOM   563  C CA  . SER A 1 77  ? -5.670  1.324   3.816   1.00 9.36  ? 131 SER A CA  1 
ATOM   564  C C   . SER A 1 77  ? -7.188  1.137   3.654   1.00 10.87 ? 131 SER A C   1 
ATOM   565  O O   . SER A 1 77  ? -7.863  0.723   4.591   1.00 12.26 ? 131 SER A O   1 
ATOM   566  C CB  . SER A 1 77  ? -4.982  -0.016  3.538   1.00 10.71 ? 131 SER A CB  1 
ATOM   567  O OG  . SER A 1 77  ? -5.370  -0.514  2.271   1.00 12.34 ? 131 SER A OG  1 
ATOM   568  N N   . ASN A 1 78  ? -7.713  1.438   2.476   1.00 12.37 ? 132 ASN A N   1 
ATOM   569  C CA  . ASN A 1 78  ? -9.149  1.239   2.273   1.00 13.23 ? 132 ASN A CA  1 
ATOM   570  C C   . ASN A 1 78  ? -9.411  -0.061  1.520   1.00 15.98 ? 132 ASN A C   1 
ATOM   571  O O   . ASN A 1 78  ? -10.524 -0.314  1.053   1.00 16.98 ? 132 ASN A O   1 
ATOM   572  C CB  . ASN A 1 78  ? -9.761  2.436   1.522   1.00 14.29 ? 132 ASN A CB  1 
ATOM   573  C CG  . ASN A 1 78  ? -9.292  2.534   0.100   1.00 16.91 ? 132 ASN A CG  1 
ATOM   574  O OD1 . ASN A 1 78  ? -8.665  1.614   -0.429  1.00 18.15 ? 132 ASN A OD1 1 
ATOM   575  N ND2 . ASN A 1 78  ? -9.595  3.658   -0.542  1.00 17.09 ? 132 ASN A ND2 1 
ATOM   576  N N   . SER A 1 79  ? -8.389  -0.906  1.443   1.00 14.76 ? 133 SER A N   1 
ATOM   577  C CA  . SER A 1 79  ? -8.477  -2.170  0.713   1.00 16.06 ? 133 SER A CA  1 
ATOM   578  C C   . SER A 1 79  ? -8.415  -3.406  1.607   1.00 15.70 ? 133 SER A C   1 
ATOM   579  O O   . SER A 1 79  ? -7.346  -3.771  2.086   1.00 15.48 ? 133 SER A O   1 
ATOM   580  C CB  . SER A 1 79  ? -7.346  -2.243  -0.311  1.00 16.29 ? 133 SER A CB  1 
ATOM   581  O OG  . SER A 1 79  ? -7.329  -3.506  -0.976  1.00 18.75 ? 133 SER A OG  1 
ATOM   582  N N   . GLN A 1 80  ? -9.561  -4.047  1.829   1.00 16.95 ? 134 GLN A N   1 
ATOM   583  C CA  . GLN A 1 80  ? -9.604  -5.255  2.642   1.00 17.49 ? 134 GLN A CA  1 
ATOM   584  C C   . GLN A 1 80  ? -8.734  -6.336  2.009   1.00 15.81 ? 134 GLN A C   1 
ATOM   585  O O   . GLN A 1 80  ? -8.068  -7.078  2.721   1.00 16.77 ? 134 GLN A O   1 
ATOM   586  C CB  . GLN A 1 80  ? -11.046 -5.764  2.767   1.00 19.30 ? 134 GLN A CB  1 
ATOM   587  C CG  . GLN A 1 80  ? -11.975 -4.799  3.469   0.00 23.70 ? 134 GLN A CG  1 
ATOM   588  C CD  . GLN A 1 80  ? -13.367 -5.357  3.643   0.00 25.88 ? 134 GLN A CD  1 
ATOM   589  O OE1 . GLN A 1 80  ? -13.666 -6.466  3.201   0.00 26.78 ? 134 GLN A OE1 1 
ATOM   590  N NE2 . GLN A 1 80  ? -14.232 -4.589  4.289   1.00 31.16 ? 134 GLN A NE2 1 
ATOM   591  N N   . THR A 1 81  ? -8.742  -6.412  0.677   1.00 15.80 ? 135 THR A N   1 
ATOM   592  C CA  . THR A 1 81  ? -7.949  -7.394  -0.049  1.00 16.14 ? 135 THR A CA  1 
ATOM   593  C C   . THR A 1 81  ? -6.462  -7.223  0.223   1.00 15.61 ? 135 THR A C   1 
ATOM   594  O O   . THR A 1 81  ? -5.791  -8.164  0.599   1.00 14.90 ? 135 THR A O   1 
ATOM   595  C CB  . THR A 1 81  ? -8.168  -7.289  -1.570  1.00 17.77 ? 135 THR A CB  1 
ATOM   596  O OG1 . THR A 1 81  ? -9.545  -7.559  -1.869  1.00 21.88 ? 135 THR A OG1 1 
ATOM   597  C CG2 . THR A 1 81  ? -7.280  -8.296  -2.312  1.00 17.93 ? 135 THR A CG2 1 
ATOM   598  N N   . ALA A 1 82  ? -5.957  -6.009  0.039   1.00 14.32 ? 136 ALA A N   1 
ATOM   599  C CA  . ALA A 1 82  ? -4.535  -5.754  0.240   1.00 13.16 ? 136 ALA A CA  1 
ATOM   600  C C   . ALA A 1 82  ? -4.111  -5.968  1.685   1.00 12.34 ? 136 ALA A C   1 
ATOM   601  O O   . ALA A 1 82  ? -3.022  -6.472  1.942   1.00 11.17 ? 136 ALA A O   1 
ATOM   602  C CB  . ALA A 1 82  ? -4.194  -4.337  -0.201  1.00 13.32 ? 136 ALA A CB  1 
ATOM   603  N N   . ILE A 1 83  ? -4.949  -5.554  2.627   1.00 12.11 ? 137 ILE A N   1 
ATOM   604  C CA  . ILE A 1 83  ? -4.654  -5.751  4.044   1.00 11.81 ? 137 ILE A CA  1 
ATOM   605  C C   . ILE A 1 83  ? -4.522  -7.263  4.312   1.00 13.94 ? 137 ILE A C   1 
ATOM   606  O O   . ILE A 1 83  ? -3.603  -7.708  4.995   1.00 14.58 ? 137 ILE A O   1 
ATOM   607  C CB  . ILE A 1 83  ? -5.782  -5.137  4.931   1.00 13.01 ? 137 ILE A CB  1 
ATOM   608  C CG1 . ILE A 1 83  ? -5.749  -3.607  4.808   1.00 14.86 ? 137 ILE A CG1 1 
ATOM   609  C CG2 . ILE A 1 83  ? -5.589  -5.516  6.389   1.00 13.78 ? 137 ILE A CG2 1 
ATOM   610  C CD1 . ILE A 1 83  ? -6.898  -2.886  5.528   1.00 14.36 ? 137 ILE A CD1 1 
ATOM   611  N N   . LYS A 1 84  ? -5.445  -8.041  3.758   1.00 13.17 ? 138 LYS A N   1 
ATOM   612  C CA  . LYS A 1 84  ? -5.415  -9.495  3.918   1.00 15.39 ? 138 LYS A CA  1 
ATOM   613  C C   . LYS A 1 84  ? -4.111  -10.067 3.335   1.00 14.51 ? 138 LYS A C   1 
ATOM   614  O O   . LYS A 1 84  ? -3.431  -10.882 3.972   1.00 14.92 ? 138 LYS A O   1 
ATOM   615  C CB  . LYS A 1 84  ? -6.641  -10.102 3.221   1.00 17.65 ? 138 LYS A CB  1 
ATOM   616  C CG  . LYS A 1 84  ? -6.686  -11.615 3.170   1.00 22.78 ? 138 LYS A CG  1 
ATOM   617  C CD  . LYS A 1 84  ? -7.982  -12.100 2.505   1.00 26.27 ? 138 LYS A CD  1 
ATOM   618  C CE  . LYS A 1 84  ? -8.079  -11.663 1.040   1.00 28.21 ? 138 LYS A CE  1 
ATOM   619  N NZ  . LYS A 1 84  ? -9.251  -12.254 0.344   1.00 30.76 ? 138 LYS A NZ  1 
ATOM   620  N N   . TRP A 1 85  ? -3.756  -9.624  2.137   1.00 13.39 ? 139 TRP A N   1 
ATOM   621  C CA  . TRP A 1 85  ? -2.531  -10.099 1.496   1.00 13.52 ? 139 TRP A CA  1 
ATOM   622  C C   . TRP A 1 85  ? -1.294  -9.800  2.329   1.00 13.74 ? 139 TRP A C   1 
ATOM   623  O O   . TRP A 1 85  ? -0.393  -10.629 2.452   1.00 13.02 ? 139 TRP A O   1 
ATOM   624  C CB  . TRP A 1 85  ? -2.352  -9.443  0.130   1.00 13.56 ? 139 TRP A CB  1 
ATOM   625  C CG  . TRP A 1 85  ? -3.286  -9.913  -0.909  1.00 12.97 ? 139 TRP A CG  1 
ATOM   626  C CD1 . TRP A 1 85  ? -4.358  -10.772 -0.750  1.00 15.71 ? 139 TRP A CD1 1 
ATOM   627  C CD2 . TRP A 1 85  ? -3.291  -9.521  -2.273  1.00 15.34 ? 139 TRP A CD2 1 
ATOM   628  N NE1 . TRP A 1 85  ? -5.018  -10.919 -1.940  1.00 15.62 ? 139 TRP A NE1 1 
ATOM   629  C CE2 . TRP A 1 85  ? -4.391  -10.163 -2.895  1.00 15.57 ? 139 TRP A CE2 1 
ATOM   630  C CE3 . TRP A 1 85  ? -2.470  -8.685  -3.040  1.00 15.07 ? 139 TRP A CE3 1 
ATOM   631  C CZ2 . TRP A 1 85  ? -4.690  -9.990  -4.243  1.00 17.02 ? 139 TRP A CZ2 1 
ATOM   632  C CZ3 . TRP A 1 85  ? -2.771  -8.517  -4.387  1.00 15.54 ? 139 TRP A CZ3 1 
ATOM   633  C CH2 . TRP A 1 85  ? -3.872  -9.165  -4.973  1.00 15.28 ? 139 TRP A CH2 1 
ATOM   634  N N   . VAL A 1 86  ? -1.222  -8.593  2.874   1.00 12.63 ? 140 VAL A N   1 
ATOM   635  C CA  . VAL A 1 86  ? -0.068  -8.231  3.685   1.00 13.64 ? 140 VAL A CA  1 
ATOM   636  C C   . VAL A 1 86  ? 0.010   -9.070  4.959   1.00 13.94 ? 140 VAL A C   1 
ATOM   637  O O   . VAL A 1 86  ? 1.084   -9.575  5.309   1.00 16.68 ? 140 VAL A O   1 
ATOM   638  C CB  . VAL A 1 86  ? -0.076  -6.720  4.032   1.00 11.72 ? 140 VAL A CB  1 
ATOM   639  C CG1 . VAL A 1 86  ? 1.028   -6.400  5.043   1.00 12.51 ? 140 VAL A CG1 1 
ATOM   640  C CG2 . VAL A 1 86  ? 0.117   -5.907  2.747   1.00 13.13 ? 140 VAL A CG2 1 
ATOM   641  N N   . LYS A 1 87  ? -1.112  -9.252  5.648   1.00 15.47 ? 141 LYS A N   1 
ATOM   642  C CA  . LYS A 1 87  ? -1.093  -10.051 6.868   1.00 17.29 ? 141 LYS A CA  1 
ATOM   643  C C   . LYS A 1 87  ? -0.725  -11.501 6.581   1.00 17.96 ? 141 LYS A C   1 
ATOM   644  O O   . LYS A 1 87  ? -0.086  -12.138 7.418   1.00 19.20 ? 141 LYS A O   1 
ATOM   645  C CB  . LYS A 1 87  ? -2.438  -9.971  7.595   1.00 19.21 ? 141 LYS A CB  1 
ATOM   646  C CG  . LYS A 1 87  ? -2.683  -8.596  8.211   1.00 23.42 ? 141 LYS A CG  1 
ATOM   647  C CD  . LYS A 1 87  ? -3.948  -8.538  9.042   1.00 25.95 ? 141 LYS A CD  1 
ATOM   648  C CE  . LYS A 1 87  ? -4.164  -7.145  9.631   1.00 29.39 ? 141 LYS A CE  1 
ATOM   649  N NZ  . LYS A 1 87  ? -5.375  -7.129  10.513  1.00 32.70 ? 141 LYS A NZ  1 
ATOM   650  N N   . ASP A 1 88  ? -1.103  -12.000 5.405   1.00 16.69 ? 142 ASP A N   1 
ATOM   651  C CA  . ASP A 1 88  ? -0.796  -13.378 5.001   1.00 20.32 ? 142 ASP A CA  1 
ATOM   652  C C   . ASP A 1 88  ? 0.615   -13.455 4.372   1.00 20.81 ? 142 ASP A C   1 
ATOM   653  O O   . ASP A 1 88  ? 1.134   -14.548 4.090   1.00 21.28 ? 142 ASP A O   1 
ATOM   654  C CB  . ASP A 1 88  ? -1.837  -13.886 3.985   1.00 23.26 ? 142 ASP A CB  1 
ATOM   655  C CG  . ASP A 1 88  ? -3.280  -13.913 4.537   1.00 29.06 ? 142 ASP A CG  1 
ATOM   656  O OD1 . ASP A 1 88  ? -3.497  -13.765 5.761   1.00 31.53 ? 142 ASP A OD1 1 
ATOM   657  O OD2 . ASP A 1 88  ? -4.213  -14.102 3.725   1.00 32.01 ? 142 ASP A OD2 1 
ATOM   658  N N   . LYS A 1 89  ? 1.230   -12.293 4.151   1.00 20.14 ? 143 LYS A N   1 
ATOM   659  C CA  . LYS A 1 89  ? 2.563   -12.205 3.550   1.00 20.13 ? 143 LYS A CA  1 
ATOM   660  C C   . LYS A 1 89  ? 2.596   -12.837 2.164   1.00 21.73 ? 143 LYS A C   1 
ATOM   661  O O   . LYS A 1 89  ? 3.621   -13.391 1.726   1.00 23.54 ? 143 LYS A O   1 
ATOM   662  C CB  . LYS A 1 89  ? 3.604   -12.866 4.464   1.00 21.39 ? 143 LYS A CB  1 
ATOM   663  C CG  . LYS A 1 89  ? 3.718   -12.202 5.823   1.00 23.48 ? 143 LYS A CG  1 
ATOM   664  C CD  . LYS A 1 89  ? 4.809   -12.834 6.683   1.00 27.44 ? 143 LYS A CD  1 
ATOM   665  C CE  . LYS A 1 89  ? 4.792   -12.247 8.083   1.00 30.14 ? 143 LYS A CE  1 
ATOM   666  N NZ  . LYS A 1 89  ? 5.503   -13.085 9.090   1.00 35.13 ? 143 LYS A NZ  1 
ATOM   667  N N   . LYS A 1 90  ? 1.464   -12.751 1.473   1.00 20.79 ? 144 LYS A N   1 
ATOM   668  C CA  . LYS A 1 90  ? 1.349   -13.297 0.133   1.00 21.36 ? 144 LYS A CA  1 
ATOM   669  C C   . LYS A 1 90  ? 0.320   -12.568 -0.728  1.00 19.70 ? 144 LYS A C   1 
ATOM   670  O O   . LYS A 1 90  ? -0.876  -12.548 -0.406  1.00 20.45 ? 144 LYS A O   1 
ATOM   671  C CB  . LYS A 1 90  ? 0.994   -14.786 0.195   1.00 23.44 ? 144 LYS A CB  1 
ATOM   672  C CG  . LYS A 1 90  ? 1.203   -15.504 -1.129  1.00 28.91 ? 144 LYS A CG  1 
ATOM   673  C CD  . LYS A 1 90  ? 2.683   -15.478 -1.524  1.00 33.51 ? 144 LYS A CD  1 
ATOM   674  C CE  . LYS A 1 90  ? 2.936   -16.137 -2.875  1.00 35.53 ? 144 LYS A CE  1 
ATOM   675  N NZ  . LYS A 1 90  ? 2.191   -15.448 -3.968  1.00 38.11 ? 144 LYS A NZ  1 
ATOM   676  N N   . ALA A 1 91  ? 0.791   -11.983 -1.829  1.00 19.00 ? 145 ALA A N   1 
ATOM   677  C CA  . ALA A 1 91  ? -0.074  -11.264 -2.759  1.00 19.59 ? 145 ALA A CA  1 
ATOM   678  C C   . ALA A 1 91  ? -0.719  -12.305 -3.673  1.00 20.96 ? 145 ALA A C   1 
ATOM   679  O O   . ALA A 1 91  ? -0.020  -13.084 -4.327  1.00 26.13 ? 145 ALA A O   1 
ATOM   680  C CB  . ALA A 1 91  ? 0.746   -10.274 -3.579  1.00 19.46 ? 145 ALA A CB  1 
ATOM   681  N N   . LYS A 1 92  ? -2.043  -12.317 -3.726  1.00 19.43 ? 146 LYS A N   1 
ATOM   682  C CA  . LYS A 1 92  ? -2.750  -13.295 -4.545  1.00 19.89 ? 146 LYS A CA  1 
ATOM   683  C C   . LYS A 1 92  ? -3.277  -12.760 -5.861  1.00 17.84 ? 146 LYS A C   1 
ATOM   684  O O   . LYS A 1 92  ? -4.439  -12.971 -6.219  1.00 19.86 ? 146 LYS A O   1 
ATOM   685  C CB  . LYS A 1 92  ? -3.890  -13.916 -3.732  1.00 21.10 ? 146 LYS A CB  1 
ATOM   686  C CG  . LYS A 1 92  ? -3.372  -14.670 -2.522  1.00 24.15 ? 146 LYS A CG  1 
ATOM   687  C CD  . LYS A 1 92  ? -4.467  -15.276 -1.679  0.00 23.43 ? 146 LYS A CD  1 
ATOM   688  C CE  . LYS A 1 92  ? -3.849  -16.144 -0.596  0.00 23.80 ? 146 LYS A CE  1 
ATOM   689  N NZ  . LYS A 1 92  ? -4.836  -16.548 0.435   0.00 23.75 ? 146 LYS A NZ  1 
ATOM   690  N N   . SER A 1 93  ? -2.426  -12.051 -6.590  1.00 16.15 ? 147 SER A N   1 
ATOM   691  C CA  . SER A 1 93  ? -2.820  -11.491 -7.873  1.00 16.28 ? 147 SER A CA  1 
ATOM   692  C C   . SER A 1 93  ? -2.934  -12.585 -8.908  1.00 17.57 ? 147 SER A C   1 
ATOM   693  O O   . SER A 1 93  ? -2.187  -13.556 -8.860  1.00 19.57 ? 147 SER A O   1 
ATOM   694  C CB  . SER A 1 93  ? -1.772  -10.477 -8.357  1.00 16.17 ? 147 SER A CB  1 
ATOM   695  O OG  . SER A 1 93  ? -2.017  -10.068 -9.688  1.00 16.75 ? 147 SER A OG  1 
ATOM   696  N N   . THR A 1 94  ? -3.868  -12.425 -9.833  1.00 18.16 ? 148 THR A N   1 
ATOM   697  C CA  . THR A 1 94  ? -4.026  -13.400 -10.912 1.00 19.21 ? 148 THR A CA  1 
ATOM   698  C C   . THR A 1 94  ? -3.428  -12.856 -12.209 1.00 19.16 ? 148 THR A C   1 
ATOM   699  O O   . THR A 1 94  ? -3.578  -13.454 -13.271 1.00 19.50 ? 148 THR A O   1 
ATOM   700  C CB  . THR A 1 94  ? -5.505  -13.741 -11.177 1.00 21.12 ? 148 THR A CB  1 
ATOM   701  O OG1 . THR A 1 94  ? -6.221  -12.551 -11.525 1.00 23.88 ? 148 THR A OG1 1 
ATOM   702  C CG2 . THR A 1 94  ? -6.125  -14.401 -9.964  1.00 22.69 ? 148 THR A CG2 1 
ATOM   703  N N   . LEU A 1 95  ? -2.745  -11.714 -12.125 1.00 17.90 ? 149 LEU A N   1 
ATOM   704  C CA  . LEU A 1 95  ? -2.131  -11.114 -13.305 1.00 17.78 ? 149 LEU A CA  1 
ATOM   705  C C   . LEU A 1 95  ? -1.092  -12.058 -13.906 1.00 18.39 ? 149 LEU A C   1 
ATOM   706  O O   . LEU A 1 95  ? -0.241  -12.598 -13.199 1.00 17.68 ? 149 LEU A O   1 
ATOM   707  C CB  . LEU A 1 95  ? -1.454  -9.780  -12.947 1.00 16.63 ? 149 LEU A CB  1 
ATOM   708  C CG  . LEU A 1 95  ? -0.819  -9.037  -14.134 1.00 16.92 ? 149 LEU A CG  1 
ATOM   709  C CD1 . LEU A 1 95  ? -1.888  -8.579  -15.100 1.00 15.69 ? 149 LEU A CD1 1 
ATOM   710  C CD2 . LEU A 1 95  ? -0.048  -7.827  -13.633 1.00 15.63 ? 149 LEU A CD2 1 
ATOM   711  N N   . VAL A 1 96  ? -1.182  -12.250 -15.219 1.00 19.64 ? 150 VAL A N   1 
ATOM   712  C CA  . VAL A 1 96  ? -0.250  -13.101 -15.943 1.00 21.27 ? 150 VAL A CA  1 
ATOM   713  C C   . VAL A 1 96  ? 1.189   -12.614 -15.745 1.00 21.42 ? 150 VAL A C   1 
ATOM   714  O O   . VAL A 1 96  ? 1.438   -11.414 -15.583 1.00 20.33 ? 150 VAL A O   1 
ATOM   715  C CB  . VAL A 1 96  ? -0.574  -13.086 -17.465 1.00 22.26 ? 150 VAL A CB  1 
ATOM   716  C CG1 . VAL A 1 96  ? -0.430  -11.663 -18.022 1.00 23.34 ? 150 VAL A CG1 1 
ATOM   717  C CG2 . VAL A 1 96  ? 0.344   -14.058 -18.206 1.00 23.59 ? 150 VAL A CG2 1 
ATOM   718  N N   . ARG A 1 97  ? 2.131   -13.550 -15.755 1.00 21.52 ? 151 ARG A N   1 
ATOM   719  C CA  . ARG A 1 97  ? 3.539   -13.203 -15.621 1.00 22.96 ? 151 ARG A CA  1 
ATOM   720  C C   . ARG A 1 97  ? 4.192   -13.267 -16.995 1.00 23.14 ? 151 ARG A C   1 
ATOM   721  O O   . ARG A 1 97  ? 4.429   -14.357 -17.516 1.00 25.97 ? 151 ARG A O   1 
ATOM   722  C CB  . ARG A 1 97  ? 4.268   -14.173 -14.685 1.00 22.12 ? 151 ARG A CB  1 
ATOM   723  C CG  . ARG A 1 97  ? 4.065   -13.932 -13.200 1.00 21.43 ? 151 ARG A CG  1 
ATOM   724  C CD  . ARG A 1 97  ? 4.777   -15.009 -12.393 1.00 23.12 ? 151 ARG A CD  1 
ATOM   725  N NE  . ARG A 1 97  ? 4.541   -14.931 -10.951 1.00 21.74 ? 151 ARG A NE  1 
ATOM   726  C CZ  . ARG A 1 97  ? 5.299   -14.247 -10.095 1.00 21.78 ? 151 ARG A CZ  1 
ATOM   727  N NH1 . ARG A 1 97  ? 6.351   -13.562 -10.526 1.00 22.12 ? 151 ARG A NH1 1 
ATOM   728  N NH2 . ARG A 1 97  ? 5.034   -14.294 -8.798  1.00 19.33 ? 151 ARG A NH2 1 
ATOM   729  N N   . ASN A 1 98  ? 4.439   -12.106 -17.595 1.00 23.46 ? 152 ASN A N   1 
ATOM   730  C CA  . ASN A 1 98  ? 5.115   -12.033 -18.887 1.00 23.88 ? 152 ASN A CA  1 
ATOM   731  C C   . ASN A 1 98  ? 6.085   -10.858 -18.847 1.00 23.73 ? 152 ASN A C   1 
ATOM   732  O O   . ASN A 1 98  ? 6.290   -10.245 -17.792 1.00 21.31 ? 152 ASN A O   1 
ATOM   733  C CB  . ASN A 1 98  ? 4.125   -11.896 -20.065 1.00 25.13 ? 152 ASN A CB  1 
ATOM   734  C CG  . ASN A 1 98  ? 3.213   -10.674 -19.954 1.00 27.16 ? 152 ASN A CG  1 
ATOM   735  O OD1 . ASN A 1 98  ? 3.599   -9.631  -19.427 1.00 25.20 ? 152 ASN A OD1 1 
ATOM   736  N ND2 . ASN A 1 98  ? 2.002   -10.796 -20.491 1.00 25.36 ? 152 ASN A ND2 1 
ATOM   737  N N   . GLU A 1 99  ? 6.693   -10.544 -19.980 1.00 23.59 ? 153 GLU A N   1 
ATOM   738  C CA  . GLU A 1 99  ? 7.661   -9.460  -20.026 1.00 23.41 ? 153 GLU A CA  1 
ATOM   739  C C   . GLU A 1 99  ? 7.048   -8.119  -19.644 1.00 21.74 ? 153 GLU A C   1 
ATOM   740  O O   . GLU A 1 99  ? 7.665   -7.334  -18.929 1.00 22.28 ? 153 GLU A O   1 
ATOM   741  C CB  . GLU A 1 99  ? 8.284   -9.368  -21.421 1.00 25.51 ? 153 GLU A CB  1 
ATOM   742  C CG  . GLU A 1 99  ? 9.441   -8.401  -21.504 1.00 26.70 ? 153 GLU A CG  1 
ATOM   743  C CD  . GLU A 1 99  ? 9.945   -8.223  -22.923 0.00 26.14 ? 153 GLU A CD  1 
ATOM   744  O OE1 . GLU A 1 99  ? 10.248  -9.240  -23.581 0.00 26.15 ? 153 GLU A OE1 1 
ATOM   745  O OE2 . GLU A 1 99  ? 10.040  -7.065  -23.380 0.00 26.15 ? 153 GLU A OE2 1 
ATOM   746  N N   . GLU A 1 100 ? 5.833   -7.863  -20.116 1.00 20.10 ? 154 GLU A N   1 
ATOM   747  C CA  . GLU A 1 100 ? 5.163   -6.602  -19.814 1.00 18.92 ? 154 GLU A CA  1 
ATOM   748  C C   . GLU A 1 100 ? 4.826   -6.455  -18.331 1.00 17.87 ? 154 GLU A C   1 
ATOM   749  O O   . GLU A 1 100 ? 4.829   -5.340  -17.806 1.00 18.00 ? 154 GLU A O   1 
ATOM   750  C CB  . GLU A 1 100 ? 3.887   -6.456  -20.651 1.00 21.34 ? 154 GLU A CB  1 
ATOM   751  C CG  . GLU A 1 100 ? 3.987   -5.374  -21.717 0.00 21.57 ? 154 GLU A CG  1 
ATOM   752  C CD  . GLU A 1 100 ? 2.877   -5.449  -22.745 0.00 22.18 ? 154 GLU A CD  1 
ATOM   753  O OE1 . GLU A 1 100 ? 1.691   -5.441  -22.351 0.00 22.40 ? 154 GLU A OE1 1 
ATOM   754  O OE2 . GLU A 1 100 ? 3.193   -5.515  -23.952 0.00 22.40 ? 154 GLU A OE2 1 
ATOM   755  N N   . THR A 1 101 ? 4.546   -7.566  -17.659 1.00 16.77 ? 155 THR A N   1 
ATOM   756  C CA  . THR A 1 101 ? 4.211   -7.506  -16.235 1.00 15.78 ? 155 THR A CA  1 
ATOM   757  C C   . THR A 1 101 ? 5.380   -7.843  -15.313 1.00 15.85 ? 155 THR A C   1 
ATOM   758  O O   . THR A 1 101 ? 5.212   -7.923  -14.093 1.00 15.75 ? 155 THR A O   1 
ATOM   759  C CB  . THR A 1 101 ? 3.057   -8.465  -15.888 1.00 15.52 ? 155 THR A CB  1 
ATOM   760  O OG1 . THR A 1 101 ? 3.495   -9.817  -16.058 1.00 16.59 ? 155 THR A OG1 1 
ATOM   761  C CG2 . THR A 1 101 ? 1.853   -8.217  -16.787 1.00 17.49 ? 155 THR A CG2 1 
ATOM   762  N N   . ALA A 1 102 ? 6.571   -8.028  -15.877 1.00 15.77 ? 156 ALA A N   1 
ATOM   763  C CA  . ALA A 1 102 ? 7.730   -8.397  -15.063 1.00 15.75 ? 156 ALA A CA  1 
ATOM   764  C C   . ALA A 1 102 ? 8.120   -7.418  -13.964 1.00 13.78 ? 156 ALA A C   1 
ATOM   765  O O   . ALA A 1 102 ? 8.472   -7.844  -12.853 1.00 15.56 ? 156 ALA A O   1 
ATOM   766  C CB  . ALA A 1 102 ? 8.945   -8.679  -15.970 1.00 16.30 ? 156 ALA A CB  1 
ATOM   767  N N   . LEU A 1 103 ? 8.059   -6.120  -14.244 1.00 13.94 ? 157 LEU A N   1 
ATOM   768  C CA  . LEU A 1 103 ? 8.436   -5.139  -13.223 1.00 13.53 ? 157 LEU A CA  1 
ATOM   769  C C   . LEU A 1 103 ? 7.475   -5.147  -12.033 1.00 13.06 ? 157 LEU A C   1 
ATOM   770  O O   . LEU A 1 103 ? 7.909   -5.221  -10.888 1.00 13.25 ? 157 LEU A O   1 
ATOM   771  C CB  . LEU A 1 103 ? 8.499   -3.726  -13.807 1.00 14.09 ? 157 LEU A CB  1 
ATOM   772  C CG  . LEU A 1 103 ? 8.750   -2.607  -12.780 1.00 15.00 ? 157 LEU A CG  1 
ATOM   773  C CD1 . LEU A 1 103 ? 10.079  -2.832  -12.040 1.00 14.81 ? 157 LEU A CD1 1 
ATOM   774  C CD2 . LEU A 1 103 ? 8.754   -1.273  -13.495 1.00 14.45 ? 157 LEU A CD2 1 
ATOM   775  N N   . ILE A 1 104 ? 6.173   -5.076  -12.289 1.00 13.85 ? 158 ILE A N   1 
ATOM   776  C CA  . ILE A 1 104 ? 5.247   -5.087  -11.163 1.00 12.99 ? 158 ILE A CA  1 
ATOM   777  C C   . ILE A 1 104 ? 5.377   -6.392  -10.377 1.00 13.35 ? 158 ILE A C   1 
ATOM   778  O O   . ILE A 1 104 ? 5.339   -6.380  -9.152  1.00 12.15 ? 158 ILE A O   1 
ATOM   779  C CB  . ILE A 1 104 ? 3.749   -4.849  -11.613 1.00 12.49 ? 158 ILE A CB  1 
ATOM   780  C CG1 . ILE A 1 104 ? 2.887   -4.603  -10.378 1.00 14.96 ? 158 ILE A CG1 1 
ATOM   781  C CG2 . ILE A 1 104 ? 3.190   -6.034  -12.385 1.00 14.43 ? 158 ILE A CG2 1 
ATOM   782  C CD1 . ILE A 1 104 ? 3.096   -3.239  -9.770  1.00 14.82 ? 158 ILE A CD1 1 
ATOM   783  N N   . TRP A 1 105 ? 5.552   -7.518  -11.066 1.00 12.29 ? 159 TRP A N   1 
ATOM   784  C CA  . TRP A 1 105 ? 5.699   -8.777  -10.348 1.00 13.23 ? 159 TRP A CA  1 
ATOM   785  C C   . TRP A 1 105 ? 6.986   -8.827  -9.536  1.00 12.98 ? 159 TRP A C   1 
ATOM   786  O O   . TRP A 1 105 ? 7.011   -9.379  -8.440  1.00 13.16 ? 159 TRP A O   1 
ATOM   787  C CB  . TRP A 1 105 ? 5.638   -9.973  -11.311 1.00 14.33 ? 159 TRP A CB  1 
ATOM   788  C CG  . TRP A 1 105 ? 4.248   -10.504 -11.447 1.00 13.55 ? 159 TRP A CG  1 
ATOM   789  C CD1 . TRP A 1 105 ? 3.460   -10.494 -12.566 1.00 13.63 ? 159 TRP A CD1 1 
ATOM   790  C CD2 . TRP A 1 105 ? 3.477   -11.124 -10.415 1.00 13.19 ? 159 TRP A CD2 1 
ATOM   791  N NE1 . TRP A 1 105 ? 2.245   -11.072 -12.288 1.00 14.15 ? 159 TRP A NE1 1 
ATOM   792  C CE2 . TRP A 1 105 ? 2.226   -11.470 -10.978 1.00 13.84 ? 159 TRP A CE2 1 
ATOM   793  C CE3 . TRP A 1 105 ? 3.719   -11.419 -9.063  1.00 13.42 ? 159 TRP A CE3 1 
ATOM   794  C CZ2 . TRP A 1 105 ? 1.219   -12.103 -10.237 1.00 13.96 ? 159 TRP A CZ2 1 
ATOM   795  C CZ3 . TRP A 1 105 ? 2.712   -12.048 -8.321  1.00 15.51 ? 159 TRP A CZ3 1 
ATOM   796  C CH2 . TRP A 1 105 ? 1.477   -12.382 -8.913  1.00 15.01 ? 159 TRP A CH2 1 
ATOM   797  N N   . LYS A 1 106 ? 8.055   -8.252  -10.065 1.00 11.62 ? 160 LYS A N   1 
ATOM   798  C CA  . LYS A 1 106 ? 9.317   -8.229  -9.332  1.00 11.36 ? 160 LYS A CA  1 
ATOM   799  C C   . LYS A 1 106 ? 9.161   -7.414  -8.046  1.00 10.11 ? 160 LYS A C   1 
ATOM   800  O O   . LYS A 1 106 ? 9.634   -7.805  -6.983  1.00 12.04 ? 160 LYS A O   1 
ATOM   801  C CB  . LYS A 1 106 ? 10.412  -7.631  -10.217 1.00 12.50 ? 160 LYS A CB  1 
ATOM   802  C CG  . LYS A 1 106 ? 11.781  -7.523  -9.569  1.00 13.83 ? 160 LYS A CG  1 
ATOM   803  C CD  . LYS A 1 106 ? 12.783  -6.999  -10.597 1.00 14.82 ? 160 LYS A CD  1 
ATOM   804  C CE  . LYS A 1 106 ? 14.188  -6.930  -10.032 1.00 15.43 ? 160 LYS A CE  1 
ATOM   805  N NZ  . LYS A 1 106 ? 14.306  -5.955  -8.910  1.00 15.53 ? 160 LYS A NZ  1 
ATOM   806  N N   . LEU A 1 107 ? 8.502   -6.261  -8.149  1.00 10.88 ? 161 LEU A N   1 
ATOM   807  C CA  . LEU A 1 107 ? 8.296   -5.440  -6.961  1.00 10.80 ? 161 LEU A CA  1 
ATOM   808  C C   . LEU A 1 107 ? 7.403   -6.157  -5.946  1.00 9.79  ? 161 LEU A C   1 
ATOM   809  O O   . LEU A 1 107 ? 7.662   -6.125  -4.741  1.00 11.62 ? 161 LEU A O   1 
ATOM   810  C CB  . LEU A 1 107 ? 7.689   -4.088  -7.366  1.00 11.22 ? 161 LEU A CB  1 
ATOM   811  C CG  . LEU A 1 107 ? 8.586   -3.238  -8.278  1.00 11.24 ? 161 LEU A CG  1 
ATOM   812  C CD1 . LEU A 1 107 ? 7.837   -1.977  -8.697  1.00 12.24 ? 161 LEU A CD1 1 
ATOM   813  C CD2 . LEU A 1 107 ? 9.867   -2.834  -7.542  1.00 13.97 ? 161 LEU A CD2 1 
ATOM   814  N N   . VAL A 1 108 ? 6.353   -6.820  -6.427  1.00 11.10 ? 162 VAL A N   1 
ATOM   815  C CA  . VAL A 1 108 ? 5.472   -7.543  -5.524  1.00 12.94 ? 162 VAL A CA  1 
ATOM   816  C C   . VAL A 1 108 ? 6.205   -8.720  -4.866  1.00 12.71 ? 162 VAL A C   1 
ATOM   817  O O   . VAL A 1 108 ? 6.097   -8.938  -3.657  1.00 12.82 ? 162 VAL A O   1 
ATOM   818  C CB  . VAL A 1 108 ? 4.216   -8.028  -6.282  1.00 12.76 ? 162 VAL A CB  1 
ATOM   819  C CG1 . VAL A 1 108 ? 3.436   -9.055  -5.440  1.00 14.22 ? 162 VAL A CG1 1 
ATOM   820  C CG2 . VAL A 1 108 ? 3.325   -6.816  -6.599  1.00 14.45 ? 162 VAL A CG2 1 
ATOM   821  N N   . ASP A 1 109 ? 6.956   -9.477  -5.660  1.00 12.94 ? 163 ASP A N   1 
ATOM   822  C CA  . ASP A 1 109 ? 7.702   -10.605 -5.099  1.00 14.70 ? 163 ASP A CA  1 
ATOM   823  C C   . ASP A 1 109 ? 8.703   -10.119 -4.048  1.00 12.13 ? 163 ASP A C   1 
ATOM   824  O O   . ASP A 1 109 ? 8.892   -10.761 -3.006  1.00 13.80 ? 163 ASP A O   1 
ATOM   825  C CB  . ASP A 1 109 ? 8.460   -11.377 -6.196  1.00 15.68 ? 163 ASP A CB  1 
ATOM   826  C CG  . ASP A 1 109 ? 7.537   -12.152 -7.124  1.00 17.71 ? 163 ASP A CG  1 
ATOM   827  O OD1 . ASP A 1 109 ? 6.372   -12.421 -6.750  1.00 20.25 ? 163 ASP A OD1 1 
ATOM   828  O OD2 . ASP A 1 109 ? 7.990   -12.508 -8.236  1.00 22.08 ? 163 ASP A OD2 1 
ATOM   829  N N   . GLU A 1 110 ? 9.364   -8.990  -4.317  1.00 12.79 ? 164 GLU A N   1 
ATOM   830  C CA  . GLU A 1 110 ? 10.318  -8.458  -3.360  1.00 11.90 ? 164 GLU A CA  1 
ATOM   831  C C   . GLU A 1 110 ? 9.629   -7.901  -2.118  1.00 11.26 ? 164 GLU A C   1 
ATOM   832  O O   . GLU A 1 110 ? 10.188  -7.965  -1.022  1.00 14.04 ? 164 GLU A O   1 
ATOM   833  C CB  . GLU A 1 110 ? 11.208  -7.412  -4.028  1.00 13.21 ? 164 GLU A CB  1 
ATOM   834  C CG  . GLU A 1 110 ? 12.174  -8.093  -4.995  1.00 13.31 ? 164 GLU A CG  1 
ATOM   835  C CD  . GLU A 1 110 ? 12.910  -7.152  -5.925  1.00 16.26 ? 164 GLU A CD  1 
ATOM   836  O OE1 . GLU A 1 110 ? 13.599  -7.690  -6.822  1.00 18.15 ? 164 GLU A OE1 1 
ATOM   837  O OE2 . GLU A 1 110 ? 12.824  -5.912  -5.775  1.00 16.72 ? 164 GLU A OE2 1 
ATOM   838  N N   . ALA A 1 111 ? 8.423   -7.357  -2.274  1.00 11.62 ? 165 ALA A N   1 
ATOM   839  C CA  . ALA A 1 111 ? 7.700   -6.864  -1.109  1.00 12.18 ? 165 ALA A CA  1 
ATOM   840  C C   . ALA A 1 111 ? 7.317   -8.065  -0.218  1.00 12.00 ? 165 ALA A C   1 
ATOM   841  O O   . ALA A 1 111 ? 7.392   -7.968  0.999   1.00 11.54 ? 165 ALA A O   1 
ATOM   842  C CB  . ALA A 1 111 ? 6.444   -6.089  -1.537  1.00 9.86  ? 165 ALA A CB  1 
ATOM   843  N N   . GLU A 1 112 ? 6.902   -9.174  -0.835  1.00 13.03 ? 166 GLU A N   1 
ATOM   844  C CA  . GLU A 1 112 ? 6.574   -10.388 -0.079  1.00 15.53 ? 166 GLU A CA  1 
ATOM   845  C C   . GLU A 1 112 ? 7.820   -10.865 0.663   1.00 15.52 ? 166 GLU A C   1 
ATOM   846  O O   . GLU A 1 112 ? 7.758   -11.212 1.843   1.00 16.11 ? 166 GLU A O   1 
ATOM   847  C CB  . GLU A 1 112 ? 6.121   -11.507 -1.000  1.00 18.18 ? 166 GLU A CB  1 
ATOM   848  C CG  . GLU A 1 112 ? 4.777   -11.324 -1.605  1.00 21.23 ? 166 GLU A CG  1 
ATOM   849  C CD  . GLU A 1 112 ? 4.424   -12.490 -2.502  1.00 24.17 ? 166 GLU A CD  1 
ATOM   850  O OE1 . GLU A 1 112 ? 5.335   -13.296 -2.808  1.00 27.79 ? 166 GLU A OE1 1 
ATOM   851  O OE2 . GLU A 1 112 ? 3.255   -12.598 -2.906  1.00 24.37 ? 166 GLU A OE2 1 
ATOM   852  N N   . GLU A 1 113 ? 8.959   -10.875 -0.027  1.00 14.79 ? 167 GLU A N   1 
ATOM   853  C CA  . GLU A 1 113 ? 10.205  -11.301 0.604   1.00 16.27 ? 167 GLU A CA  1 
ATOM   854  C C   . GLU A 1 113 ? 10.535  -10.414 1.802   1.00 14.93 ? 167 GLU A C   1 
ATOM   855  O O   . GLU A 1 113 ? 10.997  -10.899 2.831   1.00 16.22 ? 167 GLU A O   1 
ATOM   856  C CB  . GLU A 1 113 ? 11.355  -11.297 -0.415  1.00 18.06 ? 167 GLU A CB  1 
ATOM   857  C CG  . GLU A 1 113 ? 12.760  -11.599 0.140   1.00 21.14 ? 167 GLU A CG  1 
ATOM   858  C CD  . GLU A 1 113 ? 12.939  -13.010 0.705   1.00 24.38 ? 167 GLU A CD  1 
ATOM   859  O OE1 . GLU A 1 113 ? 12.070  -13.880 0.488   1.00 25.39 ? 167 GLU A OE1 1 
ATOM   860  O OE2 . GLU A 1 113 ? 13.984  -13.239 1.362   1.00 26.68 ? 167 GLU A OE2 1 
ATOM   861  N N   . TRP A 1 114 ? 10.300  -9.109  1.688   1.00 13.31 ? 168 TRP A N   1 
ATOM   862  C CA  . TRP A 1 114 ? 10.562  -8.227  2.823   1.00 12.05 ? 168 TRP A CA  1 
ATOM   863  C C   . TRP A 1 114 ? 9.682   -8.645  4.021   1.00 12.98 ? 168 TRP A C   1 
ATOM   864  O O   . TRP A 1 114 ? 10.151  -8.716  5.164   1.00 13.63 ? 168 TRP A O   1 
ATOM   865  C CB  . TRP A 1 114 ? 10.261  -6.769  2.448   1.00 13.30 ? 168 TRP A CB  1 
ATOM   866  C CG  . TRP A 1 114 ? 10.709  -5.808  3.508   1.00 13.83 ? 168 TRP A CG  1 
ATOM   867  C CD1 . TRP A 1 114 ? 11.966  -5.270  3.653   1.00 16.19 ? 168 TRP A CD1 1 
ATOM   868  C CD2 . TRP A 1 114 ? 9.950   -5.355  4.639   1.00 13.65 ? 168 TRP A CD2 1 
ATOM   869  N NE1 . TRP A 1 114 ? 12.033  -4.524  4.804   1.00 16.67 ? 168 TRP A NE1 1 
ATOM   870  C CE2 . TRP A 1 114 ? 10.813  -4.558  5.430   1.00 14.50 ? 168 TRP A CE2 1 
ATOM   871  C CE3 . TRP A 1 114 ? 8.633   -5.550  5.061   1.00 13.80 ? 168 TRP A CE3 1 
ATOM   872  C CZ2 . TRP A 1 114 ? 10.395  -3.956  6.618   1.00 14.81 ? 168 TRP A CZ2 1 
ATOM   873  C CZ3 . TRP A 1 114 ? 8.213   -4.948  6.257   1.00 14.49 ? 168 TRP A CZ3 1 
ATOM   874  C CH2 . TRP A 1 114 ? 9.096   -4.164  7.014   1.00 15.05 ? 168 TRP A CH2 1 
ATOM   875  N N   . LEU A 1 115 ? 8.402   -8.903  3.770   1.00 12.87 ? 169 LEU A N   1 
ATOM   876  C CA  . LEU A 1 115 ? 7.486   -9.289  4.839   1.00 14.42 ? 169 LEU A CA  1 
ATOM   877  C C   . LEU A 1 115 ? 7.924   -10.598 5.506   1.00 15.35 ? 169 LEU A C   1 
ATOM   878  O O   . LEU A 1 115 ? 7.782   -10.771 6.723   1.00 17.05 ? 169 LEU A O   1 
ATOM   879  C CB  . LEU A 1 115 ? 6.063   -9.447  4.279   1.00 13.73 ? 169 LEU A CB  1 
ATOM   880  C CG  . LEU A 1 115 ? 5.347   -8.156  3.829   1.00 13.05 ? 169 LEU A CG  1 
ATOM   881  C CD1 . LEU A 1 115 ? 4.051   -8.522  3.108   1.00 12.64 ? 169 LEU A CD1 1 
ATOM   882  C CD2 . LEU A 1 115 ? 5.090   -7.260  5.037   1.00 13.13 ? 169 LEU A CD2 1 
ATOM   883  N N   . ASN A 1 116 ? 8.444   -11.517 4.703   1.00 16.01 ? 170 ASN A N   1 
ATOM   884  C CA  . ASN A 1 116 ? 8.900   -12.812 5.206   1.00 18.44 ? 170 ASN A CA  1 
ATOM   885  C C   . ASN A 1 116 ? 10.218  -12.767 5.960   1.00 19.67 ? 170 ASN A C   1 
ATOM   886  O O   . ASN A 1 116 ? 10.592  -13.752 6.603   1.00 21.33 ? 170 ASN A O   1 
ATOM   887  C CB  . ASN A 1 116 ? 9.059   -13.787 4.044   1.00 19.01 ? 170 ASN A CB  1 
ATOM   888  C CG  . ASN A 1 116 ? 7.751   -14.311 3.546   1.00 20.51 ? 170 ASN A CG  1 
ATOM   889  O OD1 . ASN A 1 116 ? 7.551   -14.462 2.343   1.00 25.56 ? 170 ASN A OD1 1 
ATOM   890  N ND2 . ASN A 1 116 ? 6.847   -14.612 4.468   1.00 21.37 ? 170 ASN A ND2 1 
ATOM   891  N N   . THR A 1 117 ? 10.918  -11.641 5.901   1.00 19.39 ? 171 THR A N   1 
ATOM   892  C CA  . THR A 1 117 ? 12.218  -11.540 6.543   1.00 19.82 ? 171 THR A CA  1 
ATOM   893  C C   . THR A 1 117 ? 12.379  -10.394 7.538   1.00 20.02 ? 171 THR A C   1 
ATOM   894  O O   . THR A 1 117 ? 13.490  -10.112 7.990   1.00 20.86 ? 171 THR A O   1 
ATOM   895  C CB  . THR A 1 117 ? 13.334  -11.437 5.476   1.00 19.66 ? 171 THR A CB  1 
ATOM   896  O OG1 . THR A 1 117 ? 13.080  -10.312 4.622   1.00 19.86 ? 171 THR A OG1 1 
ATOM   897  C CG2 . THR A 1 117 ? 13.388  -12.718 4.634   1.00 19.38 ? 171 THR A CG2 1 
ATOM   898  N N   . HIS A 1 118 ? 11.277  -9.728  7.875   1.00 19.72 ? 172 HIS A N   1 
ATOM   899  C CA  . HIS A 1 118 ? 11.328  -8.628  8.825   1.00 20.20 ? 172 HIS A CA  1 
ATOM   900  C C   . HIS A 1 118 ? 10.134  -8.679  9.754   1.00 20.22 ? 172 HIS A C   1 
ATOM   901  O O   . HIS A 1 118 ? 9.133   -9.322  9.452   1.00 21.64 ? 172 HIS A O   1 
ATOM   902  C CB  . HIS A 1 118 ? 11.307  -7.269  8.100   1.00 21.00 ? 172 HIS A CB  1 
ATOM   903  C CG  . HIS A 1 118 ? 12.506  -7.028  7.242   1.00 22.45 ? 172 HIS A CG  1 
ATOM   904  N ND1 . HIS A 1 118 ? 12.660  -7.607  6.002   1.00 21.33 ? 172 HIS A ND1 1 
ATOM   905  C CD2 . HIS A 1 118 ? 13.624  -6.295  7.460   1.00 24.00 ? 172 HIS A CD2 1 
ATOM   906  C CE1 . HIS A 1 118 ? 13.824  -7.244  5.491   1.00 23.86 ? 172 HIS A CE1 1 
ATOM   907  N NE2 . HIS A 1 118 ? 14.429  -6.448  6.357   1.00 24.35 ? 172 HIS A NE2 1 
ATOM   908  N N   . THR A 1 119 ? 10.259  -8.014  10.896  1.00 20.75 ? 173 THR A N   1 
ATOM   909  C CA  . THR A 1 119 ? 9.155   -7.913  11.843  1.00 21.07 ? 173 THR A CA  1 
ATOM   910  C C   . THR A 1 119 ? 8.776   -6.426  11.861  1.00 19.47 ? 173 THR A C   1 
ATOM   911  O O   . THR A 1 119 ? 9.574   -5.560  11.475  1.00 20.54 ? 173 THR A O   1 
ATOM   912  C CB  . THR A 1 119 ? 9.565   -8.342  13.281  1.00 22.40 ? 173 THR A CB  1 
ATOM   913  O OG1 . THR A 1 119 ? 10.720  -7.599  13.689  1.00 23.00 ? 173 THR A OG1 1 
ATOM   914  C CG2 . THR A 1 119 ? 9.849   -9.838  13.335  1.00 23.75 ? 173 THR A CG2 1 
ATOM   915  N N   . TYR A 1 120 ? 7.554   -6.130  12.281  1.00 20.57 ? 174 TYR A N   1 
ATOM   916  C CA  . TYR A 1 120 ? 7.115   -4.740  12.353  1.00 20.37 ? 174 TYR A CA  1 
ATOM   917  C C   . TYR A 1 120 ? 6.055   -4.613  13.446  1.00 20.02 ? 174 TYR A C   1 
ATOM   918  O O   . TYR A 1 120 ? 5.349   -5.578  13.745  1.00 20.90 ? 174 TYR A O   1 
ATOM   919  C CB  . TYR A 1 120 ? 6.589   -4.264  10.985  1.00 18.86 ? 174 TYR A CB  1 
ATOM   920  C CG  . TYR A 1 120 ? 5.403   -5.040  10.434  1.00 16.42 ? 174 TYR A CG  1 
ATOM   921  C CD1 . TYR A 1 120 ? 4.099   -4.728  10.815  1.00 17.03 ? 174 TYR A CD1 1 
ATOM   922  C CD2 . TYR A 1 120 ? 5.586   -6.055  9.503   1.00 17.10 ? 174 TYR A CD2 1 
ATOM   923  C CE1 . TYR A 1 120 ? 3.008   -5.404  10.273  1.00 15.49 ? 174 TYR A CE1 1 
ATOM   924  C CE2 . TYR A 1 120 ? 4.506   -6.738  8.957   1.00 14.67 ? 174 TYR A CE2 1 
ATOM   925  C CZ  . TYR A 1 120 ? 3.221   -6.407  9.343   1.00 16.16 ? 174 TYR A CZ  1 
ATOM   926  O OH  . TYR A 1 120 ? 2.157   -7.075  8.793   1.00 18.92 ? 174 TYR A OH  1 
ATOM   927  N N   . GLU A 1 121 ? 5.951   -3.425  14.038  1.00 23.02 ? 175 GLU A N   1 
ATOM   928  C CA  . GLU A 1 121 ? 4.993   -3.208  15.121  1.00 24.57 ? 175 GLU A CA  1 
ATOM   929  C C   . GLU A 1 121 ? 3.755   -2.434  14.671  1.00 23.17 ? 175 GLU A C   1 
ATOM   930  O O   . GLU A 1 121 ? 2.817   -2.241  15.434  1.00 25.24 ? 175 GLU A O   1 
ATOM   931  C CB  . GLU A 1 121 ? 5.687   -2.478  16.289  1.00 26.91 ? 175 GLU A CB  1 
ATOM   932  C CG  . GLU A 1 121 ? 6.189   -1.059  15.978  1.00 30.78 ? 175 GLU A CG  1 
ATOM   933  C CD  . GLU A 1 121 ? 7.268   -0.570  16.959  1.00 32.55 ? 175 GLU A CD  1 
ATOM   934  O OE1 . GLU A 1 121 ? 7.124   -0.786  18.186  1.00 33.41 ? 175 GLU A OE1 1 
ATOM   935  O OE2 . GLU A 1 121 ? 8.260   0.046   16.507  1.00 34.33 ? 175 GLU A OE2 1 
ATOM   936  N N   . THR A 1 122 ? 3.754   -2.034  13.408  1.00 19.64 ? 176 THR A N   1 
ATOM   937  C CA  . THR A 1 122 ? 2.674   -1.244  12.818  1.00 17.41 ? 176 THR A CA  1 
ATOM   938  C C   . THR A 1 122 ? 1.281   -1.868  12.672  1.00 15.72 ? 176 THR A C   1 
ATOM   939  O O   . THR A 1 122 ? 1.120   -2.873  11.989  1.00 15.20 ? 176 THR A O   1 
ATOM   940  C CB  . THR A 1 122 ? 3.099   -0.805  11.403  1.00 15.39 ? 176 THR A CB  1 
ATOM   941  O OG1 . THR A 1 122 ? 4.416   -0.241  11.454  1.00 16.02 ? 176 THR A OG1 1 
ATOM   942  C CG2 . THR A 1 122 ? 2.129   0.200   10.831  1.00 12.73 ? 176 THR A CG2 1 
ATOM   943  N N   . PRO A 1 123 ? 0.257   -1.288  13.321  1.00 14.52 ? 177 PRO A N   1 
ATOM   944  C CA  . PRO A 1 123 ? -1.079  -1.863  13.154  1.00 13.88 ? 177 PRO A CA  1 
ATOM   945  C C   . PRO A 1 123 ? -1.509  -1.465  11.735  1.00 13.18 ? 177 PRO A C   1 
ATOM   946  O O   . PRO A 1 123 ? -1.248  -0.326  11.309  1.00 14.51 ? 177 PRO A O   1 
ATOM   947  C CB  . PRO A 1 123 ? -1.932  -1.116  14.180  1.00 15.19 ? 177 PRO A CB  1 
ATOM   948  C CG  . PRO A 1 123 ? -0.957  -0.690  15.227  1.00 15.59 ? 177 PRO A CG  1 
ATOM   949  C CD  . PRO A 1 123 ? 0.298   -0.323  14.436  1.00 15.44 ? 177 PRO A CD  1 
ATOM   950  N N   . ILE A 1 124 ? -2.146  -2.378  11.015  1.00 12.26 ? 178 ILE A N   1 
ATOM   951  C CA  . ILE A 1 124 ? -2.623  -2.074  9.675   1.00 13.30 ? 178 ILE A CA  1 
ATOM   952  C C   . ILE A 1 124 ? -4.140  -2.050  9.805   1.00 14.59 ? 178 ILE A C   1 
ATOM   953  O O   . ILE A 1 124 ? -4.783  -3.085  9.997   1.00 17.09 ? 178 ILE A O   1 
ATOM   954  C CB  . ILE A 1 124 ? -2.144  -3.138  8.662   1.00 13.74 ? 178 ILE A CB  1 
ATOM   955  C CG1 . ILE A 1 124 ? -0.610  -3.150  8.644   1.00 14.93 ? 178 ILE A CG1 1 
ATOM   956  C CG2 . ILE A 1 124 ? -2.633  -2.792  7.250   1.00 13.96 ? 178 ILE A CG2 1 
ATOM   957  C CD1 . ILE A 1 124 ? -0.008  -4.243  7.792   1.00 16.50 ? 178 ILE A CD1 1 
ATOM   958  N N   . LEU A 1 125 ? -4.699  -0.844  9.710   1.00 13.39 ? 179 LEU A N   1 
ATOM   959  C CA  . LEU A 1 125 ? -6.131  -0.612  9.906   1.00 13.40 ? 179 LEU A CA  1 
ATOM   960  C C   . LEU A 1 125 ? -6.941  -0.308  8.653   1.00 13.48 ? 179 LEU A C   1 
ATOM   961  O O   . LEU A 1 125 ? -6.438  0.295   7.699   1.00 13.69 ? 179 LEU A O   1 
ATOM   962  C CB  . LEU A 1 125 ? -6.278  0.557   10.878  1.00 14.17 ? 179 LEU A CB  1 
ATOM   963  C CG  . LEU A 1 125 ? -5.422  0.464   12.144  1.00 15.86 ? 179 LEU A CG  1 
ATOM   964  C CD1 . LEU A 1 125 ? -5.541  1.750   12.960  1.00 17.77 ? 179 LEU A CD1 1 
ATOM   965  C CD2 . LEU A 1 125 ? -5.882  -0.770  12.958  1.00 18.14 ? 179 LEU A CD2 1 
ATOM   966  N N   . LYS A 1 126 ? -8.208  -0.711  8.669   1.00 13.84 ? 180 LYS A N   1 
ATOM   967  C CA  . LYS A 1 126 ? -9.110  -0.475  7.548   1.00 13.17 ? 180 LYS A CA  1 
ATOM   968  C C   . LYS A 1 126 ? -9.702  0.932   7.650   1.00 14.13 ? 180 LYS A C   1 
ATOM   969  O O   . LYS A 1 126 ? -10.258 1.308   8.689   1.00 16.29 ? 180 LYS A O   1 
ATOM   970  C CB  . LYS A 1 126 ? -10.247 -1.502  7.576   1.00 14.87 ? 180 LYS A CB  1 
ATOM   971  C CG  . LYS A 1 126 ? -11.306 -1.320  6.494   1.00 17.05 ? 180 LYS A CG  1 
ATOM   972  C CD  . LYS A 1 126 ? -10.747 -1.527  5.094   1.00 19.96 ? 180 LYS A CD  1 
ATOM   973  C CE  . LYS A 1 126 ? -11.821 -1.529  4.013   1.00 20.14 ? 180 LYS A CE  1 
ATOM   974  N NZ  . LYS A 1 126 ? -12.600 -0.266  3.943   1.00 23.74 ? 180 LYS A NZ  1 
ATOM   975  N N   . TRP A 1 127 ? -9.555  1.716   6.587   1.00 13.15 ? 181 TRP A N   1 
ATOM   976  C CA  . TRP A 1 127 ? -10.132 3.054   6.571   1.00 12.27 ? 181 TRP A CA  1 
ATOM   977  C C   . TRP A 1 127 ? -11.608 2.844   6.229   1.00 12.79 ? 181 TRP A C   1 
ATOM   978  O O   . TRP A 1 127 ? -11.944 2.185   5.255   1.00 14.85 ? 181 TRP A O   1 
ATOM   979  C CB  . TRP A 1 127 ? -9.443  3.942   5.508   1.00 12.00 ? 181 TRP A CB  1 
ATOM   980  C CG  . TRP A 1 127 ? -10.012 5.334   5.496   1.00 10.44 ? 181 TRP A CG  1 
ATOM   981  C CD1 . TRP A 1 127 ? -10.973 5.822   4.648   1.00 12.83 ? 181 TRP A CD1 1 
ATOM   982  C CD2 . TRP A 1 127 ? -9.731  6.374   6.432   1.00 11.23 ? 181 TRP A CD2 1 
ATOM   983  N NE1 . TRP A 1 127 ? -11.311 7.104   5.007   1.00 12.44 ? 181 TRP A NE1 1 
ATOM   984  C CE2 . TRP A 1 127 ? -10.564 7.471   6.100   1.00 12.97 ? 181 TRP A CE2 1 
ATOM   985  C CE3 . TRP A 1 127 ? -8.860  6.492   7.521   1.00 13.04 ? 181 TRP A CE3 1 
ATOM   986  C CZ2 . TRP A 1 127 ? -10.544 8.670   6.821   1.00 13.32 ? 181 TRP A CZ2 1 
ATOM   987  C CZ3 . TRP A 1 127 ? -8.841  7.694   8.247   1.00 13.21 ? 181 TRP A CZ3 1 
ATOM   988  C CH2 . TRP A 1 127 ? -9.683  8.764   7.887   1.00 14.96 ? 181 TRP A CH2 1 
ATOM   989  N N   A GLN A 1 128 ? -12.494 3.410   7.042   0.50 14.06 ? 182 GLN A N   1 
ATOM   990  N N   B GLN A 1 128 ? -12.490 3.417   7.045   0.50 13.99 ? 182 GLN A N   1 
ATOM   991  C CA  A GLN A 1 128 ? -13.923 3.243   6.802   0.50 16.28 ? 182 GLN A CA  1 
ATOM   992  C CA  B GLN A 1 128 ? -13.930 3.278   6.833   0.50 16.47 ? 182 GLN A CA  1 
ATOM   993  C C   A GLN A 1 128 ? -14.462 4.409   5.977   0.50 16.08 ? 182 GLN A C   1 
ATOM   994  C C   B GLN A 1 128 ? -14.457 4.430   5.975   0.50 16.14 ? 182 GLN A C   1 
ATOM   995  O O   A GLN A 1 128 ? -14.945 5.406   6.511   0.50 16.22 ? 182 GLN A O   1 
ATOM   996  O O   B GLN A 1 128 ? -14.934 5.444   6.489   0.50 16.26 ? 182 GLN A O   1 
ATOM   997  C CB  A GLN A 1 128 ? -14.651 3.109   8.143   0.50 18.77 ? 182 GLN A CB  1 
ATOM   998  C CB  B GLN A 1 128 ? -14.642 3.247   8.188   0.50 18.99 ? 182 GLN A CB  1 
ATOM   999  C CG  A GLN A 1 128 ? -13.938 2.145   9.099   0.50 22.34 ? 182 GLN A CG  1 
ATOM   1000 C CG  B GLN A 1 128 ? -14.082 2.204   9.156   0.50 22.98 ? 182 GLN A CG  1 
ATOM   1001 C CD  A GLN A 1 128 ? -14.792 1.708   10.274  0.50 24.73 ? 182 GLN A CD  1 
ATOM   1002 C CD  B GLN A 1 128 ? -14.527 0.789   8.838   0.50 25.54 ? 182 GLN A CD  1 
ATOM   1003 O OE1 A GLN A 1 128 ? -14.278 1.186   11.263  0.50 26.71 ? 182 GLN A OE1 1 
ATOM   1004 O OE1 B GLN A 1 128 ? -14.066 -0.168  9.460   0.50 28.78 ? 182 GLN A OE1 1 
ATOM   1005 N NE2 A GLN A 1 128 ? -16.101 1.905   10.167  0.50 26.93 ? 182 GLN A NE2 1 
ATOM   1006 N NE2 B GLN A 1 128 ? -15.427 0.648   7.875   0.50 27.24 ? 182 GLN A NE2 1 
ATOM   1007 N N   . THR A 1 129 ? -14.357 4.261   4.661   1.00 16.58 ? 183 THR A N   1 
ATOM   1008 C CA  . THR A 1 129 ? -14.787 5.271   3.712   1.00 17.62 ? 183 THR A CA  1 
ATOM   1009 C C   . THR A 1 129 ? -16.237 5.709   3.856   1.00 19.98 ? 183 THR A C   1 
ATOM   1010 O O   . THR A 1 129 ? -16.549 6.889   3.711   1.00 20.63 ? 183 THR A O   1 
ATOM   1011 C CB  . THR A 1 129 ? -14.546 4.776   2.269   1.00 19.67 ? 183 THR A CB  1 
ATOM   1012 O OG1 . THR A 1 129 ? -13.177 4.350   2.146   1.00 19.70 ? 183 THR A OG1 1 
ATOM   1013 C CG2 . THR A 1 129 ? -14.813 5.884   1.254   1.00 20.37 ? 183 THR A CG2 1 
ATOM   1014 N N   . ASP A 1 130 ? -17.119 4.766   4.152   1.00 22.10 ? 184 ASP A N   1 
ATOM   1015 C CA  . ASP A 1 130 ? -18.523 5.115   4.286   1.00 23.39 ? 184 ASP A CA  1 
ATOM   1016 C C   . ASP A 1 130 ? -18.789 6.091   5.429   1.00 23.80 ? 184 ASP A C   1 
ATOM   1017 O O   . ASP A 1 130 ? -19.705 6.917   5.339   1.00 26.52 ? 184 ASP A O   1 
ATOM   1018 C CB  . ASP A 1 130 ? -19.366 3.850   4.477   1.00 24.57 ? 184 ASP A CB  1 
ATOM   1019 C CG  . ASP A 1 130 ? -19.167 2.843   3.362   0.00 24.62 ? 184 ASP A CG  1 
ATOM   1020 O OD1 . ASP A 1 130 ? -19.269 3.235   2.180   0.00 24.89 ? 184 ASP A OD1 1 
ATOM   1021 O OD2 . ASP A 1 130 ? -18.916 1.659   3.666   0.00 24.89 ? 184 ASP A OD2 1 
ATOM   1022 N N   . LYS A 1 131 ? -17.993 6.026   6.491   1.00 21.44 ? 185 LYS A N   1 
ATOM   1023 C CA  . LYS A 1 131 ? -18.221 6.894   7.641   1.00 20.79 ? 185 LYS A CA  1 
ATOM   1024 C C   . LYS A 1 131 ? -17.245 8.042   7.849   1.00 19.99 ? 185 LYS A C   1 
ATOM   1025 O O   . LYS A 1 131 ? -17.578 9.034   8.490   1.00 18.11 ? 185 LYS A O   1 
ATOM   1026 C CB  . LYS A 1 131 ? -18.258 6.047   8.912   1.00 24.67 ? 185 LYS A CB  1 
ATOM   1027 C CG  . LYS A 1 131 ? -19.277 4.924   8.846   1.00 26.26 ? 185 LYS A CG  1 
ATOM   1028 C CD  . LYS A 1 131 ? -19.296 4.100   10.121  0.00 25.51 ? 185 LYS A CD  1 
ATOM   1029 C CE  . LYS A 1 131 ? -20.308 2.969   10.024  0.00 25.53 ? 185 LYS A CE  1 
ATOM   1030 N NZ  . LYS A 1 131 ? -20.362 2.160   11.273  0.00 25.24 ? 185 LYS A NZ  1 
ATOM   1031 N N   . TRP A 1 132 ? -16.040 7.927   7.302   1.00 16.44 ? 186 TRP A N   1 
ATOM   1032 C CA  . TRP A 1 132 ? -15.044 8.971   7.519   1.00 16.26 ? 186 TRP A CA  1 
ATOM   1033 C C   . TRP A 1 132 ? -14.652 9.758   6.288   1.00 14.53 ? 186 TRP A C   1 
ATOM   1034 O O   . TRP A 1 132 ? -13.701 10.545  6.346   1.00 15.17 ? 186 TRP A O   1 
ATOM   1035 C CB  . TRP A 1 132 ? -13.765 8.363   8.111   1.00 15.37 ? 186 TRP A CB  1 
ATOM   1036 C CG  . TRP A 1 132 ? -13.980 7.559   9.329   1.00 17.72 ? 186 TRP A CG  1 
ATOM   1037 C CD1 . TRP A 1 132 ? -15.005 7.676   10.233  1.00 19.52 ? 186 TRP A CD1 1 
ATOM   1038 C CD2 . TRP A 1 132 ? -13.151 6.496   9.800   1.00 16.82 ? 186 TRP A CD2 1 
ATOM   1039 N NE1 . TRP A 1 132 ? -14.864 6.748   11.230  1.00 18.90 ? 186 TRP A NE1 1 
ATOM   1040 C CE2 . TRP A 1 132 ? -13.733 6.008   10.991  1.00 18.82 ? 186 TRP A CE2 1 
ATOM   1041 C CE3 . TRP A 1 132 ? -11.972 5.908   9.332   1.00 17.61 ? 186 TRP A CE3 1 
ATOM   1042 C CZ2 . TRP A 1 132 ? -13.178 4.958   11.715  1.00 18.86 ? 186 TRP A CZ2 1 
ATOM   1043 C CZ3 . TRP A 1 132 ? -11.419 4.863   10.059  1.00 17.82 ? 186 TRP A CZ3 1 
ATOM   1044 C CH2 . TRP A 1 132 ? -12.022 4.398   11.234  1.00 18.83 ? 186 TRP A CH2 1 
ATOM   1045 N N   . GLY A 1 133 ? -15.368 9.562   5.185   1.00 15.26 ? 187 GLY A N   1 
ATOM   1046 C CA  . GLY A 1 133 ? -15.015 10.262  3.966   1.00 15.61 ? 187 GLY A CA  1 
ATOM   1047 C C   . GLY A 1 133 ? -13.901 9.498   3.260   1.00 15.68 ? 187 GLY A C   1 
ATOM   1048 O O   . GLY A 1 133 ? -13.501 8.425   3.718   1.00 14.42 ? 187 GLY A O   1 
ATOM   1049 N N   . GLU A 1 134 ? -13.393 10.037  2.155   1.00 18.20 ? 188 GLU A N   1 
ATOM   1050 C CA  . GLU A 1 134 ? -12.350 9.338   1.414   1.00 17.84 ? 188 GLU A CA  1 
ATOM   1051 C C   . GLU A 1 134 ? -11.031 9.247   2.166   1.00 14.44 ? 188 GLU A C   1 
ATOM   1052 O O   . GLU A 1 134 ? -10.693 10.112  2.973   1.00 15.66 ? 188 GLU A O   1 
ATOM   1053 C CB  . GLU A 1 134 ? -12.117 10.010  0.059   1.00 21.75 ? 188 GLU A CB  1 
ATOM   1054 C CG  . GLU A 1 134 ? -13.030 9.486   -1.057  1.00 28.46 ? 188 GLU A CG  1 
ATOM   1055 C CD  . GLU A 1 134 ? -12.812 8.007   -1.326  1.00 33.53 ? 188 GLU A CD  1 
ATOM   1056 O OE1 . GLU A 1 134 ? -11.633 7.572   -1.349  1.00 35.76 ? 188 GLU A OE1 1 
ATOM   1057 O OE2 . GLU A 1 134 ? -13.812 7.278   -1.523  1.00 35.99 ? 188 GLU A OE2 1 
ATOM   1058 N N   . ILE A 1 135 ? -10.283 8.177   1.910   1.00 14.21 ? 189 ILE A N   1 
ATOM   1059 C CA  . ILE A 1 135 ? -9.001  8.059   2.579   1.00 12.73 ? 189 ILE A CA  1 
ATOM   1060 C C   . ILE A 1 135 ? -8.172  9.281   2.131   1.00 12.75 ? 189 ILE A C   1 
ATOM   1061 O O   . ILE A 1 135 ? -8.285  9.744   0.997   1.00 12.63 ? 189 ILE A O   1 
ATOM   1062 C CB  . ILE A 1 135 ? -8.331  6.695   2.244   1.00 11.48 ? 189 ILE A CB  1 
ATOM   1063 C CG1 . ILE A 1 135 ? -7.157  6.473   3.200   1.00 13.56 ? 189 ILE A CG1 1 
ATOM   1064 C CG2 . ILE A 1 135 ? -7.908  6.631   0.752   1.00 12.96 ? 189 ILE A CG2 1 
ATOM   1065 C CD1 . ILE A 1 135 ? -6.650  5.036   3.222   1.00 13.59 ? 189 ILE A CD1 1 
ATOM   1066 N N   . LYS A 1 136 ? -7.347  9.801   3.034   1.00 12.56 ? 190 LYS A N   1 
ATOM   1067 C CA  . LYS A 1 136 ? -6.575  11.014  2.787   1.00 14.86 ? 190 LYS A CA  1 
ATOM   1068 C C   . LYS A 1 136 ? -5.611  10.975  1.605   1.00 14.34 ? 190 LYS A C   1 
ATOM   1069 O O   . LYS A 1 136 ? -5.286  12.006  1.007   1.00 18.83 ? 190 LYS A O   1 
ATOM   1070 C CB  . LYS A 1 136 ? -5.805  11.370  4.057   1.00 14.90 ? 190 LYS A CB  1 
ATOM   1071 C CG  . LYS A 1 136 ? -5.477  12.827  4.193   1.00 17.96 ? 190 LYS A CG  1 
ATOM   1072 C CD  . LYS A 1 136 ? -6.725  13.600  4.599   1.00 20.18 ? 190 LYS A CD  1 
ATOM   1073 C CE  . LYS A 1 136 ? -6.436  15.072  4.668   1.00 21.86 ? 190 LYS A CE  1 
ATOM   1074 N NZ  . LYS A 1 136 ? -7.642  15.830  5.112   1.00 22.48 ? 190 LYS A NZ  1 
ATOM   1075 N N   . ALA A 1 137 ? -5.149  9.780   1.286   1.00 13.27 ? 191 ALA A N   1 
ATOM   1076 C CA  . ALA A 1 137 ? -4.202  9.547   0.207   1.00 15.68 ? 191 ALA A CA  1 
ATOM   1077 C C   . ALA A 1 137 ? -4.878  9.301   -1.146  1.00 15.79 ? 191 ALA A C   1 
ATOM   1078 O O   . ALA A 1 137 ? -4.205  9.005   -2.134  1.00 16.65 ? 191 ALA A O   1 
ATOM   1079 C CB  . ALA A 1 137 ? -3.309  8.352   0.589   1.00 15.67 ? 191 ALA A CB  1 
ATOM   1080 N N   . ASP A 1 138 ? -6.200  9.430   -1.190  1.00 17.39 ? 192 ASP A N   1 
ATOM   1081 C CA  . ASP A 1 138 ? -6.960  9.225   -2.423  1.00 17.48 ? 192 ASP A CA  1 
ATOM   1082 C C   . ASP A 1 138 ? -6.479  10.117  -3.568  1.00 17.98 ? 192 ASP A C   1 
ATOM   1083 O O   . ASP A 1 138 ? -6.076  11.258  -3.354  1.00 19.53 ? 192 ASP A O   1 
ATOM   1084 C CB  . ASP A 1 138 ? -8.453  9.481   -2.166  1.00 19.78 ? 192 ASP A CB  1 
ATOM   1085 C CG  . ASP A 1 138 ? -9.291  9.382   -3.430  1.00 25.22 ? 192 ASP A CG  1 
ATOM   1086 O OD1 . ASP A 1 138 ? -9.356  8.282   -4.019  1.00 27.97 ? 192 ASP A OD1 1 
ATOM   1087 O OD2 . ASP A 1 138 ? -9.881  10.408  -3.836  1.00 28.75 ? 192 ASP A OD2 1 
ATOM   1088 N N   . TYR A 1 139 ? -6.526  9.574   -4.781  1.00 15.84 ? 193 TYR A N   1 
ATOM   1089 C CA  . TYR A 1 139 ? -6.127  10.301  -5.982  1.00 18.55 ? 193 TYR A CA  1 
ATOM   1090 C C   . TYR A 1 139 ? -7.337  10.928  -6.657  1.00 22.53 ? 193 TYR A C   1 
ATOM   1091 O O   . TYR A 1 139 ? -7.137  11.849  -7.482  1.00 24.47 ? 193 TYR A O   1 
ATOM   1092 C CB  . TYR A 1 139 ? -5.444  9.366   -6.976  1.00 14.90 ? 193 TYR A CB  1 
ATOM   1093 C CG  . TYR A 1 139 ? -4.010  9.051   -6.628  1.00 11.67 ? 193 TYR A CG  1 
ATOM   1094 C CD1 . TYR A 1 139 ? -3.695  7.979   -5.791  1.00 10.98 ? 193 TYR A CD1 1 
ATOM   1095 C CD2 . TYR A 1 139 ? -2.969  9.802   -7.173  1.00 10.69 ? 193 TYR A CD2 1 
ATOM   1096 C CE1 . TYR A 1 139 ? -2.369  7.657   -5.515  1.00 11.35 ? 193 TYR A CE1 1 
ATOM   1097 C CE2 . TYR A 1 139 ? -1.654  9.494   -6.911  1.00 10.21 ? 193 TYR A CE2 1 
ATOM   1098 C CZ  . TYR A 1 139 ? -1.362  8.410   -6.078  1.00 10.86 ? 193 TYR A CZ  1 
ATOM   1099 O OH  . TYR A 1 139 ? -0.065  8.056   -5.827  1.00 11.41 ? 193 TYR A OH  1 
HETATM 1100 S S   . SO4 B 2 .   ? -5.221  -8.674  -9.172  1.00 14.45 ? 301 SO4 A S   1 
HETATM 1101 O O1  . SO4 B 2 .   ? -3.808  -8.189  -9.085  1.00 14.94 ? 301 SO4 A O1  1 
HETATM 1102 O O2  . SO4 B 2 .   ? -5.266  -9.856  -10.045 1.00 16.89 ? 301 SO4 A O2  1 
HETATM 1103 O O3  . SO4 B 2 .   ? -5.663  -9.037  -7.834  1.00 15.27 ? 301 SO4 A O3  1 
HETATM 1104 O O4  . SO4 B 2 .   ? -6.043  -7.614  -9.752  1.00 15.86 ? 301 SO4 A O4  1 
HETATM 1105 O O   . HOH C 3 .   ? 3.947   9.399   -8.247  1.00 12.84 ? 302 HOH A O   1 
HETATM 1106 O O   . HOH C 3 .   ? -7.102  8.907   5.686   1.00 13.95 ? 303 HOH A O   1 
HETATM 1107 O O   . HOH C 3 .   ? 1.656   9.916   -6.658  1.00 17.66 ? 304 HOH A O   1 
HETATM 1108 O O   . HOH C 3 .   ? 6.819   -0.881  10.275  1.00 11.95 ? 305 HOH A O   1 
HETATM 1109 O O   . HOH C 3 .   ? -5.986  2.678   0.406   1.00 13.02 ? 306 HOH A O   1 
HETATM 1110 O O   . HOH C 3 .   ? 9.165   -4.103  -3.456  1.00 14.45 ? 307 HOH A O   1 
HETATM 1111 O O   . HOH C 3 .   ? 5.021   -4.347  -15.025 1.00 13.97 ? 308 HOH A O   1 
HETATM 1112 O O   . HOH C 3 .   ? 4.372   1.851   13.086  1.00 14.84 ? 309 HOH A O   1 
HETATM 1113 O O   . HOH C 3 .   ? -2.956  15.362  0.617   1.00 17.83 ? 310 HOH A O   1 
HETATM 1114 O O   . HOH C 3 .   ? -3.109  7.228   -10.920 1.00 21.49 ? 311 HOH A O   1 
HETATM 1115 O O   . HOH C 3 .   ? 8.276   3.308   -12.712 1.00 19.51 ? 312 HOH A O   1 
HETATM 1116 O O   . HOH C 3 .   ? 7.961   -1.287  12.710  1.00 18.46 ? 313 HOH A O   1 
HETATM 1117 O O   . HOH C 3 .   ? -1.603  -16.137 2.201   1.00 61.61 ? 314 HOH A O   1 
HETATM 1118 O O   . HOH C 3 .   ? 2.582   -9.375  7.565   1.00 19.73 ? 315 HOH A O   1 
HETATM 1119 O O   . HOH C 3 .   ? -2.537  5.657   -12.978 1.00 18.50 ? 316 HOH A O   1 
HETATM 1120 O O   . HOH C 3 .   ? 5.611   -1.759  -15.992 1.00 19.63 ? 317 HOH A O   1 
HETATM 1121 O O   . HOH C 3 .   ? 12.872  -7.644  -0.653  1.00 22.42 ? 318 HOH A O   1 
HETATM 1122 O O   . HOH C 3 .   ? -6.792  -11.420 -7.048  1.00 24.19 ? 319 HOH A O   1 
HETATM 1123 O O   . HOH C 3 .   ? 13.140  -15.764 -1.163  1.00 22.62 ? 320 HOH A O   1 
HETATM 1124 O O   . HOH C 3 .   ? -3.508  20.318  6.340   1.00 20.86 ? 321 HOH A O   1 
HETATM 1125 O O   . HOH C 3 .   ? 7.947   -5.014  -17.018 1.00 22.17 ? 322 HOH A O   1 
HETATM 1126 O O   . HOH C 3 .   ? 9.384   5.807   -6.995  1.00 20.68 ? 323 HOH A O   1 
HETATM 1127 O O   . HOH C 3 .   ? -9.095  3.196   13.625  1.00 20.32 ? 324 HOH A O   1 
HETATM 1128 O O   . HOH C 3 .   ? -10.597 -4.784  -1.257  1.00 25.58 ? 325 HOH A O   1 
HETATM 1129 O O   . HOH C 3 .   ? -6.981  6.629   -5.245  1.00 19.41 ? 326 HOH A O   1 
HETATM 1130 O O   . HOH C 3 .   ? 5.645   -3.063  -18.941 1.00 27.82 ? 327 HOH A O   1 
HETATM 1131 O O   . HOH C 3 .   ? -10.648 -13.966 2.019   1.00 33.78 ? 328 HOH A O   1 
HETATM 1132 O O   . HOH C 3 .   ? 9.885   -11.563 -9.833  1.00 24.40 ? 329 HOH A O   1 
HETATM 1133 O O   . HOH C 3 .   ? 5.979   -8.691  12.345  1.00 32.90 ? 330 HOH A O   1 
HETATM 1134 O O   . HOH C 3 .   ? 12.529  -0.369  6.942   1.00 21.88 ? 331 HOH A O   1 
HETATM 1135 O O   . HOH C 3 .   ? 11.777  -1.149  -4.638  1.00 31.22 ? 332 HOH A O   1 
HETATM 1136 O O   . HOH C 3 .   ? 6.655   -1.839  -1.452  1.00 21.63 ? 333 HOH A O   1 
HETATM 1137 O O   . HOH C 3 .   ? 7.036   0.135   -5.000  1.00 20.91 ? 334 HOH A O   1 
HETATM 1138 O O   . HOH C 3 .   ? -11.317 5.827   0.589   1.00 20.47 ? 335 HOH A O   1 
HETATM 1139 O O   . HOH C 3 .   ? -7.503  4.551   -9.084  1.00 24.60 ? 336 HOH A O   1 
HETATM 1140 O O   . HOH C 3 .   ? -3.511  13.218  -1.010  1.00 21.57 ? 337 HOH A O   1 
HETATM 1141 O O   . HOH C 3 .   ? -7.723  0.747   -12.786 1.00 23.86 ? 338 HOH A O   1 
HETATM 1142 O O   . HOH C 3 .   ? 16.493  5.852   8.116   1.00 33.52 ? 339 HOH A O   1 
HETATM 1143 O O   . HOH C 3 .   ? 0.300   -15.174 -12.469 1.00 35.14 ? 340 HOH A O   1 
HETATM 1144 O O   . HOH C 3 .   ? 9.219   -10.481 -12.419 1.00 24.86 ? 341 HOH A O   1 
HETATM 1145 O O   . HOH C 3 .   ? -7.969  14.821  7.645   1.00 26.47 ? 342 HOH A O   1 
HETATM 1146 O O   . HOH C 3 .   ? 9.099   -0.225  -0.750  1.00 30.60 ? 343 HOH A O   1 
HETATM 1147 O O   . HOH C 3 .   ? 2.446   17.140  8.019   1.00 32.02 ? 344 HOH A O   1 
HETATM 1148 O O   . HOH C 3 .   ? 8.662   1.108   14.001  1.00 22.60 ? 345 HOH A O   1 
HETATM 1149 O O   . HOH C 3 .   ? -2.904  -4.789  12.305  1.00 31.70 ? 346 HOH A O   1 
HETATM 1150 O O   . HOH C 3 .   ? -6.511  -3.306  -3.182  1.00 29.41 ? 347 HOH A O   1 
HETATM 1151 O O   . HOH C 3 .   ? 1.177   15.467  11.629  1.00 32.32 ? 348 HOH A O   1 
HETATM 1152 O O   . HOH C 3 .   ? -3.578  10.438  16.974  1.00 25.17 ? 349 HOH A O   1 
HETATM 1153 O O   . HOH C 3 .   ? -2.694  -14.063 0.814   1.00 28.68 ? 350 HOH A O   1 
HETATM 1154 O O   . HOH C 3 .   ? 5.018   -14.320 -5.334  1.00 42.21 ? 351 HOH A O   1 
HETATM 1155 O O   . HOH C 3 .   ? 1.142   1.349   -19.756 1.00 27.81 ? 352 HOH A O   1 
HETATM 1156 O O   . HOH C 3 .   ? -3.612  -11.446 -16.568 1.00 26.02 ? 353 HOH A O   1 
HETATM 1157 O O   . HOH C 3 .   ? 1.965   10.357  9.430   1.00 34.81 ? 354 HOH A O   1 
HETATM 1158 O O   . HOH C 3 .   ? 12.573  1.196   16.753  1.00 57.48 ? 355 HOH A O   1 
HETATM 1159 O O   . HOH C 3 .   ? 6.732   11.134  8.599   1.00 33.18 ? 356 HOH A O   1 
HETATM 1160 O O   . HOH C 3 .   ? -0.502  7.176   16.613  1.00 23.49 ? 357 HOH A O   1 
HETATM 1161 O O   . HOH C 3 .   ? -7.531  -0.754  -3.911  1.00 40.03 ? 358 HOH A O   1 
HETATM 1162 O O   . HOH C 3 .   ? 9.283   10.294  -9.651  1.00 60.24 ? 359 HOH A O   1 
HETATM 1163 O O   . HOH C 3 .   ? -9.637  -7.825  -12.949 1.00 47.13 ? 360 HOH A O   1 
HETATM 1164 O O   . HOH C 3 .   ? -2.431  -6.185  7.185   1.00 46.24 ? 361 HOH A O   1 
HETATM 1165 O O   . HOH C 3 .   ? 6.378   -14.020 -22.863 1.00 49.03 ? 362 HOH A O   1 
HETATM 1166 O O   . HOH C 3 .   ? 10.019  -2.664  13.794  1.00 28.26 ? 363 HOH A O   1 
HETATM 1167 O O   . HOH C 3 .   ? -5.278  -9.426  -12.886 1.00 27.24 ? 364 HOH A O   1 
HETATM 1168 O O   . HOH C 3 .   ? 9.476   -14.493 0.073   1.00 27.71 ? 365 HOH A O   1 
HETATM 1169 O O   . HOH C 3 .   ? -9.332  4.797   -3.225  1.00 34.24 ? 366 HOH A O   1 
HETATM 1170 O O   . HOH C 3 .   ? 2.321   -15.540 -7.605  1.00 36.23 ? 367 HOH A O   1 
HETATM 1171 O O   . HOH C 3 .   ? 15.374  -15.433 1.855   1.00 25.22 ? 368 HOH A O   1 
HETATM 1172 O O   . HOH C 3 .   ? 14.044  -5.797  13.176  1.00 44.16 ? 369 HOH A O   1 
HETATM 1173 O O   . HOH C 3 .   ? -16.276 9.975   -0.078  1.00 60.70 ? 370 HOH A O   1 
HETATM 1174 O O   . HOH C 3 .   ? 9.123   1.523   -5.191  1.00 33.46 ? 371 HOH A O   1 
HETATM 1175 O O   . HOH C 3 .   ? -11.299 0.222   10.855  1.00 30.34 ? 372 HOH A O   1 
HETATM 1176 O O   . HOH C 3 .   ? 6.270   -11.451 -15.295 1.00 44.64 ? 373 HOH A O   1 
HETATM 1177 O O   . HOH C 3 .   ? 13.225  -6.959  11.210  1.00 33.82 ? 374 HOH A O   1 
HETATM 1178 O O   . HOH C 3 .   ? -7.027  -4.593  10.061  1.00 35.12 ? 375 HOH A O   1 
HETATM 1179 O O   . HOH C 3 .   ? -18.147 1.676   8.619   1.00 41.33 ? 376 HOH A O   1 
HETATM 1180 O O   . HOH C 3 .   ? -16.573 6.316   13.501  1.00 42.85 ? 377 HOH A O   1 
HETATM 1181 O O   . HOH C 3 .   ? -13.442 1.709   0.847   1.00 43.08 ? 378 HOH A O   1 
HETATM 1182 O O   . HOH C 3 .   ? -17.502 8.436   1.704   1.00 42.59 ? 379 HOH A O   1 
HETATM 1183 O O   . HOH C 3 .   ? 8.967   -5.032  15.370  1.00 46.00 ? 380 HOH A O   1 
HETATM 1184 O O   . HOH C 3 .   ? -12.060 -3.180  0.376   1.00 36.77 ? 381 HOH A O   1 
HETATM 1185 O O   . HOH C 3 .   ? 15.106  0.526   4.093   1.00 54.26 ? 382 HOH A O   1 
HETATM 1186 O O   . HOH C 3 .   ? -9.133  -2.254  11.029  1.00 28.27 ? 383 HOH A O   1 
HETATM 1187 O O   . HOH C 3 .   ? 8.803   9.533   -2.335  1.00 33.58 ? 384 HOH A O   1 
HETATM 1188 O O   . HOH C 3 .   ? -7.604  16.435  9.809   1.00 33.98 ? 385 HOH A O   1 
HETATM 1189 O O   . HOH C 3 .   ? -5.555  -12.447 5.740   1.00 58.47 ? 386 HOH A O   1 
HETATM 1190 O O   . HOH C 3 .   ? 2.012   -16.014 -10.648 1.00 42.79 ? 387 HOH A O   1 
HETATM 1191 O O   . HOH C 3 .   ? -7.732  15.915  1.337   1.00 54.39 ? 388 HOH A O   1 
HETATM 1192 O O   . HOH C 3 .   ? 1.575   3.733   -20.861 1.00 42.83 ? 389 HOH A O   1 
HETATM 1193 O O   . HOH C 3 .   ? -4.188  -0.719  -13.421 1.00 30.11 ? 390 HOH A O   1 
HETATM 1194 O O   . HOH C 3 .   ? -6.652  -5.072  -9.027  1.00 16.41 ? 391 HOH A O   1 
HETATM 1195 O O   . HOH C 3 .   ? 8.856   -3.564  -0.777  1.00 18.14 ? 392 HOH A O   1 
HETATM 1196 O O   . HOH C 3 .   ? 16.002  -16.666 4.257   1.00 20.56 ? 393 HOH A O   1 
HETATM 1197 O O   . HOH C 3 .   ? 11.805  -4.094  -4.058  1.00 20.68 ? 394 HOH A O   1 
HETATM 1198 O O   . HOH C 3 .   ? -6.268  -2.834  -11.962 1.00 19.72 ? 395 HOH A O   1 
HETATM 1199 O O   . HOH C 3 .   ? 7.846   -1.834  -3.808  1.00 19.94 ? 396 HOH A O   1 
HETATM 1200 O O   . HOH C 3 .   ? -2.434  21.161  8.700   1.00 21.44 ? 397 HOH A O   1 
HETATM 1201 O O   . HOH C 3 .   ? 6.759   9.913   -8.169  1.00 23.35 ? 398 HOH A O   1 
HETATM 1202 O O   . HOH C 3 .   ? 14.394  -9.519  -2.230  1.00 26.07 ? 399 HOH A O   1 
HETATM 1203 O O   . HOH C 3 .   ? -2.644  2.555   -18.555 1.00 25.40 ? 400 HOH A O   1 
HETATM 1204 O O   . HOH C 3 .   ? 7.407   -12.518 -13.055 1.00 24.58 ? 401 HOH A O   1 
HETATM 1205 O O   . HOH C 3 .   ? 13.921  -7.633  1.976   1.00 25.10 ? 402 HOH A O   1 
HETATM 1206 O O   . HOH C 3 .   ? 14.564  -2.954  5.210   1.00 31.49 ? 403 HOH A O   1 
HETATM 1207 O O   . HOH C 3 .   ? 14.563  -0.272  8.843   1.00 26.16 ? 404 HOH A O   1 
HETATM 1208 O O   . HOH C 3 .   ? -7.456  -12.488 -2.319  1.00 27.23 ? 405 HOH A O   1 
HETATM 1209 O O   . HOH C 3 .   ? 4.567   -16.381 4.640   1.00 30.28 ? 406 HOH A O   1 
HETATM 1210 O O   . HOH C 3 .   ? -4.343  14.273  16.840  1.00 43.77 ? 407 HOH A O   1 
HETATM 1211 O O   . HOH C 3 .   ? 13.186  -1.187  4.377   1.00 30.76 ? 408 HOH A O   1 
HETATM 1212 O O   . HOH C 3 .   ? -17.756 8.531   14.331  1.00 32.99 ? 409 HOH A O   1 
HETATM 1213 O O   . HOH C 3 .   ? -6.954  -9.169  7.006   1.00 30.69 ? 410 HOH A O   1 
HETATM 1214 O O   . HOH C 3 .   ? -9.774  15.309  3.108   1.00 31.02 ? 411 HOH A O   1 
HETATM 1215 O O   . HOH C 3 .   ? 9.788   -3.033  -17.285 1.00 33.33 ? 412 HOH A O   1 
HETATM 1216 O O   . HOH C 3 .   ? -6.248  10.418  17.198  1.00 27.75 ? 413 HOH A O   1 
HETATM 1217 O O   . HOH C 3 .   ? 1.338   -16.531 -15.416 1.00 33.98 ? 414 HOH A O   1 
HETATM 1218 O O   . HOH C 3 .   ? -6.810  -7.400  -12.301 1.00 31.15 ? 415 HOH A O   1 
HETATM 1219 O O   . HOH C 3 .   ? -7.518  3.153   -6.265  1.00 27.05 ? 416 HOH A O   1 
HETATM 1220 O O   . HOH C 3 .   ? 2.629   0.102   -21.473 1.00 35.17 ? 417 HOH A O   1 
HETATM 1221 O O   . HOH C 3 .   ? -8.714  -7.511  5.496   1.00 29.06 ? 418 HOH A O   1 
HETATM 1222 O O   . HOH C 3 .   ? 6.599   8.935   14.934  1.00 46.00 ? 419 HOH A O   1 
HETATM 1223 O O   . HOH C 3 .   ? -0.169  -7.048  10.156  1.00 41.87 ? 420 HOH A O   1 
HETATM 1224 O O   . HOH C 3 .   ? 4.975   9.674   9.905   1.00 47.03 ? 421 HOH A O   1 
HETATM 1225 O O   . HOH C 3 .   ? -1.975  8.645   18.521  1.00 40.30 ? 422 HOH A O   1 
HETATM 1226 O O   . HOH C 3 .   ? 9.054   6.487   -3.133  1.00 32.81 ? 423 HOH A O   1 
HETATM 1227 O O   . HOH C 3 .   ? 5.137   -15.393 1.377   1.00 35.78 ? 424 HOH A O   1 
HETATM 1228 O O   . HOH C 3 .   ? -8.779  -1.826  -11.480 1.00 39.77 ? 425 HOH A O   1 
HETATM 1229 O O   . HOH C 3 .   ? -8.995  -5.055  8.374   1.00 42.17 ? 426 HOH A O   1 
HETATM 1230 O O   . HOH C 3 .   ? 13.193  -4.825  -1.655  1.00 25.13 ? 427 HOH A O   1 
HETATM 1231 O O   . HOH C 3 .   ? 3.827   13.610  9.702   1.00 39.35 ? 428 HOH A O   1 
HETATM 1232 O O   . HOH C 3 .   ? 8.350   9.550   -6.424  1.00 33.60 ? 429 HOH A O   1 
HETATM 1233 O O   . HOH C 3 .   ? 1.101   -14.503 8.123   1.00 36.27 ? 430 HOH A O   1 
HETATM 1234 O O   . HOH C 3 .   ? -16.514 1.756   4.295   1.00 43.19 ? 431 HOH A O   1 
HETATM 1235 O O   . HOH C 3 .   ? 8.315   -13.601 -3.014  1.00 30.78 ? 432 HOH A O   1 
HETATM 1236 O O   . HOH C 3 .   ? 11.369  0.577   13.899  1.00 33.17 ? 433 HOH A O   1 
HETATM 1237 O O   . HOH C 3 .   ? -14.781 -0.530  5.779   1.00 43.96 ? 434 HOH A O   1 
HETATM 1238 O O   . HOH C 3 .   ? -18.563 9.466   5.174   1.00 34.50 ? 435 HOH A O   1 
HETATM 1239 O O   . HOH C 3 .   ? -1.395  5.018   17.739  1.00 36.50 ? 436 HOH A O   1 
HETATM 1240 O O   . HOH C 3 .   ? 6.002   6.866   17.150  1.00 28.44 ? 437 HOH A O   1 
HETATM 1241 O O   . HOH C 3 .   ? 0.945   17.695  12.593  1.00 39.69 ? 438 HOH A O   1 
HETATM 1242 O O   . HOH C 3 .   ? 2.951   17.718  10.839  1.00 43.89 ? 439 HOH A O   1 
HETATM 1243 O O   . HOH C 3 .   ? 10.651  -1.622  16.088  1.00 46.15 ? 440 HOH A O   1 
HETATM 1244 O O   . HOH C 3 .   ? -10.662 10.402  16.395  1.00 37.86 ? 441 HOH A O   1 
HETATM 1245 O O   . HOH C 3 .   ? 0.816   1.792   17.518  1.00 42.68 ? 442 HOH A O   1 
HETATM 1246 O O   . HOH C 3 .   ? 8.509   -12.686 9.086   1.00 36.67 ? 443 HOH A O   1 
HETATM 1247 O O   . HOH C 3 .   ? -5.196  -13.914 1.228   1.00 41.36 ? 444 HOH A O   1 
HETATM 1248 O O   . HOH C 3 .   ? 8.822   -4.777  -20.296 1.00 40.81 ? 445 HOH A O   1 
HETATM 1249 O O   . HOH C 3 .   ? -0.530  3.472   -23.126 1.00 45.74 ? 446 HOH A O   1 
HETATM 1250 O O   . HOH C 3 .   ? -0.037  -5.239  12.403  1.00 37.92 ? 447 HOH A O   1 
HETATM 1251 O O   . HOH C 3 .   ? -1.550  -15.594 -6.894  1.00 41.43 ? 448 HOH A O   1 
HETATM 1252 O O   . HOH C 3 .   ? -9.944  12.335  1.127   1.00 33.68 ? 449 HOH A O   1 
HETATM 1253 O O   . HOH C 3 .   ? -0.337  -8.850  -21.106 1.00 51.65 ? 450 HOH A O   1 
HETATM 1254 O O   . HOH C 3 .   ? 11.149  1.212   0.629   1.00 44.80 ? 451 HOH A O   1 
HETATM 1255 O O   . HOH C 3 .   ? -5.950  13.971  -5.788  1.00 41.35 ? 452 HOH A O   1 
HETATM 1256 O O   . HOH C 3 .   ? 11.438  1.194   19.737  1.00 37.95 ? 453 HOH A O   1 
HETATM 1257 O O   . HOH C 3 .   ? -8.986  3.176   -10.793 1.00 36.04 ? 454 HOH A O   1 
HETATM 1258 O O   . HOH C 3 .   ? 1.371   -11.158 9.488   1.00 41.02 ? 455 HOH A O   1 
HETATM 1259 O O   . HOH C 3 .   ? -4.006  -12.886 -18.923 1.00 45.36 ? 456 HOH A O   1 
HETATM 1260 O O   . HOH C 3 .   ? 9.188   3.347   18.571  1.00 47.56 ? 457 HOH A O   1 
HETATM 1261 O O   . HOH C 3 .   ? 16.913  4.074   10.100  1.00 45.72 ? 458 HOH A O   1 
HETATM 1262 O O   . HOH C 3 .   ? -8.984  -3.042  -6.546  1.00 42.87 ? 459 HOH A O   1 
HETATM 1263 O O   . HOH C 3 .   ? 6.198   13.861  8.964   1.00 48.45 ? 460 HOH A O   1 
HETATM 1264 O O   . HOH C 3 .   ? 8.320   -15.350 -7.965  1.00 37.73 ? 461 HOH A O   1 
HETATM 1265 O O   . HOH C 3 .   ? 7.539   -17.108 -23.121 1.00 49.28 ? 462 HOH A O   1 
HETATM 1266 O O   . HOH C 3 .   ? 17.077  -5.835  6.427   1.00 43.45 ? 463 HOH A O   1 
HETATM 1267 O O   . HOH C 3 .   ? -9.854  -5.250  -3.933  1.00 41.62 ? 464 HOH A O   1 
HETATM 1268 O O   . HOH C 3 .   ? 15.963  -3.205  -0.070  1.00 42.10 ? 465 HOH A O   1 
HETATM 1269 O O   . HOH C 3 .   ? -11.797 -0.180  -1.507  1.00 45.71 ? 466 HOH A O   1 
HETATM 1270 O O   . HOH C 3 .   ? 9.632   8.676   14.080  1.00 49.29 ? 467 HOH A O   1 
HETATM 1271 O O   . HOH C 3 .   ? -8.018  1.733   -2.797  0.70 35.61 ? 468 HOH A O   1 
HETATM 1272 O O   . HOH C 3 .   ? -10.010 -5.209  6.061   1.00 34.84 ? 469 HOH A O   1 
HETATM 1273 O O   . HOH C 3 .   ? 1.037   20.496  11.456  1.00 31.00 ? 470 HOH A O   1 
HETATM 1274 O O   . HOH C 3 .   ? -3.038  19.680  11.163  1.00 31.61 ? 471 HOH A O   1 
HETATM 1275 O O   . HOH C 3 .   ? 14.863  -3.256  8.323   1.00 33.26 ? 472 HOH A O   1 
HETATM 1276 O O   . HOH C 3 .   ? 8.671   -14.739 -13.547 1.00 33.07 ? 473 HOH A O   1 
HETATM 1277 O O   . HOH C 3 .   ? -1.934  2.608   16.876  1.00 34.80 ? 474 HOH A O   1 
HETATM 1278 O O   . HOH C 3 .   ? 9.154   4.499   -4.677  1.00 38.30 ? 475 HOH A O   1 
HETATM 1279 O O   . HOH C 3 .   ? 4.475   -1.435  -21.120 1.00 34.94 ? 476 HOH A O   1 
HETATM 1280 O O   . HOH C 3 .   ? -8.508  6.756   -7.347  1.00 38.57 ? 477 HOH A O   1 
HETATM 1281 O O   . HOH C 3 .   ? -2.556  13.123  18.125  1.00 37.12 ? 478 HOH A O   1 
HETATM 1282 O O   . HOH C 3 .   ? -9.059  -2.755  -3.050  1.00 39.07 ? 479 HOH A O   1 
HETATM 1283 O O   . HOH C 3 .   ? -9.068  -3.906  -9.114  1.00 35.78 ? 480 HOH A O   1 
HETATM 1284 O O   . HOH C 3 .   ? 7.570   1.158   -12.132 1.00 46.64 ? 481 HOH A O   1 
HETATM 1285 O O   . HOH C 3 .   ? 8.657   -0.606  -16.743 1.00 36.27 ? 482 HOH A O   1 
HETATM 1286 O O   . HOH C 3 .   ? -14.934 4.959   15.244  1.00 39.03 ? 483 HOH A O   1 
HETATM 1287 O O   . HOH C 3 .   ? -17.700 2.832   6.465   1.00 38.26 ? 484 HOH A O   1 
HETATM 1288 O O   . HOH C 3 .   ? 15.956  -5.329  3.628   1.00 38.48 ? 485 HOH A O   1 
HETATM 1289 O O   . HOH C 3 .   ? 4.440   -9.978  10.823  1.00 40.22 ? 486 HOH A O   1 
HETATM 1290 O O   . HOH C 3 .   ? -3.016  -13.869 8.210   1.00 36.05 ? 487 HOH A O   1 
HETATM 1291 O O   . HOH C 3 .   ? -0.895  -5.266  15.228  1.00 37.66 ? 488 HOH A O   1 
HETATM 1292 O O   . HOH C 3 .   ? -7.833  1.856   15.862  1.00 34.74 ? 489 HOH A O   1 
HETATM 1293 O O   . HOH C 3 .   ? -12.402 2.168   2.950   1.00 44.85 ? 490 HOH A O   1 
HETATM 1294 O O   . HOH C 3 .   ? -12.449 -4.987  6.574   1.00 37.23 ? 491 HOH A O   1 
HETATM 1295 O O   . HOH C 3 .   ? -4.737  -10.144 6.359   1.00 46.52 ? 492 HOH A O   1 
HETATM 1296 O O   . HOH C 3 .   ? -9.441  2.538   -13.584 1.00 39.65 ? 493 HOH A O   1 
HETATM 1297 O O   . HOH C 3 .   ? -11.335 12.882  -1.229  1.00 38.48 ? 494 HOH A O   1 
HETATM 1298 O O   . HOH C 3 .   ? 6.819   -9.481  8.781   1.00 38.75 ? 495 HOH A O   1 
HETATM 1299 O O   . HOH C 3 .   ? -14.499 11.795  0.178   1.00 42.99 ? 496 HOH A O   1 
HETATM 1300 O O   . HOH C 3 .   ? 13.329  -16.707 5.425   1.00 38.74 ? 497 HOH A O   1 
HETATM 1301 O O   . HOH C 3 .   ? 11.023  -12.179 10.419  1.00 38.17 ? 498 HOH A O   1 
HETATM 1302 O O   . HOH C 3 .   ? -5.301  14.978  1.511   1.00 37.15 ? 499 HOH A O   1 
HETATM 1303 O O   . HOH C 3 .   ? 9.389   -0.498  19.989  1.00 38.24 ? 500 HOH A O   1 
HETATM 1304 O O   . HOH C 3 .   ? -12.544 11.192  -4.237  1.00 39.12 ? 501 HOH A O   1 
HETATM 1305 O O   . HOH C 3 .   ? 13.412  -1.837  13.557  1.00 33.47 ? 502 HOH A O   1 
HETATM 1306 O O   . HOH C 3 .   ? 6.671   9.543   12.446  1.00 43.85 ? 503 HOH A O   1 
HETATM 1307 O O   . HOH C 3 .   ? -13.613 3.013   -1.461  1.00 39.72 ? 504 HOH A O   1 
HETATM 1308 O O   . HOH C 3 .   ? -3.678  3.956   -20.349 1.00 35.91 ? 505 HOH A O   1 
HETATM 1309 O O   . HOH C 3 .   ? -8.849  3.525   -16.531 1.00 37.78 ? 506 HOH A O   1 
HETATM 1310 O O   . HOH C 3 .   ? -0.358  16.963  14.713  1.00 45.93 ? 507 HOH A O   1 
HETATM 1311 O O   . HOH C 3 .   ? -0.684  -6.256  -23.922 1.00 37.68 ? 508 HOH A O   1 
HETATM 1312 O O   . HOH C 3 .   ? -1.121  -8.008  -18.906 1.00 41.68 ? 509 HOH A O   1 
HETATM 1313 O O   . HOH C 3 .   ? -9.042  -12.179 -12.724 1.00 39.31 ? 510 HOH A O   1 
HETATM 1314 O O   . HOH C 3 .   ? -0.847  19.608  12.839  1.00 38.71 ? 511 HOH A O   1 
HETATM 1315 O O   . HOH C 3 .   ? -9.945  -11.981 -2.415  1.00 36.81 ? 512 HOH A O   1 
HETATM 1316 O O   . HOH C 3 .   ? 11.424  5.678   -15.039 1.00 37.22 ? 513 HOH A O   1 
HETATM 1317 O O   . HOH C 3 .   ? -7.107  18.711  5.751   1.00 37.97 ? 514 HOH A O   1 
HETATM 1318 O O   . HOH C 3 .   ? 1.250   -13.857 -21.453 1.00 37.76 ? 515 HOH A O   1 
HETATM 1319 O O   . HOH C 3 .   ? 5.060   -9.424  7.288   1.00 43.46 ? 516 HOH A O   1 
HETATM 1320 O O   . HOH C 3 .   ? -6.240  7.393   7.516   1.00 44.33 ? 517 HOH A O   1 
HETATM 1321 O O   . HOH C 3 .   ? 7.848   17.625  6.247   1.00 39.57 ? 518 HOH A O   1 
HETATM 1322 O O   . HOH C 3 .   ? -10.798 -2.273  -13.227 1.00 40.32 ? 519 HOH A O   1 
HETATM 1323 O O   . HOH C 3 .   ? 0.940   12.104  12.134  1.00 37.28 ? 520 HOH A O   1 
HETATM 1324 O O   . HOH C 3 .   ? -3.072  -2.787  -20.443 1.00 39.59 ? 521 HOH A O   1 
HETATM 1325 O O   . HOH C 3 .   ? -9.937  17.607  2.185   1.00 39.25 ? 522 HOH A O   1 
HETATM 1326 O O   . HOH C 3 .   ? -9.880  -1.010  -9.211  1.00 38.53 ? 523 HOH A O   1 
HETATM 1327 O O   . HOH C 3 .   ? -8.861  12.207  -1.215  1.00 45.37 ? 524 HOH A O   1 
HETATM 1328 O O   . HOH C 3 .   ? -13.261 2.483   14.929  1.00 37.51 ? 525 HOH A O   1 
HETATM 1329 O O   . HOH C 3 .   ? 15.066  -0.240  11.510  1.00 38.83 ? 526 HOH A O   1 
HETATM 1330 O O   . HOH C 3 .   ? -9.849  10.981  -8.533  1.00 38.99 ? 527 HOH A O   1 
HETATM 1331 O O   . HOH C 3 .   ? -7.815  9.173   18.686  1.00 39.07 ? 528 HOH A O   1 
HETATM 1332 O O   . HOH C 3 .   ? -3.249  6.156   19.523  1.00 39.92 ? 529 HOH A O   1 
HETATM 1333 O O   . HOH C 3 .   ? -9.149  -12.739 -7.953  1.00 38.64 ? 530 HOH A O   1 
HETATM 1334 O O   . HOH C 3 .   ? 12.659  -15.205 -4.278  1.00 39.86 ? 531 HOH A O   1 
HETATM 1335 O O   . HOH C 3 .   ? 4.620   19.757  11.062  1.00 42.98 ? 532 HOH A O   1 
HETATM 1336 O O   . HOH C 3 .   ? -0.939  -16.143 7.328   1.00 37.02 ? 533 HOH A O   1 
# 
